data_1FF1
#
_entry.id   1FF1
#
_cell.length_a   1.000
_cell.length_b   1.000
_cell.length_c   1.000
_cell.angle_alpha   90.00
_cell.angle_beta   90.00
_cell.angle_gamma   90.00
#
_symmetry.space_group_name_H-M   'P 1'
#
loop_
_entity.id
_entity.type
_entity.pdbx_description
1 polymer 'EPIDERMAL GROWTH FACTOR RECEPTOR SUBSTRATE 15'
2 polymer 'PTGSSSTNPFL PEPTIDE'
3 non-polymer 'CALCIUM ION'
#
loop_
_entity_poly.entity_id
_entity_poly.type
_entity_poly.pdbx_seq_one_letter_code
_entity_poly.pdbx_strand_id
1 'polypeptide(L)'
;PWAVKPEDKAKYDAIFDSLSPVNGFLSGDKVKPVLLNSKLPVDILGRVWELSDIDHDGMLDRDEFAVAMFLVYCALEKEP
VPMSLPPALVPPSKR
;
A
2 'polypeptide(L)' PTGSSSTNPFL B
#
loop_
_chem_comp.id
_chem_comp.type
_chem_comp.name
_chem_comp.formula
CA non-polymer 'CALCIUM ION' 'Ca 2'
#
# COMPACT_ATOMS: atom_id res chain seq x y z
N PRO A 1 6.96 11.51 -12.60
CA PRO A 1 6.44 11.97 -11.30
C PRO A 1 6.15 10.79 -10.38
N TRP A 2 5.54 11.04 -9.25
CA TRP A 2 5.23 9.92 -8.31
C TRP A 2 3.91 9.27 -8.70
N ALA A 3 3.93 7.99 -8.99
CA ALA A 3 2.68 7.30 -9.39
C ALA A 3 1.51 7.75 -8.51
N VAL A 4 1.79 8.17 -7.31
CA VAL A 4 0.69 8.63 -6.41
C VAL A 4 0.59 10.15 -6.47
N LYS A 5 -0.52 10.71 -6.06
CA LYS A 5 -0.66 12.19 -6.12
C LYS A 5 -0.85 12.77 -4.70
N PRO A 6 -0.95 14.07 -4.65
CA PRO A 6 -1.15 14.76 -3.36
C PRO A 6 -2.57 14.55 -2.84
N GLU A 7 -3.52 14.50 -3.74
CA GLU A 7 -4.93 14.29 -3.31
C GLU A 7 -5.19 12.80 -3.04
N ASP A 8 -4.43 11.95 -3.68
CA ASP A 8 -4.62 10.49 -3.46
C ASP A 8 -3.89 10.08 -2.18
N LYS A 9 -2.74 10.65 -1.96
CA LYS A 9 -1.98 10.33 -0.73
C LYS A 9 -2.71 10.93 0.47
N ALA A 10 -3.55 11.90 0.20
CA ALA A 10 -4.33 12.55 1.30
C ALA A 10 -5.37 11.56 1.81
N LYS A 11 -6.03 10.87 0.92
CA LYS A 11 -7.03 9.87 1.35
C LYS A 11 -6.28 8.63 1.86
N TYR A 12 -5.08 8.44 1.39
CA TYR A 12 -4.26 7.28 1.83
C TYR A 12 -3.80 7.54 3.27
N ASP A 13 -3.50 8.78 3.57
CA ASP A 13 -3.04 9.13 4.94
C ASP A 13 -4.21 9.12 5.92
N ALA A 14 -5.41 9.02 5.41
CA ALA A 14 -6.59 8.97 6.32
C ALA A 14 -6.87 7.51 6.62
N ILE A 15 -6.62 6.68 5.65
CA ILE A 15 -6.82 5.23 5.85
C ILE A 15 -5.64 4.70 6.65
N PHE A 16 -4.48 5.25 6.40
CA PHE A 16 -3.27 4.83 7.15
C PHE A 16 -3.39 5.29 8.61
N ASP A 17 -3.90 6.47 8.80
CA ASP A 17 -4.06 7.01 10.19
C ASP A 17 -5.41 6.56 10.77
N SER A 18 -6.16 5.80 10.03
CA SER A 18 -7.47 5.31 10.56
C SER A 18 -7.25 3.98 11.27
N LEU A 19 -6.06 3.46 11.18
CA LEU A 19 -5.74 2.17 11.83
C LEU A 19 -4.85 2.42 13.05
N SER A 20 -4.38 3.64 13.19
CA SER A 20 -3.47 4.01 14.33
C SER A 20 -2.03 3.67 13.98
N PRO A 21 -1.36 4.64 13.41
CA PRO A 21 0.06 4.45 13.00
C PRO A 21 0.98 4.43 14.21
N VAL A 22 2.11 3.77 14.08
CA VAL A 22 3.07 3.71 15.20
C VAL A 22 4.40 4.29 14.75
N ASN A 23 4.81 5.40 15.32
CA ASN A 23 6.09 6.02 14.90
C ASN A 23 6.12 6.21 13.38
N GLY A 24 4.97 6.18 12.76
CA GLY A 24 4.91 6.38 11.28
C GLY A 24 4.85 5.01 10.58
N PHE A 25 4.13 4.06 11.12
CA PHE A 25 4.07 2.72 10.45
C PHE A 25 2.76 2.00 10.71
N LEU A 26 2.32 1.24 9.75
CA LEU A 26 1.08 0.44 9.93
C LEU A 26 1.45 -1.03 9.78
N SER A 27 0.93 -1.87 10.59
CA SER A 27 1.29 -3.30 10.47
C SER A 27 0.32 -4.00 9.53
N GLY A 28 0.80 -4.95 8.77
CA GLY A 28 -0.11 -5.68 7.83
C GLY A 28 -1.44 -5.93 8.53
N ASP A 29 -1.43 -6.02 9.83
CA ASP A 29 -2.69 -6.26 10.58
C ASP A 29 -3.66 -5.09 10.35
N LYS A 30 -3.16 -3.92 10.07
CA LYS A 30 -4.06 -2.77 9.83
C LYS A 30 -4.26 -2.62 8.32
N VAL A 31 -3.25 -2.95 7.56
CA VAL A 31 -3.37 -2.83 6.09
C VAL A 31 -4.13 -4.04 5.53
N LYS A 32 -3.73 -5.23 5.90
CA LYS A 32 -4.42 -6.45 5.40
C LYS A 32 -5.94 -6.24 5.33
N PRO A 33 -6.53 -5.83 6.41
CA PRO A 33 -7.99 -5.58 6.42
C PRO A 33 -8.31 -4.40 5.50
N VAL A 34 -7.44 -3.43 5.47
CA VAL A 34 -7.66 -2.26 4.57
C VAL A 34 -7.62 -2.74 3.12
N LEU A 35 -6.84 -3.74 2.83
CA LEU A 35 -6.76 -4.26 1.43
C LEU A 35 -7.86 -5.30 1.21
N LEU A 36 -8.30 -5.93 2.26
CA LEU A 36 -9.39 -6.93 2.11
C LEU A 36 -10.73 -6.22 1.94
N ASN A 37 -10.74 -4.94 2.19
CA ASN A 37 -12.02 -4.19 2.05
C ASN A 37 -12.20 -3.73 0.60
N SER A 38 -11.20 -3.89 -0.21
CA SER A 38 -11.30 -3.47 -1.63
C SER A 38 -12.03 -4.55 -2.44
N LYS A 39 -12.54 -5.55 -1.79
CA LYS A 39 -13.25 -6.64 -2.52
C LYS A 39 -12.26 -7.40 -3.40
N LEU A 40 -10.98 -7.15 -3.22
CA LEU A 40 -9.96 -7.85 -4.04
C LEU A 40 -9.45 -9.09 -3.31
N PRO A 41 -9.01 -10.05 -4.07
CA PRO A 41 -8.50 -11.31 -3.49
C PRO A 41 -7.11 -11.08 -2.86
N VAL A 42 -6.64 -12.03 -2.11
CA VAL A 42 -5.30 -11.92 -1.47
C VAL A 42 -4.22 -11.88 -2.54
N ASP A 43 -4.59 -12.15 -3.76
CA ASP A 43 -3.58 -12.12 -4.84
C ASP A 43 -3.29 -10.67 -5.20
N ILE A 44 -4.26 -9.81 -5.05
CA ILE A 44 -4.03 -8.38 -5.35
C ILE A 44 -3.37 -7.72 -4.14
N LEU A 45 -3.83 -8.09 -2.98
CA LEU A 45 -3.26 -7.53 -1.73
C LEU A 45 -1.88 -8.13 -1.51
N GLY A 46 -1.68 -9.34 -1.95
CA GLY A 46 -0.35 -9.98 -1.78
C GLY A 46 0.63 -9.26 -2.70
N ARG A 47 0.11 -8.67 -3.75
CA ARG A 47 0.97 -7.94 -4.70
C ARG A 47 0.88 -6.44 -4.43
N VAL A 48 -0.25 -5.96 -3.97
CA VAL A 48 -0.36 -4.51 -3.69
C VAL A 48 0.45 -4.21 -2.44
N TRP A 49 0.49 -5.13 -1.51
CA TRP A 49 1.27 -4.90 -0.28
C TRP A 49 2.76 -5.00 -0.59
N GLU A 50 3.19 -6.07 -1.21
CA GLU A 50 4.65 -6.21 -1.50
C GLU A 50 5.17 -4.95 -2.20
N LEU A 51 4.61 -4.61 -3.32
CA LEU A 51 5.07 -3.38 -4.02
C LEU A 51 4.84 -2.17 -3.11
N SER A 52 4.04 -2.36 -2.08
CA SER A 52 3.77 -1.23 -1.13
C SER A 52 4.74 -1.31 0.05
N ASP A 53 5.14 -2.50 0.42
CA ASP A 53 6.09 -2.66 1.56
C ASP A 53 7.49 -2.20 1.16
N ILE A 54 7.77 -0.94 1.29
CA ILE A 54 9.12 -0.44 0.92
C ILE A 54 10.18 -1.04 1.84
N ASP A 55 9.84 -1.32 3.07
CA ASP A 55 10.82 -1.90 4.01
C ASP A 55 10.63 -3.42 4.10
N HIS A 56 9.51 -3.91 3.65
CA HIS A 56 9.26 -5.38 3.69
C HIS A 56 9.40 -5.90 5.12
N ASP A 57 8.79 -5.26 6.08
CA ASP A 57 8.91 -5.74 7.48
C ASP A 57 7.52 -6.02 8.05
N GLY A 58 6.58 -6.33 7.20
CA GLY A 58 5.20 -6.60 7.70
C GLY A 58 4.54 -5.29 8.14
N MET A 59 4.88 -4.20 7.50
CA MET A 59 4.26 -2.89 7.90
C MET A 59 4.17 -1.94 6.71
N LEU A 60 3.34 -0.93 6.82
CA LEU A 60 3.21 0.05 5.71
C LEU A 60 3.18 1.48 6.28
N ASP A 61 4.27 2.18 6.24
CA ASP A 61 4.26 3.57 6.79
C ASP A 61 3.47 4.50 5.88
N ARG A 62 3.17 5.69 6.35
CA ARG A 62 2.38 6.65 5.52
C ARG A 62 2.77 6.57 4.04
N ASP A 63 4.04 6.56 3.75
CA ASP A 63 4.49 6.50 2.33
C ASP A 63 4.28 5.10 1.76
N GLU A 64 4.47 4.09 2.57
CA GLU A 64 4.28 2.70 2.06
C GLU A 64 2.79 2.40 1.95
N PHE A 65 2.04 2.81 2.92
CA PHE A 65 0.57 2.57 2.87
C PHE A 65 -0.03 3.37 1.72
N ALA A 66 0.66 4.38 1.27
CA ALA A 66 0.11 5.19 0.14
C ALA A 66 0.27 4.42 -1.16
N VAL A 67 1.43 3.86 -1.39
CA VAL A 67 1.67 3.08 -2.63
C VAL A 67 0.68 1.92 -2.72
N ALA A 68 0.24 1.43 -1.58
CA ALA A 68 -0.71 0.28 -1.58
C ALA A 68 -2.16 0.77 -1.61
N MET A 69 -2.39 2.06 -1.54
CA MET A 69 -3.77 2.58 -1.56
C MET A 69 -4.26 2.72 -3.00
N PHE A 70 -3.48 3.33 -3.84
CA PHE A 70 -3.91 3.47 -5.25
C PHE A 70 -3.78 2.10 -5.91
N LEU A 71 -2.84 1.32 -5.45
CA LEU A 71 -2.67 -0.05 -6.02
C LEU A 71 -3.93 -0.85 -5.71
N VAL A 72 -4.65 -0.46 -4.69
CA VAL A 72 -5.91 -1.17 -4.33
C VAL A 72 -7.08 -0.51 -5.05
N TYR A 73 -7.16 0.79 -4.99
CA TYR A 73 -8.28 1.50 -5.65
C TYR A 73 -8.15 1.40 -7.18
N CYS A 74 -6.96 1.33 -7.68
CA CYS A 74 -6.79 1.22 -9.16
C CYS A 74 -6.93 -0.24 -9.59
N ALA A 75 -6.94 -1.15 -8.66
CA ALA A 75 -7.10 -2.57 -9.04
C ALA A 75 -8.58 -2.89 -9.18
N LEU A 76 -9.42 -2.02 -8.69
CA LEU A 76 -10.88 -2.23 -8.78
C LEU A 76 -11.45 -1.58 -10.03
N GLU A 77 -11.15 -0.33 -10.25
CA GLU A 77 -11.71 0.37 -11.44
C GLU A 77 -10.62 0.78 -12.43
N LYS A 78 -9.45 0.22 -12.36
CA LYS A 78 -8.39 0.64 -13.31
C LYS A 78 -7.78 -0.56 -14.05
N GLU A 79 -6.92 -1.30 -13.41
CA GLU A 79 -6.29 -2.46 -14.10
C GLU A 79 -5.75 -3.47 -13.10
N PRO A 80 -5.15 -4.52 -13.60
CA PRO A 80 -4.58 -5.57 -12.74
C PRO A 80 -3.32 -5.07 -12.02
N VAL A 81 -2.81 -5.81 -11.08
CA VAL A 81 -1.59 -5.36 -10.36
C VAL A 81 -0.43 -6.33 -10.60
N PRO A 82 0.67 -5.79 -11.05
CA PRO A 82 1.87 -6.61 -11.32
C PRO A 82 2.69 -6.76 -10.03
N MET A 83 3.81 -7.42 -10.11
CA MET A 83 4.65 -7.59 -8.89
C MET A 83 5.94 -6.79 -9.02
N SER A 84 6.00 -5.87 -9.92
CA SER A 84 7.26 -5.11 -10.10
C SER A 84 7.15 -3.69 -9.58
N LEU A 85 7.73 -3.44 -8.45
CA LEU A 85 7.69 -2.06 -7.88
C LEU A 85 8.23 -1.07 -8.93
N PRO A 86 7.32 -0.32 -9.49
CA PRO A 86 7.72 0.67 -10.53
C PRO A 86 8.58 1.79 -9.92
N PRO A 87 9.54 2.22 -10.68
CA PRO A 87 10.48 3.29 -10.23
C PRO A 87 9.78 4.65 -10.14
N ALA A 88 8.57 4.73 -10.63
CA ALA A 88 7.83 6.02 -10.57
C ALA A 88 6.89 5.98 -9.37
N LEU A 89 7.22 5.17 -8.40
CA LEU A 89 6.34 5.05 -7.21
C LEU A 89 7.17 4.63 -6.00
N VAL A 90 8.46 4.83 -6.06
CA VAL A 90 9.32 4.45 -4.90
C VAL A 90 10.02 5.69 -4.33
N PRO A 91 9.95 5.80 -3.02
CA PRO A 91 10.58 6.96 -2.33
C PRO A 91 12.11 6.84 -2.39
N PRO A 92 12.75 7.97 -2.45
CA PRO A 92 14.24 8.00 -2.52
C PRO A 92 14.84 7.61 -1.18
N SER A 93 14.02 7.34 -0.20
CA SER A 93 14.57 6.94 1.13
C SER A 93 14.96 5.47 1.10
N LYS A 94 14.47 4.73 0.14
CA LYS A 94 14.83 3.29 0.05
C LYS A 94 16.09 3.12 -0.81
N ARG A 95 16.62 4.22 -1.30
CA ARG A 95 17.85 4.13 -2.15
C ARG A 95 18.57 5.48 -2.18
N SER B 6 7.85 -13.38 7.11
CA SER B 6 7.09 -12.34 7.87
C SER B 6 7.19 -10.99 7.15
N THR B 7 6.19 -10.62 6.41
CA THR B 7 6.23 -9.31 5.68
C THR B 7 4.95 -9.12 4.86
N ASN B 8 4.36 -10.18 4.39
CA ASN B 8 3.11 -10.03 3.58
C ASN B 8 1.95 -10.79 4.23
N PRO B 9 0.92 -10.05 4.55
CA PRO B 9 -0.28 -10.66 5.19
C PRO B 9 -1.14 -11.41 4.16
N PHE B 10 -0.68 -11.53 2.94
CA PHE B 10 -1.49 -12.25 1.91
C PHE B 10 -0.64 -13.32 1.22
N LEU B 11 0.43 -13.74 1.85
CA LEU B 11 1.30 -14.78 1.23
C LEU B 11 1.43 -15.99 2.17
CA CA C . 7.47 -1.30 5.51
N PRO A 1 8.31 12.49 -10.69
CA PRO A 1 7.28 12.69 -9.63
C PRO A 1 6.87 11.34 -9.02
N TRP A 2 6.12 11.38 -7.96
CA TRP A 2 5.66 10.11 -7.32
C TRP A 2 4.30 9.71 -7.88
N ALA A 3 4.16 8.50 -8.33
CA ALA A 3 2.85 8.05 -8.89
C ALA A 3 1.70 8.57 -8.02
N VAL A 4 1.92 8.68 -6.75
CA VAL A 4 0.84 9.18 -5.85
C VAL A 4 0.94 10.70 -5.71
N LYS A 5 -0.17 11.37 -5.76
CA LYS A 5 -0.13 12.86 -5.64
C LYS A 5 -0.43 13.27 -4.20
N PRO A 6 -0.41 14.54 -3.95
CA PRO A 6 -0.69 15.06 -2.59
C PRO A 6 -2.16 14.85 -2.23
N GLU A 7 -3.04 14.97 -3.18
CA GLU A 7 -4.49 14.77 -2.89
C GLU A 7 -4.79 13.28 -2.74
N ASP A 8 -4.02 12.45 -3.40
CA ASP A 8 -4.24 10.98 -3.28
C ASP A 8 -3.55 10.48 -2.02
N LYS A 9 -2.42 11.04 -1.70
CA LYS A 9 -1.71 10.62 -0.46
C LYS A 9 -2.43 11.20 0.75
N ALA A 10 -3.29 12.16 0.52
CA ALA A 10 -4.04 12.77 1.66
C ALA A 10 -5.17 11.84 2.06
N LYS A 11 -5.83 11.24 1.11
CA LYS A 11 -6.93 10.30 1.43
C LYS A 11 -6.30 9.00 1.96
N TYR A 12 -5.07 8.76 1.60
CA TYR A 12 -4.37 7.54 2.09
C TYR A 12 -3.99 7.76 3.55
N ASP A 13 -3.67 8.96 3.91
CA ASP A 13 -3.29 9.26 5.32
C ASP A 13 -4.52 9.23 6.21
N ALA A 14 -5.69 9.19 5.62
CA ALA A 14 -6.93 9.13 6.44
C ALA A 14 -7.27 7.67 6.64
N ILE A 15 -6.89 6.87 5.70
CA ILE A 15 -7.12 5.42 5.79
C ILE A 15 -5.97 4.81 6.58
N PHE A 16 -4.80 5.36 6.43
CA PHE A 16 -3.61 4.86 7.18
C PHE A 16 -3.76 5.27 8.65
N ASP A 17 -4.34 6.41 8.89
CA ASP A 17 -4.52 6.88 10.29
C ASP A 17 -5.85 6.37 10.85
N SER A 18 -6.64 5.74 10.01
CA SER A 18 -7.95 5.19 10.50
C SER A 18 -7.69 3.84 11.15
N LEU A 19 -6.49 3.34 11.02
CA LEU A 19 -6.12 2.03 11.62
C LEU A 19 -5.27 2.27 12.87
N SER A 20 -4.77 3.47 13.00
CA SER A 20 -3.90 3.83 14.18
C SER A 20 -2.45 3.45 13.89
N PRO A 21 -1.72 4.40 13.38
CA PRO A 21 -0.30 4.20 13.04
C PRO A 21 0.59 4.29 14.27
N VAL A 22 1.75 3.72 14.22
CA VAL A 22 2.69 3.78 15.36
C VAL A 22 4.01 4.34 14.87
N ASN A 23 4.35 5.54 15.25
CA ASN A 23 5.63 6.14 14.78
C ASN A 23 5.54 6.37 13.27
N GLY A 24 4.34 6.31 12.73
CA GLY A 24 4.17 6.52 11.27
C GLY A 24 4.22 5.17 10.54
N PHE A 25 3.68 4.14 11.15
CA PHE A 25 3.70 2.80 10.48
C PHE A 25 2.40 2.03 10.70
N LEU A 26 2.01 1.26 9.73
CA LEU A 26 0.79 0.42 9.89
C LEU A 26 1.22 -1.03 9.78
N SER A 27 0.72 -1.87 10.62
CA SER A 27 1.12 -3.29 10.54
C SER A 27 0.23 -4.03 9.56
N GLY A 28 0.78 -4.99 8.86
CA GLY A 28 -0.06 -5.76 7.89
C GLY A 28 -1.40 -6.08 8.55
N ASP A 29 -1.43 -6.13 9.85
CA ASP A 29 -2.71 -6.43 10.57
C ASP A 29 -3.70 -5.29 10.39
N LYS A 30 -3.22 -4.12 10.06
CA LYS A 30 -4.14 -2.97 9.86
C LYS A 30 -4.37 -2.79 8.37
N VAL A 31 -3.35 -3.02 7.60
CA VAL A 31 -3.46 -2.89 6.12
C VAL A 31 -4.22 -4.09 5.56
N LYS A 32 -3.86 -5.28 5.97
CA LYS A 32 -4.54 -6.51 5.45
C LYS A 32 -6.05 -6.27 5.29
N PRO A 33 -6.69 -5.83 6.35
CA PRO A 33 -8.14 -5.57 6.29
C PRO A 33 -8.41 -4.38 5.38
N VAL A 34 -7.54 -3.41 5.40
CA VAL A 34 -7.72 -2.23 4.51
C VAL A 34 -7.68 -2.71 3.05
N LEU A 35 -6.90 -3.70 2.77
CA LEU A 35 -6.83 -4.23 1.38
C LEU A 35 -7.92 -5.27 1.17
N LEU A 36 -8.34 -5.90 2.23
CA LEU A 36 -9.42 -6.93 2.10
C LEU A 36 -10.75 -6.21 1.91
N ASN A 37 -10.79 -4.95 2.24
CA ASN A 37 -12.05 -4.19 2.09
C ASN A 37 -12.17 -3.65 0.66
N SER A 38 -11.14 -3.80 -0.12
CA SER A 38 -11.18 -3.31 -1.53
C SER A 38 -11.88 -4.34 -2.42
N LYS A 39 -12.51 -5.32 -1.84
CA LYS A 39 -13.21 -6.35 -2.66
C LYS A 39 -12.20 -7.14 -3.48
N LEU A 40 -10.94 -7.04 -3.15
CA LEU A 40 -9.91 -7.78 -3.92
C LEU A 40 -9.48 -9.05 -3.18
N PRO A 41 -9.03 -10.01 -3.93
CA PRO A 41 -8.57 -11.28 -3.35
C PRO A 41 -7.19 -11.09 -2.70
N VAL A 42 -6.74 -12.07 -1.97
CA VAL A 42 -5.41 -11.98 -1.31
C VAL A 42 -4.30 -12.03 -2.38
N ASP A 43 -4.67 -12.26 -3.61
CA ASP A 43 -3.65 -12.30 -4.68
C ASP A 43 -3.28 -10.88 -5.08
N ILE A 44 -4.22 -9.97 -4.99
CA ILE A 44 -3.91 -8.56 -5.34
C ILE A 44 -3.25 -7.89 -4.14
N LEU A 45 -3.75 -8.20 -2.97
CA LEU A 45 -3.16 -7.61 -1.74
C LEU A 45 -1.78 -8.21 -1.51
N GLY A 46 -1.57 -9.41 -1.96
CA GLY A 46 -0.23 -10.04 -1.77
C GLY A 46 0.74 -9.34 -2.70
N ARG A 47 0.22 -8.77 -3.74
CA ARG A 47 1.08 -8.05 -4.72
C ARG A 47 0.99 -6.54 -4.48
N VAL A 48 -0.14 -6.06 -4.04
CA VAL A 48 -0.26 -4.60 -3.80
C VAL A 48 0.54 -4.26 -2.55
N TRP A 49 0.53 -5.13 -1.59
CA TRP A 49 1.30 -4.87 -0.35
C TRP A 49 2.81 -4.91 -0.64
N GLU A 50 3.26 -5.95 -1.30
CA GLU A 50 4.73 -6.04 -1.57
C GLU A 50 5.22 -4.76 -2.23
N LEU A 51 4.66 -4.40 -3.34
CA LEU A 51 5.09 -3.15 -4.01
C LEU A 51 4.83 -1.96 -3.07
N SER A 52 4.04 -2.18 -2.05
CA SER A 52 3.76 -1.10 -1.07
C SER A 52 4.76 -1.18 0.08
N ASP A 53 5.11 -2.37 0.51
CA ASP A 53 6.08 -2.52 1.63
C ASP A 53 7.48 -2.11 1.15
N ILE A 54 7.79 -0.85 1.21
CA ILE A 54 9.13 -0.39 0.76
C ILE A 54 10.24 -1.02 1.60
N ASP A 55 9.96 -1.37 2.83
CA ASP A 55 11.03 -1.98 3.68
C ASP A 55 10.76 -3.46 3.92
N HIS A 56 9.58 -3.93 3.61
CA HIS A 56 9.27 -5.37 3.81
C HIS A 56 9.35 -5.73 5.30
N ASP A 57 8.79 -4.92 6.16
CA ASP A 57 8.84 -5.25 7.62
C ASP A 57 7.43 -5.59 8.12
N GLY A 58 6.60 -6.12 7.28
CA GLY A 58 5.22 -6.46 7.70
C GLY A 58 4.51 -5.19 8.15
N MET A 59 4.81 -4.08 7.54
CA MET A 59 4.15 -2.80 7.95
C MET A 59 4.03 -1.83 6.77
N LEU A 60 3.16 -0.87 6.87
CA LEU A 60 3.01 0.13 5.77
C LEU A 60 3.12 1.55 6.35
N ASP A 61 4.22 2.20 6.15
CA ASP A 61 4.37 3.59 6.70
C ASP A 61 3.44 4.56 5.95
N ARG A 62 3.28 5.74 6.48
CA ARG A 62 2.38 6.74 5.82
C ARG A 62 2.65 6.79 4.31
N ASP A 63 3.89 6.74 3.91
CA ASP A 63 4.22 6.78 2.46
C ASP A 63 4.09 5.37 1.89
N GLU A 64 4.25 4.38 2.72
CA GLU A 64 4.13 2.99 2.25
C GLU A 64 2.67 2.64 2.08
N PHE A 65 1.86 2.99 3.05
CA PHE A 65 0.41 2.70 2.95
C PHE A 65 -0.18 3.50 1.79
N ALA A 66 0.54 4.48 1.33
CA ALA A 66 0.03 5.29 0.18
C ALA A 66 0.21 4.52 -1.11
N VAL A 67 1.36 3.96 -1.31
CA VAL A 67 1.60 3.17 -2.54
C VAL A 67 0.62 2.00 -2.61
N ALA A 68 0.13 1.57 -1.47
CA ALA A 68 -0.83 0.42 -1.46
C ALA A 68 -2.27 0.91 -1.58
N MET A 69 -2.49 2.20 -1.55
CA MET A 69 -3.88 2.72 -1.67
C MET A 69 -4.28 2.84 -3.14
N PHE A 70 -3.44 3.44 -3.93
CA PHE A 70 -3.77 3.56 -5.36
C PHE A 70 -3.55 2.21 -6.03
N LEU A 71 -2.74 1.38 -5.42
CA LEU A 71 -2.49 0.03 -5.97
C LEU A 71 -3.73 -0.83 -5.72
N VAL A 72 -4.50 -0.46 -4.73
CA VAL A 72 -5.74 -1.21 -4.42
C VAL A 72 -6.91 -0.61 -5.18
N TYR A 73 -7.20 0.64 -4.94
CA TYR A 73 -8.33 1.30 -5.64
C TYR A 73 -8.21 1.11 -7.15
N CYS A 74 -7.04 0.78 -7.63
CA CYS A 74 -6.87 0.59 -9.09
C CYS A 74 -7.24 -0.84 -9.49
N ALA A 75 -7.30 -1.74 -8.53
CA ALA A 75 -7.67 -3.14 -8.86
C ALA A 75 -9.20 -3.28 -8.81
N LEU A 76 -9.86 -2.30 -8.27
CA LEU A 76 -11.35 -2.36 -8.20
C LEU A 76 -11.95 -1.73 -9.44
N GLU A 77 -11.38 -0.64 -9.88
CA GLU A 77 -11.89 0.03 -11.10
C GLU A 77 -11.54 -0.80 -12.33
N LYS A 78 -10.29 -1.14 -12.49
CA LYS A 78 -9.89 -1.96 -13.67
C LYS A 78 -8.37 -2.19 -13.70
N GLU A 79 -7.61 -1.32 -13.12
CA GLU A 79 -6.13 -1.48 -13.15
C GLU A 79 -5.67 -2.68 -12.28
N PRO A 80 -5.12 -3.66 -12.93
CA PRO A 80 -4.62 -4.85 -12.20
C PRO A 80 -3.34 -4.48 -11.46
N VAL A 81 -2.74 -5.40 -10.75
CA VAL A 81 -1.50 -5.05 -10.01
C VAL A 81 -0.33 -5.97 -10.41
N PRO A 82 0.75 -5.37 -10.83
CA PRO A 82 1.94 -6.14 -11.24
C PRO A 82 2.81 -6.39 -9.99
N MET A 83 3.94 -7.00 -10.15
CA MET A 83 4.81 -7.26 -8.96
C MET A 83 6.11 -6.47 -9.05
N SER A 84 6.17 -5.49 -9.91
CA SER A 84 7.45 -4.75 -10.03
C SER A 84 7.32 -3.31 -9.55
N LEU A 85 7.77 -3.04 -8.37
CA LEU A 85 7.71 -1.66 -7.85
C LEU A 85 8.40 -0.71 -8.83
N PRO A 86 7.60 0.07 -9.51
CA PRO A 86 8.15 1.04 -10.50
C PRO A 86 8.97 2.12 -9.80
N PRO A 87 9.82 2.74 -10.56
CA PRO A 87 10.71 3.80 -10.02
C PRO A 87 9.91 5.09 -9.74
N ALA A 88 8.74 5.21 -10.29
CA ALA A 88 7.93 6.43 -10.04
C ALA A 88 7.09 6.24 -8.78
N LEU A 89 7.22 5.11 -8.13
CA LEU A 89 6.42 4.85 -6.90
C LEU A 89 7.33 4.89 -5.67
N VAL A 90 8.61 5.03 -5.86
CA VAL A 90 9.55 5.06 -4.70
C VAL A 90 9.81 6.50 -4.24
N PRO A 91 9.26 6.83 -3.10
CA PRO A 91 9.44 8.19 -2.54
C PRO A 91 10.82 8.32 -1.91
N PRO A 92 11.13 9.50 -1.45
CA PRO A 92 12.44 9.74 -0.81
C PRO A 92 12.51 9.06 0.55
N SER A 93 11.41 8.54 1.01
CA SER A 93 11.41 7.84 2.34
C SER A 93 12.19 6.54 2.22
N LYS A 94 12.42 6.08 1.03
CA LYS A 94 13.19 4.82 0.85
C LYS A 94 14.69 5.15 0.75
N ARG A 95 15.03 6.41 0.85
CA ARG A 95 16.47 6.80 0.77
C ARG A 95 17.04 6.97 2.19
N SER B 6 7.76 -14.11 0.92
CA SER B 6 6.54 -14.41 1.72
C SER B 6 6.52 -13.56 3.00
N THR B 7 6.53 -12.26 2.85
CA THR B 7 6.50 -11.37 4.04
C THR B 7 5.16 -10.67 4.16
N ASN B 8 4.50 -10.45 3.05
CA ASN B 8 3.18 -9.76 3.10
C ASN B 8 2.15 -10.62 3.83
N PRO B 9 1.09 -9.97 4.25
CA PRO B 9 0.01 -10.67 4.99
C PRO B 9 -0.91 -11.44 4.02
N PHE B 10 -0.52 -11.57 2.78
CA PHE B 10 -1.37 -12.31 1.81
C PHE B 10 -0.54 -13.32 1.02
N LEU B 11 0.34 -14.03 1.69
CA LEU B 11 1.18 -15.03 0.99
C LEU B 11 2.04 -15.82 1.99
CA CA C . 6.96 -0.89 5.76
N PRO A 1 7.41 12.61 -10.96
CA PRO A 1 6.81 12.86 -9.63
C PRO A 1 6.36 11.54 -8.99
N TRP A 2 5.67 11.61 -7.88
CA TRP A 2 5.22 10.36 -7.21
C TRP A 2 3.88 9.90 -7.79
N ALA A 3 3.78 8.68 -8.22
CA ALA A 3 2.50 8.20 -8.81
C ALA A 3 1.32 8.66 -7.95
N VAL A 4 1.53 8.82 -6.68
CA VAL A 4 0.42 9.26 -5.78
C VAL A 4 0.41 10.78 -5.67
N LYS A 5 -0.75 11.38 -5.71
CA LYS A 5 -0.84 12.86 -5.62
C LYS A 5 -1.11 13.27 -4.16
N PRO A 6 -1.10 14.55 -3.92
CA PRO A 6 -1.35 15.07 -2.55
C PRO A 6 -2.79 14.78 -2.14
N GLU A 7 -3.68 14.78 -3.09
CA GLU A 7 -5.11 14.48 -2.78
C GLU A 7 -5.29 12.98 -2.55
N ASP A 8 -4.53 12.18 -3.25
CA ASP A 8 -4.64 10.71 -3.08
C ASP A 8 -3.88 10.31 -1.81
N LYS A 9 -2.74 10.92 -1.60
CA LYS A 9 -1.96 10.61 -0.39
C LYS A 9 -2.69 11.17 0.84
N ALA A 10 -3.60 12.07 0.62
CA ALA A 10 -4.37 12.64 1.76
C ALA A 10 -5.36 11.59 2.25
N LYS A 11 -5.99 10.90 1.36
CA LYS A 11 -6.94 9.84 1.78
C LYS A 11 -6.13 8.61 2.19
N TYR A 12 -4.91 8.52 1.72
CA TYR A 12 -4.03 7.38 2.09
C TYR A 12 -3.49 7.61 3.50
N ASP A 13 -3.25 8.85 3.83
CA ASP A 13 -2.72 9.18 5.18
C ASP A 13 -3.85 9.18 6.22
N ALA A 14 -5.07 9.15 5.76
CA ALA A 14 -6.21 9.11 6.73
C ALA A 14 -6.58 7.66 6.91
N ILE A 15 -6.42 6.88 5.88
CA ILE A 15 -6.71 5.44 5.96
C ILE A 15 -5.53 4.79 6.69
N PHE A 16 -4.37 5.35 6.52
CA PHE A 16 -3.15 4.81 7.19
C PHE A 16 -3.23 5.11 8.69
N ASP A 17 -3.73 6.26 9.04
CA ASP A 17 -3.86 6.62 10.48
C ASP A 17 -5.22 6.18 11.02
N SER A 18 -6.07 5.68 10.16
CA SER A 18 -7.41 5.24 10.61
C SER A 18 -7.27 3.86 11.27
N LEU A 19 -6.13 3.25 11.10
CA LEU A 19 -5.89 1.93 11.71
C LEU A 19 -5.13 2.12 13.01
N SER A 20 -3.99 2.78 12.91
CA SER A 20 -3.09 3.05 14.09
C SER A 20 -1.63 2.93 13.66
N PRO A 21 -1.06 4.06 13.36
CA PRO A 21 0.36 4.09 12.92
C PRO A 21 1.30 3.86 14.08
N VAL A 22 2.42 3.24 13.83
CA VAL A 22 3.41 2.98 14.91
C VAL A 22 4.71 3.70 14.58
N ASN A 23 4.93 4.85 15.17
CA ASN A 23 6.18 5.61 14.88
C ASN A 23 6.26 5.86 13.37
N GLY A 24 5.17 5.73 12.67
CA GLY A 24 5.18 5.97 11.20
C GLY A 24 5.09 4.62 10.46
N PHE A 25 4.40 3.67 11.03
CA PHE A 25 4.30 2.34 10.35
C PHE A 25 2.98 1.63 10.66
N LEU A 26 2.44 0.97 9.69
CA LEU A 26 1.18 0.20 9.91
C LEU A 26 1.51 -1.28 9.82
N SER A 27 0.93 -2.10 10.63
CA SER A 27 1.25 -3.55 10.54
C SER A 27 0.31 -4.23 9.57
N GLY A 28 0.79 -5.24 8.89
CA GLY A 28 -0.07 -5.96 7.91
C GLY A 28 -1.45 -6.16 8.54
N ASP A 29 -1.51 -6.23 9.84
CA ASP A 29 -2.83 -6.42 10.53
C ASP A 29 -3.71 -5.19 10.32
N LYS A 30 -3.12 -4.04 10.10
CA LYS A 30 -3.93 -2.82 9.87
C LYS A 30 -4.12 -2.64 8.37
N VAL A 31 -3.13 -3.03 7.61
CA VAL A 31 -3.23 -2.90 6.13
C VAL A 31 -4.03 -4.07 5.54
N LYS A 32 -3.70 -5.27 5.94
CA LYS A 32 -4.42 -6.46 5.41
C LYS A 32 -5.92 -6.17 5.27
N PRO A 33 -6.53 -5.73 6.34
CA PRO A 33 -7.98 -5.40 6.28
C PRO A 33 -8.20 -4.20 5.37
N VAL A 34 -7.28 -3.28 5.36
CA VAL A 34 -7.41 -2.09 4.48
C VAL A 34 -7.43 -2.56 3.01
N LEU A 35 -6.83 -3.67 2.73
CA LEU A 35 -6.82 -4.19 1.33
C LEU A 35 -7.96 -5.19 1.13
N LEU A 36 -8.35 -5.86 2.18
CA LEU A 36 -9.46 -6.84 2.06
C LEU A 36 -10.77 -6.09 1.86
N ASN A 37 -10.76 -4.81 2.13
CA ASN A 37 -11.99 -4.02 1.96
C ASN A 37 -12.15 -3.60 0.50
N SER A 38 -11.13 -3.80 -0.29
CA SER A 38 -11.21 -3.41 -1.73
C SER A 38 -11.91 -4.51 -2.52
N LYS A 39 -12.45 -5.50 -1.84
CA LYS A 39 -13.15 -6.60 -2.55
C LYS A 39 -12.19 -7.37 -3.45
N LEU A 40 -10.90 -7.14 -3.30
CA LEU A 40 -9.91 -7.86 -4.13
C LEU A 40 -9.52 -9.18 -3.47
N PRO A 41 -9.06 -10.10 -4.27
CA PRO A 41 -8.63 -11.41 -3.74
C PRO A 41 -7.29 -11.24 -3.01
N VAL A 42 -6.89 -12.22 -2.26
CA VAL A 42 -5.60 -12.14 -1.52
C VAL A 42 -4.45 -12.13 -2.53
N ASP A 43 -4.73 -12.34 -3.78
CA ASP A 43 -3.65 -12.33 -4.79
C ASP A 43 -3.27 -10.88 -5.11
N ILE A 44 -4.22 -9.99 -5.05
CA ILE A 44 -3.88 -8.56 -5.33
C ILE A 44 -3.32 -7.95 -4.07
N LEU A 45 -3.91 -8.26 -2.96
CA LEU A 45 -3.43 -7.72 -1.67
C LEU A 45 -2.06 -8.33 -1.38
N GLY A 46 -1.83 -9.53 -1.85
CA GLY A 46 -0.51 -10.17 -1.62
C GLY A 46 0.51 -9.44 -2.46
N ARG A 47 0.06 -8.81 -3.51
CA ARG A 47 0.97 -8.05 -4.41
C ARG A 47 0.89 -6.55 -4.14
N VAL A 48 -0.25 -6.04 -3.76
CA VAL A 48 -0.33 -4.58 -3.50
C VAL A 48 0.51 -4.26 -2.27
N TRP A 49 0.45 -5.07 -1.26
CA TRP A 49 1.26 -4.81 -0.06
C TRP A 49 2.75 -4.85 -0.42
N GLU A 50 3.18 -5.89 -1.08
CA GLU A 50 4.62 -5.99 -1.43
C GLU A 50 5.08 -4.72 -2.12
N LEU A 51 4.50 -4.37 -3.22
CA LEU A 51 4.91 -3.12 -3.91
C LEU A 51 4.66 -1.93 -2.98
N SER A 52 3.87 -2.15 -1.95
CA SER A 52 3.59 -1.05 -0.98
C SER A 52 4.62 -1.10 0.15
N ASP A 53 5.11 -2.27 0.46
CA ASP A 53 6.14 -2.40 1.54
C ASP A 53 7.51 -1.96 1.01
N ILE A 54 7.89 -0.75 1.27
CA ILE A 54 9.20 -0.25 0.77
C ILE A 54 10.35 -0.93 1.54
N ASP A 55 10.19 -1.13 2.82
CA ASP A 55 11.27 -1.78 3.61
C ASP A 55 10.96 -3.27 3.81
N HIS A 56 9.75 -3.67 3.53
CA HIS A 56 9.40 -5.12 3.71
C HIS A 56 9.57 -5.53 5.17
N ASP A 57 9.18 -4.69 6.09
CA ASP A 57 9.32 -5.04 7.53
C ASP A 57 7.99 -5.61 8.04
N GLY A 58 7.10 -5.94 7.16
CA GLY A 58 5.78 -6.48 7.58
C GLY A 58 4.88 -5.35 8.05
N MET A 59 5.15 -4.14 7.62
CA MET A 59 4.30 -2.99 8.03
C MET A 59 4.27 -1.95 6.90
N LEU A 60 3.31 -1.06 6.91
CA LEU A 60 3.24 -0.02 5.84
C LEU A 60 3.31 1.38 6.46
N ASP A 61 4.33 2.13 6.16
CA ASP A 61 4.43 3.51 6.72
C ASP A 61 3.48 4.46 6.00
N ARG A 62 3.36 5.66 6.49
CA ARG A 62 2.44 6.63 5.83
C ARG A 62 2.75 6.76 4.33
N ASP A 63 4.00 6.64 3.97
CA ASP A 63 4.35 6.76 2.52
C ASP A 63 4.24 5.40 1.85
N GLU A 64 4.49 4.34 2.57
CA GLU A 64 4.38 2.99 1.97
C GLU A 64 2.90 2.60 1.90
N PHE A 65 2.17 2.95 2.91
CA PHE A 65 0.72 2.64 2.92
C PHE A 65 0.05 3.38 1.77
N ALA A 66 0.59 4.51 1.40
CA ALA A 66 0.00 5.29 0.28
C ALA A 66 0.09 4.51 -1.03
N VAL A 67 1.26 3.98 -1.31
CA VAL A 67 1.44 3.20 -2.56
C VAL A 67 0.50 1.99 -2.56
N ALA A 68 0.02 1.59 -1.42
CA ALA A 68 -0.89 0.41 -1.35
C ALA A 68 -2.35 0.82 -1.53
N MET A 69 -2.67 2.08 -1.44
CA MET A 69 -4.09 2.48 -1.60
C MET A 69 -4.44 2.66 -3.07
N PHE A 70 -3.57 3.27 -3.83
CA PHE A 70 -3.88 3.43 -5.28
C PHE A 70 -3.64 2.09 -5.99
N LEU A 71 -2.79 1.29 -5.41
CA LEU A 71 -2.52 -0.05 -6.01
C LEU A 71 -3.74 -0.94 -5.81
N VAL A 72 -4.55 -0.61 -4.85
CA VAL A 72 -5.78 -1.39 -4.59
C VAL A 72 -6.94 -0.80 -5.38
N TYR A 73 -7.27 0.43 -5.09
CA TYR A 73 -8.41 1.09 -5.80
C TYR A 73 -8.28 0.92 -7.32
N CYS A 74 -7.10 0.64 -7.81
CA CYS A 74 -6.93 0.47 -9.28
C CYS A 74 -7.26 -0.97 -9.69
N ALA A 75 -7.35 -1.87 -8.73
CA ALA A 75 -7.68 -3.28 -9.07
C ALA A 75 -9.20 -3.46 -9.06
N LEU A 76 -9.90 -2.51 -8.50
CA LEU A 76 -11.39 -2.62 -8.46
C LEU A 76 -11.96 -1.96 -9.71
N GLU A 77 -11.38 -0.88 -10.11
CA GLU A 77 -11.87 -0.18 -11.33
C GLU A 77 -11.58 -1.03 -12.56
N LYS A 78 -10.33 -1.35 -12.77
CA LYS A 78 -9.97 -2.18 -13.95
C LYS A 78 -8.45 -2.38 -14.04
N GLU A 79 -7.69 -1.52 -13.42
CA GLU A 79 -6.20 -1.67 -13.50
C GLU A 79 -5.71 -2.84 -12.64
N PRO A 80 -5.10 -3.79 -13.29
CA PRO A 80 -4.56 -4.97 -12.59
C PRO A 80 -3.33 -4.56 -11.77
N VAL A 81 -2.83 -5.41 -10.92
CA VAL A 81 -1.64 -5.04 -10.11
C VAL A 81 -0.43 -5.88 -10.50
N PRO A 82 0.62 -5.20 -10.90
CA PRO A 82 1.86 -5.89 -11.29
C PRO A 82 2.70 -6.15 -10.04
N MET A 83 3.77 -6.89 -10.15
CA MET A 83 4.61 -7.15 -8.96
C MET A 83 5.90 -6.35 -9.04
N SER A 84 5.93 -5.34 -9.86
CA SER A 84 7.19 -4.57 -9.99
C SER A 84 7.03 -3.16 -9.48
N LEU A 85 7.48 -2.92 -8.29
CA LEU A 85 7.39 -1.55 -7.72
C LEU A 85 8.08 -0.56 -8.67
N PRO A 86 7.27 0.22 -9.34
CA PRO A 86 7.80 1.21 -10.31
C PRO A 86 8.61 2.30 -9.60
N PRO A 87 9.45 2.96 -10.35
CA PRO A 87 10.31 4.02 -9.78
C PRO A 87 9.52 5.29 -9.46
N ALA A 88 8.41 5.50 -10.12
CA ALA A 88 7.60 6.71 -9.84
C ALA A 88 6.72 6.48 -8.61
N LEU A 89 6.87 5.33 -7.98
CA LEU A 89 6.03 5.04 -6.79
C LEU A 89 6.90 5.09 -5.53
N VAL A 90 8.18 5.26 -5.68
CA VAL A 90 9.07 5.30 -4.49
C VAL A 90 9.42 6.75 -4.15
N PRO A 91 9.09 7.14 -2.94
CA PRO A 91 9.37 8.52 -2.49
C PRO A 91 10.88 8.72 -2.31
N PRO A 92 11.25 9.95 -2.09
CA PRO A 92 12.69 10.29 -1.91
C PRO A 92 13.20 9.75 -0.57
N SER A 93 12.32 9.26 0.26
CA SER A 93 12.76 8.72 1.58
C SER A 93 13.41 7.35 1.38
N LYS A 94 13.17 6.73 0.26
CA LYS A 94 13.78 5.40 0.00
C LYS A 94 15.13 5.59 -0.68
N ARG A 95 15.52 6.81 -0.92
CA ARG A 95 16.84 7.07 -1.58
C ARG A 95 17.52 8.28 -0.94
N SER B 6 7.82 -14.78 5.67
CA SER B 6 7.06 -14.01 4.63
C SER B 6 6.73 -12.61 5.14
N THR B 7 6.78 -11.62 4.28
CA THR B 7 6.47 -10.24 4.72
C THR B 7 5.03 -9.87 4.35
N ASN B 8 4.45 -10.56 3.41
CA ASN B 8 3.05 -10.23 3.01
C ASN B 8 2.05 -11.07 3.80
N PRO B 9 1.01 -10.43 4.24
CA PRO B 9 -0.05 -11.10 5.02
C PRO B 9 -1.09 -11.77 4.11
N PHE B 10 -0.81 -11.90 2.84
CA PHE B 10 -1.80 -12.54 1.93
C PHE B 10 -1.16 -13.69 1.14
N LEU B 11 0.14 -13.77 1.15
CA LEU B 11 0.82 -14.86 0.40
C LEU B 11 1.35 -15.92 1.38
CA CA C . 7.22 -0.89 5.25
N PRO A 1 6.35 12.74 -12.11
CA PRO A 1 6.04 12.99 -10.68
C PRO A 1 5.81 11.67 -9.94
N TRP A 2 5.35 11.74 -8.72
CA TRP A 2 5.10 10.49 -7.95
C TRP A 2 3.80 9.84 -8.42
N ALA A 3 3.85 8.59 -8.81
CA ALA A 3 2.62 7.90 -9.28
C ALA A 3 1.44 8.26 -8.36
N VAL A 4 1.71 8.53 -7.12
CA VAL A 4 0.62 8.90 -6.18
C VAL A 4 0.46 10.42 -6.17
N LYS A 5 -0.69 10.92 -5.82
CA LYS A 5 -0.90 12.40 -5.82
C LYS A 5 -0.99 12.92 -4.37
N PRO A 6 -0.90 14.22 -4.25
CA PRO A 6 -0.98 14.87 -2.91
C PRO A 6 -2.40 14.74 -2.36
N GLU A 7 -3.37 14.73 -3.23
CA GLU A 7 -4.79 14.58 -2.76
C GLU A 7 -5.06 13.11 -2.48
N ASP A 8 -4.44 12.25 -3.23
CA ASP A 8 -4.63 10.79 -3.00
C ASP A 8 -3.80 10.37 -1.80
N LYS A 9 -2.65 10.97 -1.63
CA LYS A 9 -1.81 10.63 -0.47
C LYS A 9 -2.45 11.19 0.80
N ALA A 10 -3.33 12.13 0.65
CA ALA A 10 -4.01 12.72 1.83
C ALA A 10 -5.03 11.71 2.37
N LYS A 11 -5.76 11.09 1.49
CA LYS A 11 -6.74 10.07 1.93
C LYS A 11 -5.98 8.81 2.33
N TYR A 12 -4.82 8.62 1.76
CA TYR A 12 -3.99 7.43 2.11
C TYR A 12 -3.41 7.62 3.50
N ASP A 13 -3.04 8.84 3.81
CA ASP A 13 -2.45 9.13 5.15
C ASP A 13 -3.56 9.25 6.20
N ALA A 14 -4.79 9.25 5.78
CA ALA A 14 -5.91 9.33 6.75
C ALA A 14 -6.38 7.91 7.02
N ILE A 15 -6.29 7.08 6.02
CA ILE A 15 -6.66 5.67 6.18
C ILE A 15 -5.51 4.98 6.92
N PHE A 16 -4.31 5.44 6.67
CA PHE A 16 -3.12 4.87 7.36
C PHE A 16 -3.21 5.21 8.86
N ASP A 17 -3.66 6.38 9.15
CA ASP A 17 -3.78 6.79 10.57
C ASP A 17 -5.18 6.43 11.09
N SER A 18 -6.02 5.91 10.24
CA SER A 18 -7.39 5.53 10.68
C SER A 18 -7.32 4.17 11.37
N LEU A 19 -6.20 3.50 11.22
CA LEU A 19 -6.03 2.18 11.86
C LEU A 19 -5.32 2.35 13.20
N SER A 20 -4.17 2.99 13.16
CA SER A 20 -3.32 3.24 14.38
C SER A 20 -1.86 3.10 13.98
N PRO A 21 -1.29 4.20 13.59
CA PRO A 21 0.13 4.21 13.15
C PRO A 21 1.07 4.12 14.34
N VAL A 22 2.22 3.55 14.13
CA VAL A 22 3.20 3.42 15.25
C VAL A 22 4.55 4.01 14.79
N ASN A 23 4.92 5.14 15.32
CA ASN A 23 6.20 5.76 14.91
C ASN A 23 6.21 5.99 13.39
N GLY A 24 5.06 6.04 12.78
CA GLY A 24 5.00 6.27 11.30
C GLY A 24 4.95 4.93 10.57
N PHE A 25 4.22 3.98 11.10
CA PHE A 25 4.15 2.64 10.43
C PHE A 25 2.82 1.95 10.70
N LEU A 26 2.41 1.12 9.78
CA LEU A 26 1.15 0.36 9.98
C LEU A 26 1.50 -1.12 9.87
N SER A 27 0.92 -1.95 10.67
CA SER A 27 1.25 -3.39 10.59
C SER A 27 0.32 -4.09 9.61
N GLY A 28 0.83 -5.01 8.84
CA GLY A 28 -0.05 -5.75 7.89
C GLY A 28 -1.38 -6.07 8.56
N ASP A 29 -1.35 -6.20 9.86
CA ASP A 29 -2.61 -6.50 10.61
C ASP A 29 -3.63 -5.36 10.41
N LYS A 30 -3.15 -4.17 10.18
CA LYS A 30 -4.09 -3.03 9.97
C LYS A 30 -4.27 -2.83 8.47
N VAL A 31 -3.25 -3.08 7.72
CA VAL A 31 -3.35 -2.92 6.24
C VAL A 31 -4.13 -4.09 5.64
N LYS A 32 -3.82 -5.29 6.06
CA LYS A 32 -4.52 -6.49 5.51
C LYS A 32 -6.02 -6.21 5.34
N PRO A 33 -6.66 -5.82 6.42
CA PRO A 33 -8.11 -5.52 6.36
C PRO A 33 -8.35 -4.30 5.48
N VAL A 34 -7.44 -3.37 5.50
CA VAL A 34 -7.59 -2.15 4.64
C VAL A 34 -7.59 -2.55 3.17
N LEU A 35 -6.82 -3.54 2.81
CA LEU A 35 -6.77 -3.99 1.38
C LEU A 35 -7.89 -4.97 1.11
N LEU A 36 -8.29 -5.72 2.10
CA LEU A 36 -9.39 -6.69 1.90
C LEU A 36 -10.70 -5.94 1.73
N ASN A 37 -10.70 -4.68 2.07
CA ASN A 37 -11.94 -3.89 1.93
C ASN A 37 -12.14 -3.48 0.47
N SER A 38 -11.14 -3.67 -0.34
CA SER A 38 -11.26 -3.31 -1.78
C SER A 38 -11.97 -4.42 -2.55
N LYS A 39 -12.41 -5.44 -1.85
CA LYS A 39 -13.11 -6.56 -2.53
C LYS A 39 -12.11 -7.35 -3.41
N LEU A 40 -10.84 -7.17 -3.18
CA LEU A 40 -9.83 -7.90 -3.98
C LEU A 40 -9.38 -9.16 -3.23
N PRO A 41 -8.96 -10.13 -3.99
CA PRO A 41 -8.50 -11.41 -3.40
C PRO A 41 -7.12 -11.22 -2.75
N VAL A 42 -6.63 -12.23 -2.09
CA VAL A 42 -5.31 -12.15 -1.43
C VAL A 42 -4.21 -12.11 -2.49
N ASP A 43 -4.57 -12.31 -3.73
CA ASP A 43 -3.55 -12.29 -4.80
C ASP A 43 -3.23 -10.85 -5.18
N ILE A 44 -4.20 -9.98 -5.07
CA ILE A 44 -3.94 -8.55 -5.40
C ILE A 44 -3.32 -7.88 -4.19
N LEU A 45 -3.77 -8.26 -3.04
CA LEU A 45 -3.23 -7.66 -1.79
C LEU A 45 -1.85 -8.25 -1.52
N GLY A 46 -1.61 -9.44 -2.00
CA GLY A 46 -0.27 -10.06 -1.80
C GLY A 46 0.71 -9.29 -2.67
N ARG A 47 0.22 -8.71 -3.72
CA ARG A 47 1.08 -7.92 -4.63
C ARG A 47 0.95 -6.43 -4.34
N VAL A 48 -0.21 -6.00 -3.90
CA VAL A 48 -0.37 -4.56 -3.59
C VAL A 48 0.42 -4.24 -2.33
N TRP A 49 0.44 -5.12 -1.38
CA TRP A 49 1.21 -4.86 -0.15
C TRP A 49 2.71 -4.93 -0.46
N GLU A 50 3.15 -5.98 -1.11
CA GLU A 50 4.60 -6.10 -1.40
C GLU A 50 5.09 -4.89 -2.18
N LEU A 51 4.46 -4.59 -3.29
CA LEU A 51 4.89 -3.39 -4.06
C LEU A 51 4.64 -2.14 -3.18
N SER A 52 3.95 -2.32 -2.08
CA SER A 52 3.67 -1.18 -1.17
C SER A 52 4.66 -1.19 0.01
N ASP A 53 5.01 -2.36 0.48
CA ASP A 53 5.97 -2.44 1.62
C ASP A 53 7.37 -2.02 1.16
N ILE A 54 7.66 -0.75 1.21
CA ILE A 54 8.99 -0.27 0.76
C ILE A 54 10.10 -0.95 1.56
N ASP A 55 9.82 -1.34 2.77
CA ASP A 55 10.86 -2.02 3.61
C ASP A 55 10.50 -3.48 3.85
N HIS A 56 9.40 -3.92 3.29
CA HIS A 56 8.98 -5.35 3.48
C HIS A 56 9.24 -5.80 4.91
N ASP A 57 8.79 -5.05 5.87
CA ASP A 57 8.99 -5.44 7.29
C ASP A 57 7.63 -5.79 7.90
N GLY A 58 6.71 -6.19 7.07
CA GLY A 58 5.36 -6.54 7.57
C GLY A 58 4.64 -5.26 8.00
N MET A 59 4.93 -4.16 7.37
CA MET A 59 4.26 -2.88 7.77
C MET A 59 4.15 -1.92 6.58
N LEU A 60 3.28 -0.95 6.68
CA LEU A 60 3.15 0.06 5.58
C LEU A 60 3.31 1.46 6.16
N ASP A 61 4.42 2.10 5.91
CA ASP A 61 4.61 3.48 6.45
C ASP A 61 3.68 4.45 5.75
N ARG A 62 3.49 5.60 6.31
CA ARG A 62 2.60 6.61 5.66
C ARG A 62 2.85 6.66 4.15
N ASP A 63 4.08 6.51 3.75
CA ASP A 63 4.39 6.53 2.30
C ASP A 63 4.14 5.17 1.67
N GLU A 64 4.36 4.12 2.41
CA GLU A 64 4.10 2.76 1.86
C GLU A 64 2.60 2.51 1.84
N PHE A 65 1.92 2.89 2.89
CA PHE A 65 0.45 2.70 2.91
C PHE A 65 -0.18 3.47 1.75
N ALA A 66 0.48 4.51 1.32
CA ALA A 66 -0.05 5.31 0.17
C ALA A 66 0.11 4.51 -1.11
N VAL A 67 1.30 4.03 -1.34
CA VAL A 67 1.55 3.23 -2.56
C VAL A 67 0.58 2.06 -2.62
N ALA A 68 0.12 1.62 -1.47
CA ALA A 68 -0.84 0.47 -1.43
C ALA A 68 -2.28 0.97 -1.51
N MET A 69 -2.49 2.26 -1.54
CA MET A 69 -3.88 2.75 -1.62
C MET A 69 -4.29 2.91 -3.08
N PHE A 70 -3.44 3.45 -3.90
CA PHE A 70 -3.78 3.59 -5.33
C PHE A 70 -3.58 2.25 -6.01
N LEU A 71 -2.82 1.37 -5.39
CA LEU A 71 -2.59 0.02 -5.96
C LEU A 71 -3.81 -0.85 -5.67
N VAL A 72 -4.56 -0.51 -4.65
CA VAL A 72 -5.76 -1.30 -4.30
C VAL A 72 -6.97 -0.73 -5.03
N TYR A 73 -7.05 0.57 -5.18
CA TYR A 73 -8.20 1.16 -5.88
C TYR A 73 -8.02 1.06 -7.40
N CYS A 74 -6.80 0.95 -7.84
CA CYS A 74 -6.57 0.82 -9.30
C CYS A 74 -6.74 -0.64 -9.72
N ALA A 75 -6.67 -1.53 -8.77
CA ALA A 75 -6.84 -2.97 -9.11
C ALA A 75 -8.33 -3.25 -9.31
N LEU A 76 -9.15 -2.35 -8.86
CA LEU A 76 -10.63 -2.53 -9.01
C LEU A 76 -11.15 -1.89 -10.29
N GLU A 77 -10.82 -0.65 -10.52
CA GLU A 77 -11.35 0.03 -11.73
C GLU A 77 -10.23 0.49 -12.68
N LYS A 78 -8.98 0.28 -12.34
CA LYS A 78 -7.91 0.74 -13.26
C LYS A 78 -7.30 -0.44 -14.03
N GLU A 79 -6.49 -1.24 -13.39
CA GLU A 79 -5.86 -2.39 -14.09
C GLU A 79 -5.38 -3.43 -13.08
N PRO A 80 -4.82 -4.50 -13.59
CA PRO A 80 -4.31 -5.57 -12.71
C PRO A 80 -3.06 -5.08 -11.98
N VAL A 81 -2.57 -5.85 -11.03
CA VAL A 81 -1.36 -5.41 -10.28
C VAL A 81 -0.19 -6.35 -10.55
N PRO A 82 0.90 -5.78 -10.94
CA PRO A 82 2.11 -6.58 -11.23
C PRO A 82 2.88 -6.81 -9.92
N MET A 83 4.07 -7.33 -10.00
CA MET A 83 4.85 -7.56 -8.74
C MET A 83 6.11 -6.72 -8.76
N SER A 84 6.23 -5.81 -9.68
CA SER A 84 7.47 -5.01 -9.74
C SER A 84 7.19 -3.55 -9.43
N LEU A 85 7.43 -3.17 -8.23
CA LEU A 85 7.23 -1.74 -7.85
C LEU A 85 7.96 -0.83 -8.84
N PRO A 86 7.21 -0.17 -9.68
CA PRO A 86 7.82 0.73 -10.68
C PRO A 86 8.47 1.93 -9.98
N PRO A 87 9.54 2.39 -10.55
CA PRO A 87 10.29 3.53 -9.98
C PRO A 87 9.50 4.82 -10.11
N ALA A 88 8.38 4.78 -10.76
CA ALA A 88 7.55 6.00 -10.92
C ALA A 88 6.74 6.23 -9.65
N LEU A 89 6.86 5.35 -8.69
CA LEU A 89 6.10 5.53 -7.43
C LEU A 89 6.89 5.03 -6.23
N VAL A 90 8.18 5.21 -6.23
CA VAL A 90 9.01 4.73 -5.08
C VAL A 90 9.87 5.87 -4.53
N PRO A 91 9.84 6.01 -3.23
CA PRO A 91 10.65 7.06 -2.56
C PRO A 91 12.13 6.69 -2.59
N PRO A 92 12.95 7.59 -2.12
CA PRO A 92 14.41 7.35 -2.09
C PRO A 92 14.77 6.33 -1.00
N SER A 93 16.03 6.02 -0.87
CA SER A 93 16.49 5.04 0.16
C SER A 93 16.19 3.61 -0.32
N LYS A 94 15.02 3.37 -0.83
CA LYS A 94 14.71 2.01 -1.33
C LYS A 94 15.14 1.92 -2.79
N ARG A 95 15.85 2.91 -3.27
CA ARG A 95 16.30 2.87 -4.70
C ARG A 95 17.00 1.55 -5.01
N SER B 6 5.88 -12.74 9.60
CA SER B 6 5.63 -11.29 9.89
C SER B 6 5.90 -10.46 8.63
N THR B 7 5.23 -10.74 7.55
CA THR B 7 5.46 -9.95 6.31
C THR B 7 4.18 -9.89 5.47
N ASN B 8 4.28 -10.08 4.18
CA ASN B 8 3.06 -10.02 3.32
C ASN B 8 1.89 -10.74 4.01
N PRO B 9 0.87 -9.99 4.30
CA PRO B 9 -0.32 -10.55 4.97
C PRO B 9 -1.25 -11.26 3.97
N PHE B 10 -0.75 -11.58 2.80
CA PHE B 10 -1.63 -12.27 1.80
C PHE B 10 -0.83 -13.36 1.08
N LEU B 11 0.11 -13.97 1.75
CA LEU B 11 0.90 -15.06 1.11
C LEU B 11 1.14 -16.20 2.10
CA CA C . 6.90 -0.67 5.75
N PRO A 1 7.33 11.93 -11.49
CA PRO A 1 7.45 11.97 -10.02
C PRO A 1 6.91 10.69 -9.40
N TRP A 2 6.72 10.68 -8.11
CA TRP A 2 6.19 9.46 -7.43
C TRP A 2 4.83 9.09 -8.03
N ALA A 3 4.69 7.88 -8.48
CA ALA A 3 3.39 7.44 -9.07
C ALA A 3 2.22 7.98 -8.24
N VAL A 4 2.45 8.21 -6.98
CA VAL A 4 1.36 8.73 -6.12
C VAL A 4 1.48 10.24 -5.96
N LYS A 5 0.38 10.94 -6.02
CA LYS A 5 0.43 12.44 -5.88
C LYS A 5 0.16 12.83 -4.43
N PRO A 6 0.26 14.10 -4.16
CA PRO A 6 0.00 14.62 -2.79
C PRO A 6 -1.47 14.45 -2.42
N GLU A 7 -2.35 14.65 -3.36
CA GLU A 7 -3.81 14.48 -3.05
C GLU A 7 -4.13 13.00 -2.87
N ASP A 8 -3.35 12.14 -3.49
CA ASP A 8 -3.59 10.67 -3.34
C ASP A 8 -2.96 10.20 -2.04
N LYS A 9 -1.80 10.71 -1.74
CA LYS A 9 -1.12 10.33 -0.47
C LYS A 9 -1.87 10.95 0.70
N ALA A 10 -2.68 11.95 0.41
CA ALA A 10 -3.45 12.63 1.48
C ALA A 10 -4.56 11.70 1.94
N LYS A 11 -5.27 11.11 1.02
CA LYS A 11 -6.36 10.17 1.41
C LYS A 11 -5.70 8.87 1.91
N TYR A 12 -4.55 8.56 1.39
CA TYR A 12 -3.84 7.32 1.83
C TYR A 12 -3.40 7.52 3.29
N ASP A 13 -3.05 8.73 3.63
CA ASP A 13 -2.61 9.02 5.02
C ASP A 13 -3.81 9.08 5.97
N ALA A 14 -4.99 9.08 5.42
CA ALA A 14 -6.21 9.10 6.28
C ALA A 14 -6.63 7.66 6.51
N ILE A 15 -6.36 6.84 5.54
CA ILE A 15 -6.69 5.40 5.65
C ILE A 15 -5.57 4.74 6.46
N PHE A 16 -4.37 5.25 6.31
CA PHE A 16 -3.22 4.70 7.08
C PHE A 16 -3.34 5.14 8.54
N ASP A 17 -3.79 6.34 8.76
CA ASP A 17 -3.96 6.85 10.15
C ASP A 17 -5.34 6.43 10.69
N SER A 18 -6.11 5.75 9.88
CA SER A 18 -7.45 5.30 10.34
C SER A 18 -7.30 3.93 11.00
N LEU A 19 -6.14 3.34 10.88
CA LEU A 19 -5.88 2.00 11.50
C LEU A 19 -5.10 2.19 12.78
N SER A 20 -4.66 3.41 13.03
CA SER A 20 -3.85 3.74 14.25
C SER A 20 -2.36 3.52 13.94
N PRO A 21 -1.72 4.59 13.57
CA PRO A 21 -0.28 4.53 13.21
C PRO A 21 0.58 4.35 14.46
N VAL A 22 1.71 3.72 14.30
CA VAL A 22 2.62 3.51 15.46
C VAL A 22 3.97 4.16 15.15
N ASN A 23 4.19 5.35 15.63
CA ASN A 23 5.48 6.06 15.36
C ASN A 23 5.60 6.33 13.86
N GLY A 24 4.52 6.20 13.13
CA GLY A 24 4.57 6.47 11.66
C GLY A 24 4.56 5.14 10.89
N PHE A 25 3.88 4.15 11.42
CA PHE A 25 3.84 2.83 10.71
C PHE A 25 2.54 2.09 10.97
N LEU A 26 2.17 1.22 10.06
CA LEU A 26 0.95 0.41 10.24
C LEU A 26 1.37 -1.05 10.23
N SER A 27 0.57 -1.92 10.75
CA SER A 27 0.96 -3.35 10.73
C SER A 27 0.17 -4.09 9.68
N GLY A 28 0.80 -5.02 8.99
CA GLY A 28 0.06 -5.78 7.95
C GLY A 28 -1.31 -6.18 8.52
N ASP A 29 -1.41 -6.27 9.81
CA ASP A 29 -2.71 -6.65 10.45
C ASP A 29 -3.71 -5.49 10.34
N LYS A 30 -3.23 -4.28 10.19
CA LYS A 30 -4.15 -3.13 10.06
C LYS A 30 -4.39 -2.89 8.58
N VAL A 31 -3.38 -3.07 7.80
CA VAL A 31 -3.52 -2.89 6.33
C VAL A 31 -4.21 -4.11 5.72
N LYS A 32 -3.86 -5.28 6.17
CA LYS A 32 -4.48 -6.52 5.62
C LYS A 32 -5.98 -6.33 5.38
N PRO A 33 -6.69 -5.95 6.41
CA PRO A 33 -8.16 -5.74 6.29
C PRO A 33 -8.43 -4.51 5.42
N VAL A 34 -7.60 -3.52 5.52
CA VAL A 34 -7.79 -2.29 4.70
C VAL A 34 -7.76 -2.66 3.21
N LEU A 35 -6.94 -3.60 2.84
CA LEU A 35 -6.88 -4.00 1.41
C LEU A 35 -7.97 -5.02 1.11
N LEU A 36 -8.39 -5.74 2.11
CA LEU A 36 -9.47 -6.73 1.91
C LEU A 36 -10.78 -6.00 1.70
N ASN A 37 -10.81 -4.73 2.03
CA ASN A 37 -12.06 -3.95 1.85
C ASN A 37 -12.17 -3.50 0.39
N SER A 38 -11.13 -3.68 -0.37
CA SER A 38 -11.15 -3.28 -1.80
C SER A 38 -11.85 -4.36 -2.63
N LYS A 39 -12.44 -5.33 -1.98
CA LYS A 39 -13.12 -6.42 -2.74
C LYS A 39 -12.09 -7.23 -3.51
N LEU A 40 -10.84 -7.07 -3.17
CA LEU A 40 -9.76 -7.83 -3.89
C LEU A 40 -9.40 -9.09 -3.13
N PRO A 41 -8.97 -10.08 -3.85
CA PRO A 41 -8.56 -11.35 -3.23
C PRO A 41 -7.20 -11.19 -2.56
N VAL A 42 -6.68 -12.22 -1.99
CA VAL A 42 -5.36 -12.13 -1.31
C VAL A 42 -4.24 -12.16 -2.35
N ASP A 43 -4.60 -12.28 -3.61
CA ASP A 43 -3.56 -12.30 -4.67
C ASP A 43 -3.21 -10.88 -5.09
N ILE A 44 -4.16 -9.99 -5.04
CA ILE A 44 -3.88 -8.58 -5.40
C ILE A 44 -3.30 -7.88 -4.19
N LEU A 45 -3.82 -8.20 -3.04
CA LEU A 45 -3.31 -7.58 -1.80
C LEU A 45 -1.94 -8.16 -1.47
N GLY A 46 -1.68 -9.35 -1.91
CA GLY A 46 -0.35 -9.97 -1.64
C GLY A 46 0.65 -9.26 -2.53
N ARG A 47 0.18 -8.69 -3.60
CA ARG A 47 1.08 -7.97 -4.53
C ARG A 47 0.98 -6.47 -4.28
N VAL A 48 -0.17 -5.99 -3.88
CA VAL A 48 -0.31 -4.54 -3.62
C VAL A 48 0.49 -4.18 -2.36
N TRP A 49 0.50 -5.05 -1.40
CA TRP A 49 1.28 -4.76 -0.17
C TRP A 49 2.78 -4.83 -0.48
N GLU A 50 3.22 -5.89 -1.10
CA GLU A 50 4.68 -6.01 -1.39
C GLU A 50 5.15 -4.81 -2.21
N LEU A 51 4.55 -4.59 -3.34
CA LEU A 51 4.96 -3.40 -4.16
C LEU A 51 4.75 -2.14 -3.30
N SER A 52 3.99 -2.26 -2.25
CA SER A 52 3.75 -1.08 -1.34
C SER A 52 4.78 -1.09 -0.21
N ASP A 53 5.16 -2.25 0.26
CA ASP A 53 6.15 -2.34 1.36
C ASP A 53 7.55 -2.00 0.84
N ILE A 54 7.99 -0.78 1.04
CA ILE A 54 9.34 -0.38 0.55
C ILE A 54 10.42 -1.05 1.42
N ASP A 55 10.12 -1.31 2.65
CA ASP A 55 11.12 -1.96 3.55
C ASP A 55 10.66 -3.37 3.90
N HIS A 56 9.41 -3.67 3.66
CA HIS A 56 8.89 -5.04 3.96
C HIS A 56 9.03 -5.38 5.45
N ASP A 57 8.64 -4.48 6.31
CA ASP A 57 8.75 -4.78 7.78
C ASP A 57 7.37 -5.24 8.27
N GLY A 58 6.59 -5.80 7.40
CA GLY A 58 5.23 -6.24 7.81
C GLY A 58 4.44 -5.02 8.24
N MET A 59 4.74 -3.87 7.66
CA MET A 59 4.02 -2.63 8.03
C MET A 59 3.97 -1.65 6.85
N LEU A 60 3.07 -0.72 6.88
CA LEU A 60 2.97 0.28 5.78
C LEU A 60 2.96 1.69 6.36
N ASP A 61 4.07 2.37 6.34
CA ASP A 61 4.10 3.75 6.92
C ASP A 61 3.28 4.71 6.04
N ARG A 62 2.89 5.83 6.57
CA ARG A 62 2.08 6.81 5.79
C ARG A 62 2.49 6.86 4.31
N ASP A 63 3.77 6.86 4.04
CA ASP A 63 4.22 6.91 2.61
C ASP A 63 4.15 5.52 1.98
N GLU A 64 4.45 4.51 2.74
CA GLU A 64 4.40 3.12 2.20
C GLU A 64 2.95 2.72 1.99
N PHE A 65 2.11 3.03 2.93
CA PHE A 65 0.66 2.69 2.79
C PHE A 65 0.10 3.45 1.59
N ALA A 66 0.76 4.49 1.18
CA ALA A 66 0.28 5.27 0.01
C ALA A 66 0.48 4.46 -1.27
N VAL A 67 1.61 3.82 -1.40
CA VAL A 67 1.87 3.01 -2.62
C VAL A 67 0.84 1.87 -2.71
N ALA A 68 0.40 1.38 -1.58
CA ALA A 68 -0.60 0.27 -1.59
C ALA A 68 -2.03 0.83 -1.65
N MET A 69 -2.18 2.12 -1.69
CA MET A 69 -3.56 2.68 -1.76
C MET A 69 -4.00 2.83 -3.21
N PHE A 70 -3.13 3.34 -4.05
CA PHE A 70 -3.51 3.47 -5.48
C PHE A 70 -3.41 2.10 -6.14
N LEU A 71 -2.64 1.23 -5.55
CA LEU A 71 -2.50 -0.15 -6.10
C LEU A 71 -3.74 -0.97 -5.75
N VAL A 72 -4.44 -0.58 -4.72
CA VAL A 72 -5.66 -1.33 -4.32
C VAL A 72 -6.89 -0.74 -5.00
N TYR A 73 -6.95 0.55 -5.12
CA TYR A 73 -8.14 1.19 -5.77
C TYR A 73 -8.13 0.94 -7.28
N CYS A 74 -6.98 0.67 -7.84
CA CYS A 74 -6.90 0.42 -9.30
C CYS A 74 -7.26 -1.03 -9.60
N ALA A 75 -7.25 -1.87 -8.62
CA ALA A 75 -7.61 -3.30 -8.85
C ALA A 75 -9.12 -3.47 -8.68
N LEU A 76 -9.78 -2.44 -8.19
CA LEU A 76 -11.25 -2.52 -7.99
C LEU A 76 -11.95 -2.02 -9.24
N GLU A 77 -11.47 -0.94 -9.79
CA GLU A 77 -12.11 -0.39 -11.00
C GLU A 77 -11.83 -1.27 -12.20
N LYS A 78 -10.58 -1.57 -12.44
CA LYS A 78 -10.24 -2.44 -13.60
C LYS A 78 -8.72 -2.63 -13.73
N GLU A 79 -7.97 -1.68 -13.27
CA GLU A 79 -6.48 -1.79 -13.40
C GLU A 79 -5.96 -2.97 -12.59
N PRO A 80 -5.41 -3.93 -13.29
CA PRO A 80 -4.85 -5.13 -12.63
C PRO A 80 -3.59 -4.76 -11.86
N VAL A 81 -3.13 -5.62 -10.99
CA VAL A 81 -1.90 -5.30 -10.21
C VAL A 81 -0.76 -6.25 -10.56
N PRO A 82 0.32 -5.69 -11.02
CA PRO A 82 1.50 -6.49 -11.38
C PRO A 82 2.34 -6.74 -10.12
N MET A 83 3.55 -7.19 -10.30
CA MET A 83 4.43 -7.44 -9.12
C MET A 83 5.66 -6.54 -9.20
N SER A 84 5.69 -5.63 -10.11
CA SER A 84 6.89 -4.78 -10.25
C SER A 84 6.71 -3.44 -9.57
N LEU A 85 7.49 -3.19 -8.57
CA LEU A 85 7.42 -1.91 -7.86
C LEU A 85 8.62 -1.06 -8.33
N PRO A 86 8.41 -0.38 -9.44
CA PRO A 86 9.47 0.45 -10.04
C PRO A 86 9.87 1.61 -9.14
N PRO A 87 10.90 2.31 -9.55
CA PRO A 87 11.41 3.47 -8.78
C PRO A 87 10.43 4.63 -8.82
N ALA A 88 9.45 4.57 -9.69
CA ALA A 88 8.46 5.68 -9.75
C ALA A 88 7.48 5.53 -8.60
N LEU A 89 7.55 4.45 -7.89
CA LEU A 89 6.63 4.23 -6.74
C LEU A 89 7.38 4.40 -5.42
N VAL A 90 8.68 4.42 -5.47
CA VAL A 90 9.46 4.57 -4.21
C VAL A 90 9.58 6.04 -3.83
N PRO A 91 9.36 6.32 -2.58
CA PRO A 91 9.43 7.70 -2.07
C PRO A 91 10.89 8.18 -2.04
N PRO A 92 11.07 9.43 -1.72
CA PRO A 92 12.43 10.01 -1.65
C PRO A 92 13.19 9.43 -0.46
N SER A 93 12.51 8.76 0.42
CA SER A 93 13.19 8.16 1.60
C SER A 93 14.07 6.99 1.16
N LYS A 94 13.79 6.44 0.01
CA LYS A 94 14.62 5.30 -0.48
C LYS A 94 15.80 5.84 -1.29
N ARG A 95 15.90 7.14 -1.40
CA ARG A 95 17.03 7.74 -2.17
C ARG A 95 18.12 8.24 -1.22
N SER B 6 4.61 -10.30 10.54
CA SER B 6 4.36 -10.91 9.20
C SER B 6 4.55 -9.88 8.09
N THR B 7 5.53 -10.07 7.25
CA THR B 7 5.77 -9.11 6.14
C THR B 7 4.50 -8.93 5.32
N ASN B 8 4.13 -9.92 4.57
CA ASN B 8 2.88 -9.82 3.75
C ASN B 8 1.75 -10.58 4.44
N PRO B 9 0.71 -9.85 4.77
CA PRO B 9 -0.46 -10.45 5.45
C PRO B 9 -1.26 -11.32 4.47
N PHE B 10 -1.15 -11.06 3.19
CA PHE B 10 -1.90 -11.87 2.19
C PHE B 10 -1.08 -13.08 1.76
N LEU B 11 0.21 -12.93 1.61
CA LEU B 11 1.06 -14.08 1.19
C LEU B 11 1.31 -15.01 2.38
CA CA C . 7.57 -1.50 5.91
N PRO A 1 5.25 13.10 -11.50
CA PRO A 1 5.52 13.08 -10.04
C PRO A 1 5.28 11.69 -9.47
N TRP A 2 5.29 11.57 -8.17
CA TRP A 2 5.06 10.23 -7.55
C TRP A 2 3.72 9.66 -8.04
N ALA A 3 3.73 8.43 -8.50
CA ALA A 3 2.47 7.81 -9.00
C ALA A 3 1.28 8.24 -8.12
N VAL A 4 1.54 8.49 -6.87
CA VAL A 4 0.45 8.93 -5.96
C VAL A 4 0.51 10.44 -5.77
N LYS A 5 -0.59 11.11 -5.90
CA LYS A 5 -0.59 12.59 -5.74
C LYS A 5 -0.85 12.97 -4.29
N PRO A 6 -0.89 14.25 -4.02
CA PRO A 6 -1.14 14.74 -2.65
C PRO A 6 -2.57 14.42 -2.24
N GLU A 7 -3.49 14.50 -3.16
CA GLU A 7 -4.91 14.20 -2.82
C GLU A 7 -5.08 12.69 -2.63
N ASP A 8 -4.26 11.91 -3.27
CA ASP A 8 -4.37 10.43 -3.11
C ASP A 8 -3.65 10.03 -1.82
N LYS A 9 -2.53 10.65 -1.56
CA LYS A 9 -1.78 10.34 -0.32
C LYS A 9 -2.55 10.90 0.88
N ALA A 10 -3.50 11.76 0.61
CA ALA A 10 -4.30 12.34 1.73
C ALA A 10 -5.34 11.32 2.17
N LYS A 11 -5.93 10.63 1.22
CA LYS A 11 -6.92 9.59 1.57
C LYS A 11 -6.16 8.34 2.02
N TYR A 12 -4.93 8.20 1.57
CA TYR A 12 -4.11 7.04 1.99
C TYR A 12 -3.58 7.29 3.39
N ASP A 13 -3.30 8.53 3.70
CA ASP A 13 -2.78 8.89 5.04
C ASP A 13 -3.91 8.93 6.06
N ALA A 14 -5.14 8.82 5.60
CA ALA A 14 -6.29 8.83 6.53
C ALA A 14 -6.60 7.38 6.86
N ILE A 15 -6.45 6.54 5.88
CA ILE A 15 -6.68 5.10 6.08
C ILE A 15 -5.48 4.54 6.82
N PHE A 16 -4.33 5.12 6.57
CA PHE A 16 -3.10 4.66 7.25
C PHE A 16 -3.15 5.12 8.71
N ASP A 17 -3.66 6.29 8.94
CA ASP A 17 -3.77 6.82 10.33
C ASP A 17 -5.11 6.41 10.94
N SER A 18 -5.88 5.63 10.22
CA SER A 18 -7.19 5.17 10.76
C SER A 18 -6.99 3.83 11.46
N LEU A 19 -5.80 3.29 11.37
CA LEU A 19 -5.49 2.00 12.03
C LEU A 19 -4.54 2.25 13.21
N SER A 20 -4.12 3.48 13.36
CA SER A 20 -3.17 3.85 14.46
C SER A 20 -1.74 3.51 14.03
N PRO A 21 -1.09 4.52 13.49
CA PRO A 21 0.29 4.35 12.99
C PRO A 21 1.26 4.24 14.17
N VAL A 22 2.32 3.50 13.98
CA VAL A 22 3.32 3.36 15.06
C VAL A 22 4.65 3.98 14.61
N ASN A 23 4.94 5.16 15.10
CA ASN A 23 6.22 5.83 14.68
C ASN A 23 6.20 6.05 13.17
N GLY A 24 5.06 5.96 12.56
CA GLY A 24 4.97 6.18 11.09
C GLY A 24 4.92 4.83 10.38
N PHE A 25 4.27 3.85 10.95
CA PHE A 25 4.20 2.53 10.29
C PHE A 25 2.92 1.77 10.64
N LEU A 26 2.40 1.06 9.68
CA LEU A 26 1.18 0.24 9.94
C LEU A 26 1.57 -1.22 9.81
N SER A 27 1.11 -2.05 10.68
CA SER A 27 1.48 -3.48 10.56
C SER A 27 0.53 -4.16 9.58
N GLY A 28 1.04 -5.04 8.76
CA GLY A 28 0.15 -5.73 7.77
C GLY A 28 -1.16 -6.09 8.45
N ASP A 29 -1.13 -6.29 9.75
CA ASP A 29 -2.38 -6.64 10.49
C ASP A 29 -3.40 -5.49 10.39
N LYS A 30 -2.94 -4.29 10.15
CA LYS A 30 -3.89 -3.16 10.03
C LYS A 30 -4.14 -2.92 8.55
N VAL A 31 -3.12 -3.10 7.76
CA VAL A 31 -3.27 -2.91 6.29
C VAL A 31 -4.01 -4.10 5.68
N LYS A 32 -3.76 -5.29 6.17
CA LYS A 32 -4.44 -6.47 5.60
C LYS A 32 -5.95 -6.22 5.41
N PRO A 33 -6.59 -5.75 6.44
CA PRO A 33 -8.05 -5.45 6.34
C PRO A 33 -8.28 -4.26 5.41
N VAL A 34 -7.38 -3.33 5.40
CA VAL A 34 -7.51 -2.15 4.52
C VAL A 34 -7.53 -2.57 3.05
N LEU A 35 -6.86 -3.64 2.71
CA LEU A 35 -6.84 -4.09 1.29
C LEU A 35 -7.97 -5.10 1.07
N LEU A 36 -8.41 -5.75 2.10
CA LEU A 36 -9.50 -6.74 1.93
C LEU A 36 -10.82 -6.01 1.73
N ASN A 37 -10.84 -4.73 2.00
CA ASN A 37 -12.11 -3.98 1.83
C ASN A 37 -12.24 -3.48 0.39
N SER A 38 -11.27 -3.75 -0.44
CA SER A 38 -11.33 -3.28 -1.85
C SER A 38 -12.00 -4.35 -2.74
N LYS A 39 -12.62 -5.33 -2.14
CA LYS A 39 -13.28 -6.39 -2.97
C LYS A 39 -12.22 -7.18 -3.73
N LEU A 40 -10.98 -7.06 -3.35
CA LEU A 40 -9.90 -7.81 -4.06
C LEU A 40 -9.51 -9.06 -3.28
N PRO A 41 -9.06 -10.05 -4.02
CA PRO A 41 -8.62 -11.32 -3.41
C PRO A 41 -7.24 -11.15 -2.75
N VAL A 42 -6.79 -12.14 -2.04
CA VAL A 42 -5.47 -12.06 -1.37
C VAL A 42 -4.36 -12.10 -2.43
N ASP A 43 -4.71 -12.27 -3.67
CA ASP A 43 -3.67 -12.32 -4.73
C ASP A 43 -3.29 -10.89 -5.11
N ILE A 44 -4.22 -9.98 -5.00
CA ILE A 44 -3.93 -8.56 -5.34
C ILE A 44 -3.32 -7.89 -4.12
N LEU A 45 -3.81 -8.24 -2.97
CA LEU A 45 -3.30 -7.64 -1.71
C LEU A 45 -1.95 -8.27 -1.37
N GLY A 46 -1.74 -9.48 -1.78
CA GLY A 46 -0.44 -10.14 -1.49
C GLY A 46 0.60 -9.50 -2.40
N ARG A 47 0.15 -8.97 -3.50
CA ARG A 47 1.06 -8.30 -4.45
C ARG A 47 0.98 -6.79 -4.29
N VAL A 48 -0.16 -6.26 -3.91
CA VAL A 48 -0.27 -4.79 -3.74
C VAL A 48 0.51 -4.40 -2.48
N TRP A 49 0.45 -5.23 -1.47
CA TRP A 49 1.20 -4.92 -0.24
C TRP A 49 2.70 -4.93 -0.56
N GLU A 50 3.17 -5.99 -1.17
CA GLU A 50 4.63 -6.05 -1.50
C GLU A 50 5.09 -4.76 -2.17
N LEU A 51 4.52 -4.45 -3.30
CA LEU A 51 4.94 -3.19 -4.00
C LEU A 51 4.63 -2.01 -3.09
N SER A 52 3.82 -2.22 -2.08
CA SER A 52 3.49 -1.12 -1.12
C SER A 52 4.50 -1.17 0.03
N ASP A 53 5.01 -2.33 0.32
CA ASP A 53 5.99 -2.48 1.42
C ASP A 53 7.35 -1.97 0.94
N ILE A 54 7.73 -0.79 1.34
CA ILE A 54 9.05 -0.24 0.89
C ILE A 54 10.15 -0.66 1.87
N ASP A 55 9.80 -1.07 3.05
CA ASP A 55 10.83 -1.48 4.05
C ASP A 55 10.90 -3.01 4.16
N HIS A 56 9.95 -3.69 3.57
CA HIS A 56 9.97 -5.19 3.63
C HIS A 56 10.08 -5.65 5.09
N ASP A 57 9.27 -5.12 5.96
CA ASP A 57 9.35 -5.53 7.40
C ASP A 57 7.97 -5.94 7.91
N GLY A 58 7.03 -6.13 7.02
CA GLY A 58 5.66 -6.52 7.46
C GLY A 58 4.91 -5.28 7.94
N MET A 59 5.18 -4.14 7.36
CA MET A 59 4.48 -2.90 7.79
C MET A 59 4.35 -1.91 6.62
N LEU A 60 3.46 -0.96 6.72
CA LEU A 60 3.31 0.04 5.63
C LEU A 60 3.39 1.46 6.20
N ASP A 61 4.47 2.15 5.96
CA ASP A 61 4.58 3.54 6.48
C ASP A 61 3.60 4.45 5.74
N ARG A 62 3.38 5.63 6.25
CA ARG A 62 2.44 6.56 5.57
C ARG A 62 2.71 6.60 4.07
N ASP A 63 3.97 6.62 3.70
CA ASP A 63 4.31 6.66 2.25
C ASP A 63 4.13 5.28 1.62
N GLU A 64 4.44 4.24 2.36
CA GLU A 64 4.26 2.87 1.80
C GLU A 64 2.78 2.55 1.73
N PHE A 65 2.06 2.84 2.78
CA PHE A 65 0.61 2.59 2.77
C PHE A 65 -0.01 3.30 1.57
N ALA A 66 0.55 4.41 1.18
CA ALA A 66 -0.02 5.16 0.00
C ALA A 66 0.09 4.30 -1.26
N VAL A 67 1.23 3.75 -1.52
CA VAL A 67 1.40 2.91 -2.73
C VAL A 67 0.40 1.75 -2.71
N ALA A 68 -0.08 1.40 -1.55
CA ALA A 68 -1.04 0.26 -1.44
C ALA A 68 -2.49 0.72 -1.57
N MET A 69 -2.74 2.01 -1.57
CA MET A 69 -4.16 2.46 -1.69
C MET A 69 -4.56 2.62 -3.15
N PHE A 70 -3.69 3.15 -3.97
CA PHE A 70 -4.04 3.29 -5.41
C PHE A 70 -3.85 1.93 -6.08
N LEU A 71 -2.94 1.14 -5.56
CA LEU A 71 -2.72 -0.22 -6.13
C LEU A 71 -3.95 -1.07 -5.86
N VAL A 72 -4.67 -0.74 -4.82
CA VAL A 72 -5.91 -1.50 -4.48
C VAL A 72 -7.11 -0.85 -5.15
N TYR A 73 -7.00 0.38 -5.54
CA TYR A 73 -8.14 1.05 -6.21
C TYR A 73 -8.07 0.82 -7.73
N CYS A 74 -6.90 0.55 -8.22
CA CYS A 74 -6.77 0.30 -9.69
C CYS A 74 -7.09 -1.17 -9.98
N ALA A 75 -7.09 -2.00 -8.98
CA ALA A 75 -7.42 -3.43 -9.22
C ALA A 75 -8.94 -3.57 -9.22
N LEU A 76 -9.63 -2.54 -8.80
CA LEU A 76 -11.12 -2.58 -8.76
C LEU A 76 -11.70 -2.07 -10.07
N GLU A 77 -11.14 -1.01 -10.61
CA GLU A 77 -11.70 -0.44 -11.86
C GLU A 77 -10.61 -0.16 -12.91
N LYS A 78 -9.36 -0.38 -12.60
CA LYS A 78 -8.31 -0.09 -13.63
C LYS A 78 -7.66 -1.38 -14.13
N GLU A 79 -6.64 -1.84 -13.45
CA GLU A 79 -5.95 -3.08 -13.90
C GLU A 79 -5.45 -3.88 -12.70
N PRO A 80 -4.99 -5.08 -12.95
CA PRO A 80 -4.48 -5.94 -11.86
C PRO A 80 -3.19 -5.34 -11.30
N VAL A 81 -2.39 -6.13 -10.63
CA VAL A 81 -1.13 -5.58 -10.06
C VAL A 81 0.05 -6.51 -10.35
N PRO A 82 1.12 -5.93 -10.82
CA PRO A 82 2.34 -6.70 -11.11
C PRO A 82 3.16 -6.86 -9.83
N MET A 83 4.24 -7.58 -9.89
CA MET A 83 5.07 -7.73 -8.65
C MET A 83 6.32 -6.87 -8.72
N SER A 84 6.35 -5.93 -9.61
CA SER A 84 7.59 -5.10 -9.71
C SER A 84 7.34 -3.65 -9.36
N LEU A 85 7.69 -3.29 -8.18
CA LEU A 85 7.53 -1.87 -7.75
C LEU A 85 8.26 -0.95 -8.74
N PRO A 86 7.49 -0.25 -9.53
CA PRO A 86 8.07 0.68 -10.53
C PRO A 86 8.78 1.84 -9.83
N PRO A 87 9.63 2.48 -10.58
CA PRO A 87 10.41 3.63 -10.03
C PRO A 87 9.52 4.85 -9.80
N ALA A 88 8.39 4.89 -10.44
CA ALA A 88 7.47 6.05 -10.24
C ALA A 88 6.60 5.81 -9.01
N LEU A 89 6.78 4.68 -8.37
CA LEU A 89 5.96 4.38 -7.17
C LEU A 89 6.82 4.33 -5.91
N VAL A 90 8.01 4.87 -5.97
CA VAL A 90 8.88 4.83 -4.75
C VAL A 90 9.14 6.24 -4.22
N PRO A 91 9.07 6.36 -2.92
CA PRO A 91 9.33 7.67 -2.27
C PRO A 91 10.81 8.05 -2.42
N PRO A 92 11.13 9.24 -1.97
CA PRO A 92 12.51 9.74 -2.06
C PRO A 92 13.43 8.99 -1.10
N SER A 93 12.88 8.40 -0.07
CA SER A 93 13.74 7.64 0.88
C SER A 93 14.09 6.29 0.28
N LYS A 94 13.50 5.95 -0.83
CA LYS A 94 13.81 4.65 -1.47
C LYS A 94 14.94 4.84 -2.48
N ARG A 95 15.34 6.07 -2.72
CA ARG A 95 16.44 6.30 -3.70
C ARG A 95 17.58 5.32 -3.45
N SER B 6 7.47 -10.86 0.20
CA SER B 6 7.96 -11.79 1.26
C SER B 6 7.23 -11.52 2.58
N THR B 7 6.80 -12.56 3.25
CA THR B 7 6.07 -12.37 4.54
C THR B 7 4.92 -11.38 4.36
N ASN B 8 4.12 -11.56 3.34
CA ASN B 8 2.98 -10.64 3.11
C ASN B 8 1.84 -10.98 4.08
N PRO B 9 1.01 -10.02 4.34
CA PRO B 9 -0.14 -10.25 5.24
C PRO B 9 -1.28 -10.92 4.45
N PHE B 10 -1.02 -11.31 3.23
CA PHE B 10 -2.06 -11.97 2.41
C PHE B 10 -1.61 -13.37 1.98
N LEU B 11 -0.34 -13.65 2.08
CA LEU B 11 0.17 -14.99 1.69
C LEU B 11 1.14 -15.54 2.75
CA CA C . 7.45 -1.14 5.26
N PRO A 1 7.56 11.77 -12.41
CA PRO A 1 6.75 12.16 -11.23
C PRO A 1 6.42 10.93 -10.37
N TRP A 2 5.73 11.13 -9.28
CA TRP A 2 5.38 9.97 -8.40
C TRP A 2 4.01 9.41 -8.79
N ALA A 3 3.94 8.13 -9.06
CA ALA A 3 2.64 7.52 -9.43
C ALA A 3 1.53 8.01 -8.50
N VAL A 4 1.88 8.38 -7.31
CA VAL A 4 0.85 8.87 -6.35
C VAL A 4 0.95 10.39 -6.19
N LYS A 5 -0.16 11.07 -6.13
CA LYS A 5 -0.13 12.54 -5.98
C LYS A 5 -0.35 12.93 -4.52
N PRO A 6 -0.38 14.21 -4.26
CA PRO A 6 -0.59 14.70 -2.88
C PRO A 6 -2.04 14.46 -2.46
N GLU A 7 -2.96 14.57 -3.37
CA GLU A 7 -4.39 14.35 -3.02
C GLU A 7 -4.67 12.85 -2.89
N ASP A 8 -3.94 12.03 -3.58
CA ASP A 8 -4.16 10.56 -3.48
C ASP A 8 -3.40 10.00 -2.28
N LYS A 9 -2.30 10.61 -1.93
CA LYS A 9 -1.53 10.13 -0.76
C LYS A 9 -2.15 10.70 0.51
N ALA A 10 -2.91 11.74 0.37
CA ALA A 10 -3.57 12.36 1.56
C ALA A 10 -4.74 11.49 1.98
N LYS A 11 -5.45 10.93 1.03
CA LYS A 11 -6.58 10.04 1.38
C LYS A 11 -6.00 8.72 1.87
N TYR A 12 -4.79 8.43 1.48
CA TYR A 12 -4.12 7.18 1.94
C TYR A 12 -3.64 7.38 3.37
N ASP A 13 -3.21 8.57 3.68
CA ASP A 13 -2.71 8.86 5.06
C ASP A 13 -3.89 8.92 6.04
N ALA A 14 -5.09 8.92 5.56
CA ALA A 14 -6.26 8.94 6.46
C ALA A 14 -6.65 7.50 6.75
N ILE A 15 -6.51 6.68 5.74
CA ILE A 15 -6.81 5.25 5.92
C ILE A 15 -5.66 4.62 6.67
N PHE A 16 -4.47 5.12 6.45
CA PHE A 16 -3.28 4.59 7.15
C PHE A 16 -3.35 5.03 8.62
N ASP A 17 -3.76 6.25 8.84
CA ASP A 17 -3.86 6.76 10.24
C ASP A 17 -5.23 6.38 10.82
N SER A 18 -6.00 5.62 10.08
CA SER A 18 -7.34 5.20 10.60
C SER A 18 -7.19 3.85 11.31
N LEU A 19 -6.04 3.24 11.17
CA LEU A 19 -5.80 1.93 11.83
C LEU A 19 -4.93 2.14 13.07
N SER A 20 -4.41 3.34 13.24
CA SER A 20 -3.53 3.68 14.39
C SER A 20 -2.08 3.33 14.04
N PRO A 21 -1.41 4.31 13.50
CA PRO A 21 0.00 4.14 13.06
C PRO A 21 0.93 4.09 14.27
N VAL A 22 2.02 3.40 14.15
CA VAL A 22 2.99 3.32 15.27
C VAL A 22 4.33 3.88 14.80
N ASN A 23 4.73 4.99 15.34
CA ASN A 23 6.02 5.61 14.91
C ASN A 23 5.98 5.86 13.40
N GLY A 24 4.80 5.85 12.82
CA GLY A 24 4.68 6.09 11.36
C GLY A 24 4.63 4.76 10.61
N PHE A 25 3.99 3.77 11.18
CA PHE A 25 3.92 2.45 10.49
C PHE A 25 2.61 1.71 10.79
N LEU A 26 2.14 0.99 9.82
CA LEU A 26 0.90 0.19 10.02
C LEU A 26 1.26 -1.28 9.91
N SER A 27 0.72 -2.10 10.74
CA SER A 27 1.07 -3.54 10.65
C SER A 27 0.22 -4.22 9.59
N GLY A 28 0.78 -5.16 8.88
CA GLY A 28 0.00 -5.86 7.83
C GLY A 28 -1.37 -6.22 8.42
N ASP A 29 -1.44 -6.35 9.71
CA ASP A 29 -2.73 -6.69 10.38
C ASP A 29 -3.70 -5.50 10.27
N LYS A 30 -3.20 -4.31 10.10
CA LYS A 30 -4.11 -3.14 9.97
C LYS A 30 -4.33 -2.89 8.49
N VAL A 31 -3.32 -3.12 7.70
CA VAL A 31 -3.46 -2.93 6.24
C VAL A 31 -4.21 -4.12 5.64
N LYS A 32 -3.93 -5.30 6.13
CA LYS A 32 -4.61 -6.51 5.60
C LYS A 32 -6.10 -6.24 5.39
N PRO A 33 -6.76 -5.80 6.43
CA PRO A 33 -8.21 -5.50 6.33
C PRO A 33 -8.45 -4.32 5.40
N VAL A 34 -7.56 -3.37 5.41
CA VAL A 34 -7.71 -2.20 4.50
C VAL A 34 -7.70 -2.67 3.05
N LEU A 35 -6.95 -3.70 2.77
CA LEU A 35 -6.89 -4.23 1.38
C LEU A 35 -8.01 -5.24 1.16
N LEU A 36 -8.46 -5.88 2.20
CA LEU A 36 -9.56 -6.86 2.05
C LEU A 36 -10.87 -6.10 1.84
N ASN A 37 -10.86 -4.82 2.10
CA ASN A 37 -12.10 -4.03 1.92
C ASN A 37 -12.19 -3.56 0.47
N SER A 38 -11.14 -3.73 -0.28
CA SER A 38 -11.16 -3.31 -1.71
C SER A 38 -11.90 -4.35 -2.56
N LYS A 39 -12.47 -5.34 -1.92
CA LYS A 39 -13.21 -6.39 -2.68
C LYS A 39 -12.22 -7.22 -3.50
N LEU A 40 -10.94 -7.01 -3.30
CA LEU A 40 -9.92 -7.79 -4.07
C LEU A 40 -9.52 -9.05 -3.29
N PRO A 41 -9.07 -10.01 -4.04
CA PRO A 41 -8.62 -11.28 -3.42
C PRO A 41 -7.26 -11.07 -2.75
N VAL A 42 -6.83 -12.03 -1.97
CA VAL A 42 -5.53 -11.91 -1.27
C VAL A 42 -4.39 -11.96 -2.29
N ASP A 43 -4.71 -12.22 -3.53
CA ASP A 43 -3.66 -12.27 -4.57
C ASP A 43 -3.28 -10.85 -4.96
N ILE A 44 -4.23 -9.95 -4.92
CA ILE A 44 -3.91 -8.54 -5.27
C ILE A 44 -3.28 -7.87 -4.06
N LEU A 45 -3.81 -8.16 -2.90
CA LEU A 45 -3.26 -7.56 -1.66
C LEU A 45 -1.89 -8.16 -1.39
N GLY A 46 -1.67 -9.37 -1.80
CA GLY A 46 -0.36 -10.02 -1.57
C GLY A 46 0.67 -9.36 -2.49
N ARG A 47 0.20 -8.79 -3.55
CA ARG A 47 1.10 -8.12 -4.51
C ARG A 47 1.06 -6.60 -4.31
N VAL A 48 -0.06 -6.08 -3.86
CA VAL A 48 -0.11 -4.61 -3.64
C VAL A 48 0.68 -4.27 -2.39
N TRP A 49 0.62 -5.11 -1.39
CA TRP A 49 1.40 -4.83 -0.16
C TRP A 49 2.90 -4.92 -0.48
N GLU A 50 3.32 -5.96 -1.13
CA GLU A 50 4.77 -6.10 -1.42
C GLU A 50 5.27 -4.88 -2.19
N LEU A 51 4.67 -4.60 -3.32
CA LEU A 51 5.10 -3.40 -4.08
C LEU A 51 4.85 -2.16 -3.22
N SER A 52 4.07 -2.31 -2.17
CA SER A 52 3.81 -1.17 -1.26
C SER A 52 4.78 -1.19 -0.08
N ASP A 53 5.31 -2.34 0.25
CA ASP A 53 6.27 -2.45 1.38
C ASP A 53 7.64 -1.95 0.93
N ILE A 54 7.87 -0.66 1.01
CA ILE A 54 9.19 -0.11 0.58
C ILE A 54 10.32 -0.68 1.44
N ASP A 55 10.05 -1.01 2.67
CA ASP A 55 11.13 -1.56 3.55
C ASP A 55 10.88 -3.04 3.84
N HIS A 56 9.70 -3.52 3.55
CA HIS A 56 9.40 -4.96 3.82
C HIS A 56 9.56 -5.27 5.31
N ASP A 57 9.02 -4.44 6.16
CA ASP A 57 9.13 -4.69 7.62
C ASP A 57 7.79 -5.23 8.14
N GLY A 58 7.00 -5.79 7.27
CA GLY A 58 5.68 -6.33 7.71
C GLY A 58 4.77 -5.17 8.12
N MET A 59 4.99 -4.00 7.56
CA MET A 59 4.15 -2.83 7.92
C MET A 59 4.05 -1.86 6.75
N LEU A 60 3.07 -1.00 6.77
CA LEU A 60 2.94 0.00 5.66
C LEU A 60 2.88 1.41 6.27
N ASP A 61 3.96 2.12 6.27
CA ASP A 61 3.93 3.50 6.87
C ASP A 61 3.13 4.45 5.98
N ARG A 62 2.80 5.59 6.49
CA ARG A 62 2.00 6.58 5.69
C ARG A 62 2.41 6.60 4.22
N ASP A 63 3.69 6.62 3.94
CA ASP A 63 4.13 6.68 2.52
C ASP A 63 3.95 5.31 1.83
N GLU A 64 4.29 4.25 2.51
CA GLU A 64 4.12 2.91 1.90
C GLU A 64 2.64 2.58 1.79
N PHE A 65 1.90 2.85 2.84
CA PHE A 65 0.45 2.59 2.79
C PHE A 65 -0.16 3.37 1.63
N ALA A 66 0.50 4.41 1.20
CA ALA A 66 -0.03 5.21 0.06
C ALA A 66 0.18 4.44 -1.24
N VAL A 67 1.35 3.92 -1.43
CA VAL A 67 1.64 3.13 -2.65
C VAL A 67 0.69 1.93 -2.74
N ALA A 68 0.20 1.48 -1.62
CA ALA A 68 -0.73 0.31 -1.63
C ALA A 68 -2.19 0.74 -1.78
N MET A 69 -2.44 2.03 -1.74
CA MET A 69 -3.86 2.49 -1.88
C MET A 69 -4.22 2.62 -3.36
N PHE A 70 -3.38 3.22 -4.14
CA PHE A 70 -3.68 3.35 -5.59
C PHE A 70 -3.46 1.98 -6.23
N LEU A 71 -2.57 1.21 -5.68
CA LEU A 71 -2.32 -0.15 -6.22
C LEU A 71 -3.57 -0.99 -6.01
N VAL A 72 -4.36 -0.62 -5.04
CA VAL A 72 -5.63 -1.34 -4.77
C VAL A 72 -6.76 -0.71 -5.56
N TYR A 73 -6.99 0.56 -5.34
CA TYR A 73 -8.09 1.27 -6.06
C TYR A 73 -8.02 1.02 -7.57
N CYS A 74 -6.87 0.65 -8.08
CA CYS A 74 -6.77 0.41 -9.55
C CYS A 74 -7.19 -1.02 -9.89
N ALA A 75 -7.33 -1.85 -8.90
CA ALA A 75 -7.76 -3.25 -9.18
C ALA A 75 -9.27 -3.34 -9.14
N LEU A 76 -9.92 -2.36 -8.57
CA LEU A 76 -11.40 -2.40 -8.51
C LEU A 76 -11.98 -1.72 -9.73
N GLU A 77 -11.39 -0.64 -10.14
CA GLU A 77 -11.91 0.07 -11.34
C GLU A 77 -11.63 -0.74 -12.59
N LYS A 78 -10.37 -0.98 -12.86
CA LYS A 78 -10.01 -1.77 -14.08
C LYS A 78 -8.48 -1.87 -14.22
N GLU A 79 -7.82 -2.57 -13.36
CA GLU A 79 -6.33 -2.67 -13.48
C GLU A 79 -5.76 -3.59 -12.39
N PRO A 80 -5.36 -4.76 -12.80
CA PRO A 80 -4.78 -5.75 -11.86
C PRO A 80 -3.44 -5.23 -11.32
N VAL A 81 -2.78 -5.99 -10.49
CA VAL A 81 -1.49 -5.52 -9.92
C VAL A 81 -0.35 -6.49 -10.28
N PRO A 82 0.71 -5.93 -10.79
CA PRO A 82 1.89 -6.73 -11.15
C PRO A 82 2.79 -6.94 -9.94
N MET A 83 3.97 -7.46 -10.13
CA MET A 83 4.89 -7.66 -8.96
C MET A 83 6.13 -6.79 -9.13
N SER A 84 6.11 -5.84 -10.01
CA SER A 84 7.33 -5.02 -10.20
C SER A 84 7.12 -3.59 -9.74
N LEU A 85 7.63 -3.27 -8.60
CA LEU A 85 7.50 -1.88 -8.09
C LEU A 85 8.00 -0.90 -9.16
N PRO A 86 7.08 -0.20 -9.76
CA PRO A 86 7.45 0.76 -10.82
C PRO A 86 8.29 1.91 -10.24
N PRO A 87 9.23 2.35 -11.04
CA PRO A 87 10.17 3.43 -10.63
C PRO A 87 9.48 4.79 -10.60
N ALA A 88 8.23 4.84 -10.87
CA ALA A 88 7.50 6.14 -10.84
C ALA A 88 6.64 6.18 -9.58
N LEU A 89 6.42 5.04 -9.01
CA LEU A 89 5.61 4.94 -7.77
C LEU A 89 6.53 5.03 -6.55
N VAL A 90 7.80 4.84 -6.74
CA VAL A 90 8.74 4.91 -5.58
C VAL A 90 8.96 6.35 -5.15
N PRO A 91 9.00 6.54 -3.86
CA PRO A 91 9.21 7.89 -3.28
C PRO A 91 10.65 8.35 -3.50
N PRO A 92 10.89 9.59 -3.18
CA PRO A 92 12.26 10.17 -3.35
C PRO A 92 13.21 9.61 -2.30
N SER A 93 12.69 9.03 -1.25
CA SER A 93 13.57 8.46 -0.20
C SER A 93 14.25 7.20 -0.73
N LYS A 94 13.80 6.71 -1.85
CA LYS A 94 14.43 5.49 -2.43
C LYS A 94 15.59 5.89 -3.35
N ARG A 95 15.77 7.18 -3.56
CA ARG A 95 16.87 7.65 -4.45
C ARG A 95 18.17 7.79 -3.65
N SER B 6 11.52 -10.88 3.33
CA SER B 6 10.26 -10.27 2.84
C SER B 6 9.05 -11.05 3.35
N THR B 7 8.06 -10.38 3.88
CA THR B 7 6.86 -11.10 4.40
C THR B 7 5.58 -10.39 3.96
N ASN B 8 4.58 -11.13 3.58
CA ASN B 8 3.30 -10.50 3.14
C ASN B 8 2.12 -11.10 3.92
N PRO B 9 1.21 -10.25 4.29
CA PRO B 9 0.02 -10.69 5.06
C PRO B 9 -1.02 -11.37 4.17
N PHE B 10 -0.71 -11.59 2.91
CA PHE B 10 -1.71 -12.26 2.02
C PHE B 10 -1.09 -13.50 1.37
N LEU B 11 0.18 -13.47 1.09
CA LEU B 11 0.84 -14.65 0.45
C LEU B 11 1.12 -15.72 1.51
CA CA C . 7.04 -1.04 5.04
N PRO A 1 8.24 12.07 -11.54
CA PRO A 1 7.22 12.31 -10.49
C PRO A 1 6.81 11.00 -9.84
N TRP A 2 5.83 11.02 -8.98
CA TRP A 2 5.40 9.76 -8.31
C TRP A 2 3.99 9.38 -8.76
N ALA A 3 3.80 8.13 -9.10
CA ALA A 3 2.45 7.66 -9.55
C ALA A 3 1.35 8.22 -8.66
N VAL A 4 1.62 8.35 -7.39
CA VAL A 4 0.60 8.88 -6.45
C VAL A 4 0.64 10.41 -6.43
N LYS A 5 -0.42 11.04 -6.00
CA LYS A 5 -0.44 12.52 -5.97
C LYS A 5 -0.55 13.02 -4.52
N PRO A 6 -0.54 14.32 -4.37
CA PRO A 6 -0.66 14.93 -3.03
C PRO A 6 -2.08 14.72 -2.49
N GLU A 7 -3.05 14.75 -3.35
CA GLU A 7 -4.46 14.57 -2.90
C GLU A 7 -4.74 13.08 -2.66
N ASP A 8 -4.02 12.21 -3.34
CA ASP A 8 -4.24 10.76 -3.13
C ASP A 8 -3.47 10.31 -1.89
N LYS A 9 -2.37 10.95 -1.62
CA LYS A 9 -1.59 10.59 -0.41
C LYS A 9 -2.29 11.17 0.82
N ALA A 10 -3.24 12.04 0.61
CA ALA A 10 -3.98 12.64 1.75
C ALA A 10 -5.08 11.68 2.18
N LYS A 11 -5.73 11.06 1.23
CA LYS A 11 -6.80 10.09 1.59
C LYS A 11 -6.14 8.81 2.10
N TYR A 12 -4.94 8.54 1.66
CA TYR A 12 -4.21 7.33 2.14
C TYR A 12 -3.78 7.56 3.59
N ASP A 13 -3.44 8.77 3.92
CA ASP A 13 -3.00 9.09 5.32
C ASP A 13 -4.19 9.07 6.26
N ALA A 14 -5.38 9.01 5.72
CA ALA A 14 -6.59 8.96 6.60
C ALA A 14 -6.90 7.49 6.84
N ILE A 15 -6.60 6.70 5.86
CA ILE A 15 -6.81 5.24 5.97
C ILE A 15 -5.61 4.65 6.72
N PHE A 16 -4.46 5.22 6.49
CA PHE A 16 -3.24 4.74 7.19
C PHE A 16 -3.32 5.17 8.64
N ASP A 17 -3.83 6.35 8.89
CA ASP A 17 -3.95 6.85 10.28
C ASP A 17 -5.30 6.40 10.87
N SER A 18 -6.06 5.65 10.12
CA SER A 18 -7.37 5.15 10.64
C SER A 18 -7.14 3.82 11.34
N LEU A 19 -5.95 3.31 11.23
CA LEU A 19 -5.62 2.00 11.89
C LEU A 19 -4.71 2.26 13.09
N SER A 20 -4.26 3.48 13.23
CA SER A 20 -3.34 3.85 14.37
C SER A 20 -1.89 3.54 13.97
N PRO A 21 -1.22 4.55 13.48
CA PRO A 21 0.19 4.40 13.04
C PRO A 21 1.11 4.26 14.25
N VAL A 22 2.17 3.53 14.10
CA VAL A 22 3.13 3.35 15.22
C VAL A 22 4.44 4.03 14.88
N ASN A 23 4.62 5.23 15.34
CA ASN A 23 5.87 5.98 15.01
C ASN A 23 5.92 6.27 13.51
N GLY A 24 4.83 6.03 12.83
CA GLY A 24 4.79 6.29 11.36
C GLY A 24 4.78 4.96 10.60
N PHE A 25 4.23 3.93 11.19
CA PHE A 25 4.19 2.62 10.50
C PHE A 25 2.88 1.88 10.74
N LEU A 26 2.39 1.23 9.74
CA LEU A 26 1.14 0.43 9.89
C LEU A 26 1.50 -1.04 9.76
N SER A 27 0.94 -1.88 10.55
CA SER A 27 1.28 -3.32 10.45
C SER A 27 0.31 -4.02 9.52
N GLY A 28 0.78 -4.98 8.78
CA GLY A 28 -0.12 -5.72 7.85
C GLY A 28 -1.45 -6.00 8.57
N ASP A 29 -1.40 -6.10 9.88
CA ASP A 29 -2.64 -6.36 10.65
C ASP A 29 -3.62 -5.19 10.48
N LYS A 30 -3.11 -4.01 10.20
CA LYS A 30 -4.01 -2.84 10.00
C LYS A 30 -4.27 -2.69 8.50
N VAL A 31 -3.27 -2.98 7.72
CA VAL A 31 -3.45 -2.87 6.24
C VAL A 31 -4.22 -4.08 5.71
N LYS A 32 -3.82 -5.26 6.10
CA LYS A 32 -4.50 -6.50 5.62
C LYS A 32 -6.01 -6.26 5.45
N PRO A 33 -6.66 -5.85 6.52
CA PRO A 33 -8.11 -5.58 6.47
C PRO A 33 -8.40 -4.40 5.56
N VAL A 34 -7.54 -3.42 5.56
CA VAL A 34 -7.75 -2.23 4.70
C VAL A 34 -7.72 -2.64 3.21
N LEU A 35 -6.95 -3.64 2.88
CA LEU A 35 -6.89 -4.07 1.46
C LEU A 35 -7.96 -5.12 1.18
N LEU A 36 -8.38 -5.84 2.19
CA LEU A 36 -9.43 -6.86 1.98
C LEU A 36 -10.78 -6.16 1.81
N ASN A 37 -10.82 -4.89 2.11
CA ASN A 37 -12.09 -4.14 1.96
C ASN A 37 -12.25 -3.67 0.52
N SER A 38 -11.23 -3.83 -0.27
CA SER A 38 -11.30 -3.40 -1.70
C SER A 38 -11.95 -4.49 -2.56
N LYS A 39 -12.59 -5.44 -1.93
CA LYS A 39 -13.24 -6.54 -2.72
C LYS A 39 -12.19 -7.25 -3.58
N LEU A 40 -10.94 -7.14 -3.22
CA LEU A 40 -9.88 -7.81 -4.01
C LEU A 40 -9.46 -9.12 -3.34
N PRO A 41 -9.00 -10.03 -4.13
CA PRO A 41 -8.56 -11.33 -3.60
C PRO A 41 -7.19 -11.18 -2.90
N VAL A 42 -6.68 -12.25 -2.35
CA VAL A 42 -5.37 -12.20 -1.66
C VAL A 42 -4.25 -12.13 -2.70
N ASP A 43 -4.59 -12.19 -3.96
CA ASP A 43 -3.55 -12.13 -5.01
C ASP A 43 -3.22 -10.67 -5.31
N ILE A 44 -4.19 -9.80 -5.22
CA ILE A 44 -3.92 -8.36 -5.45
C ILE A 44 -3.32 -7.76 -4.19
N LEU A 45 -3.85 -8.17 -3.07
CA LEU A 45 -3.33 -7.65 -1.78
C LEU A 45 -1.95 -8.27 -1.53
N GLY A 46 -1.72 -9.43 -2.06
CA GLY A 46 -0.40 -10.09 -1.88
C GLY A 46 0.63 -9.28 -2.68
N ARG A 47 0.16 -8.62 -3.69
CA ARG A 47 1.06 -7.80 -4.53
C ARG A 47 0.92 -6.33 -4.15
N VAL A 48 -0.24 -5.92 -3.73
CA VAL A 48 -0.41 -4.50 -3.34
C VAL A 48 0.40 -4.22 -2.08
N TRP A 49 0.48 -5.16 -1.18
CA TRP A 49 1.28 -4.91 0.05
C TRP A 49 2.77 -5.03 -0.28
N GLU A 50 3.18 -6.10 -0.92
CA GLU A 50 4.63 -6.25 -1.22
C GLU A 50 5.09 -5.06 -2.05
N LEU A 51 4.44 -4.84 -3.15
CA LEU A 51 4.81 -3.68 -4.01
C LEU A 51 4.64 -2.40 -3.19
N SER A 52 3.92 -2.48 -2.10
CA SER A 52 3.74 -1.29 -1.21
C SER A 52 4.79 -1.33 -0.11
N ASP A 53 5.26 -2.52 0.19
CA ASP A 53 6.29 -2.68 1.26
C ASP A 53 7.65 -2.19 0.74
N ILE A 54 8.02 -0.99 1.09
CA ILE A 54 9.33 -0.47 0.61
C ILE A 54 10.45 -0.88 1.56
N ASP A 55 10.17 -0.91 2.84
CA ASP A 55 11.22 -1.31 3.82
C ASP A 55 11.07 -2.81 4.17
N HIS A 56 9.97 -3.39 3.79
CA HIS A 56 9.74 -4.85 4.09
C HIS A 56 9.81 -5.12 5.59
N ASP A 57 9.18 -4.31 6.39
CA ASP A 57 9.20 -4.56 7.86
C ASP A 57 7.84 -5.08 8.32
N GLY A 58 7.13 -5.76 7.45
CA GLY A 58 5.79 -6.27 7.84
C GLY A 58 4.89 -5.09 8.20
N MET A 59 5.12 -3.96 7.58
CA MET A 59 4.27 -2.77 7.88
C MET A 59 4.19 -1.83 6.68
N LEU A 60 3.21 -0.98 6.65
CA LEU A 60 3.09 -0.01 5.53
C LEU A 60 3.24 1.39 6.09
N ASP A 61 4.38 2.00 5.91
CA ASP A 61 4.59 3.37 6.46
C ASP A 61 3.71 4.37 5.71
N ARG A 62 3.40 5.48 6.33
CA ARG A 62 2.54 6.51 5.66
C ARG A 62 2.83 6.59 4.16
N ASP A 63 4.07 6.50 3.79
CA ASP A 63 4.42 6.57 2.34
C ASP A 63 4.21 5.21 1.69
N GLU A 64 4.46 4.15 2.40
CA GLU A 64 4.26 2.79 1.82
C GLU A 64 2.77 2.51 1.74
N PHE A 65 2.04 2.85 2.76
CA PHE A 65 0.57 2.62 2.74
C PHE A 65 -0.03 3.38 1.57
N ALA A 66 0.66 4.40 1.11
CA ALA A 66 0.14 5.19 -0.03
C ALA A 66 0.28 4.39 -1.33
N VAL A 67 1.44 3.85 -1.56
CA VAL A 67 1.65 3.05 -2.80
C VAL A 67 0.64 1.89 -2.83
N ALA A 68 0.22 1.44 -1.68
CA ALA A 68 -0.76 0.31 -1.63
C ALA A 68 -2.20 0.81 -1.61
N MET A 69 -2.41 2.09 -1.50
CA MET A 69 -3.81 2.62 -1.48
C MET A 69 -4.33 2.74 -2.90
N PHE A 70 -3.57 3.37 -3.75
CA PHE A 70 -4.02 3.48 -5.15
C PHE A 70 -3.88 2.08 -5.77
N LEU A 71 -2.88 1.35 -5.33
CA LEU A 71 -2.68 -0.03 -5.84
C LEU A 71 -3.92 -0.85 -5.53
N VAL A 72 -4.69 -0.42 -4.57
CA VAL A 72 -5.92 -1.14 -4.21
C VAL A 72 -7.08 -0.57 -5.01
N TYR A 73 -7.41 0.66 -4.77
CA TYR A 73 -8.54 1.28 -5.51
C TYR A 73 -8.33 1.18 -7.03
N CYS A 74 -7.11 0.95 -7.45
CA CYS A 74 -6.87 0.82 -8.92
C CYS A 74 -7.14 -0.61 -9.37
N ALA A 75 -7.31 -1.51 -8.44
CA ALA A 75 -7.60 -2.92 -8.82
C ALA A 75 -9.11 -3.11 -8.95
N LEU A 76 -9.87 -2.24 -8.36
CA LEU A 76 -11.36 -2.36 -8.44
C LEU A 76 -11.87 -1.58 -9.64
N GLU A 77 -11.29 -0.45 -9.90
CA GLU A 77 -11.75 0.37 -11.05
C GLU A 77 -11.39 -0.32 -12.36
N LYS A 78 -10.12 -0.52 -12.59
CA LYS A 78 -9.70 -1.20 -13.86
C LYS A 78 -8.17 -1.28 -13.94
N GLU A 79 -7.49 -1.47 -12.85
CA GLU A 79 -6.00 -1.54 -12.93
C GLU A 79 -5.46 -2.63 -11.99
N PRO A 80 -4.99 -3.68 -12.59
CA PRO A 80 -4.43 -4.82 -11.81
C PRO A 80 -3.08 -4.41 -11.19
N VAL A 81 -2.34 -5.36 -10.71
CA VAL A 81 -1.03 -5.03 -10.08
C VAL A 81 0.09 -5.83 -10.76
N PRO A 82 1.26 -5.23 -10.81
CA PRO A 82 2.42 -5.89 -11.44
C PRO A 82 3.08 -6.84 -10.44
N MET A 83 4.29 -7.23 -10.69
CA MET A 83 4.97 -8.17 -9.76
C MET A 83 6.28 -7.59 -9.23
N SER A 84 6.55 -6.33 -9.45
CA SER A 84 7.84 -5.78 -8.94
C SER A 84 7.83 -4.27 -8.88
N LEU A 85 6.69 -3.70 -8.86
CA LEU A 85 6.58 -2.23 -8.78
C LEU A 85 7.28 -1.55 -9.97
N PRO A 86 6.52 -0.79 -10.69
CA PRO A 86 7.07 -0.05 -11.86
C PRO A 86 8.03 1.03 -11.35
N PRO A 87 8.74 1.64 -12.26
CA PRO A 87 9.73 2.69 -11.88
C PRO A 87 9.04 3.98 -11.42
N ALA A 88 7.79 4.17 -11.74
CA ALA A 88 7.10 5.41 -11.30
C ALA A 88 6.34 5.18 -10.00
N LEU A 89 6.53 4.04 -9.37
CA LEU A 89 5.78 3.77 -8.12
C LEU A 89 6.72 3.57 -6.93
N VAL A 90 7.86 4.21 -6.94
CA VAL A 90 8.81 4.06 -5.80
C VAL A 90 9.36 5.43 -5.42
N PRO A 91 9.60 5.59 -4.15
CA PRO A 91 10.15 6.87 -3.65
C PRO A 91 11.55 7.11 -4.22
N PRO A 92 12.07 8.27 -3.98
CA PRO A 92 13.41 8.65 -4.49
C PRO A 92 14.50 7.83 -3.80
N SER A 93 14.15 7.06 -2.81
CA SER A 93 15.19 6.24 -2.12
C SER A 93 15.29 4.88 -2.79
N LYS A 94 14.20 4.41 -3.33
CA LYS A 94 14.23 3.10 -4.03
C LYS A 94 14.33 3.34 -5.53
N ARG A 95 14.67 4.54 -5.92
CA ARG A 95 14.78 4.86 -7.37
C ARG A 95 15.69 3.84 -8.08
N SER B 6 6.43 -15.31 7.39
CA SER B 6 6.23 -14.69 6.06
C SER B 6 6.38 -13.17 6.15
N THR B 7 6.38 -12.49 5.03
CA THR B 7 6.53 -11.00 5.07
C THR B 7 5.25 -10.33 4.54
N ASN B 8 4.31 -11.11 4.08
CA ASN B 8 3.05 -10.52 3.54
C ASN B 8 1.84 -11.16 4.23
N PRO B 9 0.88 -10.33 4.56
CA PRO B 9 -0.34 -10.81 5.23
C PRO B 9 -1.24 -11.58 4.26
N PHE B 10 -1.06 -11.37 2.97
CA PHE B 10 -1.90 -12.10 1.97
C PHE B 10 -1.12 -13.30 1.44
N LEU B 11 -0.16 -13.78 2.18
CA LEU B 11 0.64 -14.96 1.71
C LEU B 11 0.51 -16.10 2.71
CA CA C . 7.58 -1.39 5.01
N PRO A 1 7.13 12.40 -11.98
CA PRO A 1 6.52 12.67 -10.65
C PRO A 1 6.24 11.35 -9.93
N TRP A 2 5.52 11.40 -8.83
CA TRP A 2 5.22 10.14 -8.10
C TRP A 2 3.90 9.54 -8.57
N ALA A 3 3.91 8.30 -8.96
CA ALA A 3 2.64 7.65 -9.44
C ALA A 3 1.47 8.06 -8.55
N VAL A 4 1.72 8.30 -7.29
CA VAL A 4 0.61 8.69 -6.38
C VAL A 4 0.39 10.21 -6.43
N LYS A 5 -0.77 10.66 -6.07
CA LYS A 5 -1.04 12.13 -6.10
C LYS A 5 -1.17 12.67 -4.67
N PRO A 6 -1.13 13.97 -4.55
CA PRO A 6 -1.27 14.61 -3.23
C PRO A 6 -2.69 14.42 -2.70
N GLU A 7 -3.65 14.41 -3.58
CA GLU A 7 -5.05 14.21 -3.16
C GLU A 7 -5.26 12.73 -2.82
N ASP A 8 -4.50 11.86 -3.42
CA ASP A 8 -4.63 10.41 -3.13
C ASP A 8 -3.87 10.11 -1.86
N LYS A 9 -2.70 10.68 -1.71
CA LYS A 9 -1.92 10.44 -0.48
C LYS A 9 -2.67 11.04 0.71
N ALA A 10 -3.49 12.03 0.46
CA ALA A 10 -4.26 12.66 1.57
C ALA A 10 -5.27 11.65 2.10
N LYS A 11 -5.96 10.97 1.23
CA LYS A 11 -6.94 9.95 1.70
C LYS A 11 -6.15 8.74 2.21
N TYR A 12 -4.98 8.52 1.67
CA TYR A 12 -4.15 7.38 2.14
C TYR A 12 -3.69 7.67 3.56
N ASP A 13 -3.38 8.91 3.83
CA ASP A 13 -2.91 9.28 5.20
C ASP A 13 -4.08 9.29 6.18
N ALA A 14 -5.29 9.25 5.69
CA ALA A 14 -6.45 9.22 6.61
C ALA A 14 -6.80 7.76 6.85
N ILE A 15 -6.55 6.95 5.85
CA ILE A 15 -6.80 5.50 5.97
C ILE A 15 -5.61 4.89 6.71
N PHE A 16 -4.44 5.44 6.52
CA PHE A 16 -3.24 4.92 7.21
C PHE A 16 -3.33 5.31 8.69
N ASP A 17 -3.84 6.48 8.96
CA ASP A 17 -3.98 6.94 10.37
C ASP A 17 -5.33 6.49 10.93
N SER A 18 -6.10 5.79 10.14
CA SER A 18 -7.42 5.30 10.64
C SER A 18 -7.23 3.94 11.30
N LEU A 19 -6.05 3.39 11.18
CA LEU A 19 -5.75 2.06 11.80
C LEU A 19 -4.82 2.28 12.99
N SER A 20 -4.37 3.49 13.17
CA SER A 20 -3.43 3.80 14.29
C SER A 20 -2.01 3.38 13.90
N PRO A 21 -1.28 4.33 13.39
CA PRO A 21 0.10 4.07 12.95
C PRO A 21 1.05 3.95 14.14
N VAL A 22 2.10 3.21 13.98
CA VAL A 22 3.07 3.04 15.08
C VAL A 22 4.42 3.59 14.65
N ASN A 23 4.89 4.63 15.28
CA ASN A 23 6.19 5.21 14.87
C ASN A 23 6.13 5.60 13.39
N GLY A 24 4.94 5.73 12.86
CA GLY A 24 4.78 6.09 11.42
C GLY A 24 4.69 4.83 10.57
N PHE A 25 4.02 3.82 11.07
CA PHE A 25 3.92 2.55 10.30
C PHE A 25 2.63 1.80 10.60
N LEU A 26 2.12 1.12 9.63
CA LEU A 26 0.89 0.31 9.85
C LEU A 26 1.27 -1.15 9.72
N SER A 27 0.83 -1.98 10.60
CA SER A 27 1.18 -3.41 10.49
C SER A 27 0.25 -4.11 9.52
N GLY A 28 0.73 -5.09 8.82
CA GLY A 28 -0.14 -5.82 7.86
C GLY A 28 -1.48 -6.10 8.55
N ASP A 29 -1.46 -6.18 9.85
CA ASP A 29 -2.72 -6.45 10.60
C ASP A 29 -3.69 -5.28 10.42
N LYS A 30 -3.18 -4.11 10.12
CA LYS A 30 -4.08 -2.94 9.91
C LYS A 30 -4.28 -2.76 8.42
N VAL A 31 -3.28 -3.10 7.64
CA VAL A 31 -3.42 -2.96 6.17
C VAL A 31 -4.13 -4.20 5.59
N LYS A 32 -3.74 -5.37 6.01
CA LYS A 32 -4.38 -6.61 5.48
C LYS A 32 -5.90 -6.41 5.38
N PRO A 33 -6.52 -5.95 6.44
CA PRO A 33 -7.98 -5.72 6.41
C PRO A 33 -8.29 -4.54 5.49
N VAL A 34 -7.42 -3.57 5.47
CA VAL A 34 -7.62 -2.38 4.60
C VAL A 34 -7.61 -2.83 3.13
N LEU A 35 -6.79 -3.79 2.80
CA LEU A 35 -6.72 -4.28 1.40
C LEU A 35 -7.83 -5.30 1.16
N LEU A 36 -8.33 -5.89 2.21
CA LEU A 36 -9.42 -6.88 2.05
C LEU A 36 -10.75 -6.14 1.86
N ASN A 37 -10.75 -4.87 2.13
CA ASN A 37 -12.01 -4.10 1.96
C ASN A 37 -12.11 -3.54 0.54
N SER A 38 -11.09 -3.75 -0.25
CA SER A 38 -11.13 -3.23 -1.65
C SER A 38 -11.82 -4.23 -2.57
N LYS A 39 -12.55 -5.15 -2.00
CA LYS A 39 -13.25 -6.16 -2.85
C LYS A 39 -12.22 -6.95 -3.66
N LEU A 40 -10.97 -6.88 -3.28
CA LEU A 40 -9.91 -7.62 -4.02
C LEU A 40 -9.55 -8.91 -3.30
N PRO A 41 -9.10 -9.86 -4.06
CA PRO A 41 -8.68 -11.16 -3.49
C PRO A 41 -7.31 -11.03 -2.81
N VAL A 42 -6.91 -12.03 -2.08
CA VAL A 42 -5.60 -11.99 -1.38
C VAL A 42 -4.47 -12.07 -2.41
N ASP A 43 -4.81 -12.27 -3.65
CA ASP A 43 -3.77 -12.34 -4.70
C ASP A 43 -3.33 -10.93 -5.08
N ILE A 44 -4.24 -9.99 -5.03
CA ILE A 44 -3.86 -8.60 -5.38
C ILE A 44 -3.24 -7.95 -4.15
N LEU A 45 -3.82 -8.21 -3.01
CA LEU A 45 -3.27 -7.64 -1.75
C LEU A 45 -1.92 -8.28 -1.46
N GLY A 46 -1.72 -9.49 -1.91
CA GLY A 46 -0.42 -10.15 -1.67
C GLY A 46 0.62 -9.46 -2.53
N ARG A 47 0.18 -8.86 -3.59
CA ARG A 47 1.11 -8.14 -4.49
C ARG A 47 1.04 -6.63 -4.23
N VAL A 48 -0.11 -6.13 -3.84
CA VAL A 48 -0.19 -4.67 -3.59
C VAL A 48 0.61 -4.34 -2.35
N TRP A 49 0.59 -5.20 -1.37
CA TRP A 49 1.38 -4.92 -0.14
C TRP A 49 2.88 -4.98 -0.46
N GLU A 50 3.31 -6.05 -1.07
CA GLU A 50 4.77 -6.18 -1.38
C GLU A 50 5.26 -4.93 -2.08
N LEU A 51 4.72 -4.62 -3.23
CA LEU A 51 5.15 -3.38 -3.94
C LEU A 51 4.84 -2.17 -3.06
N SER A 52 4.05 -2.37 -2.03
CA SER A 52 3.71 -1.26 -1.10
C SER A 52 4.67 -1.24 0.09
N ASP A 53 5.20 -2.37 0.45
CA ASP A 53 6.14 -2.43 1.61
C ASP A 53 7.53 -1.93 1.17
N ILE A 54 7.66 -0.66 0.92
CA ILE A 54 8.98 -0.11 0.49
C ILE A 54 10.09 -0.64 1.41
N ASP A 55 9.80 -0.84 2.66
CA ASP A 55 10.84 -1.35 3.60
C ASP A 55 10.76 -2.87 3.70
N HIS A 56 9.62 -3.43 3.44
CA HIS A 56 9.47 -4.92 3.52
C HIS A 56 9.69 -5.39 4.96
N ASP A 57 9.08 -4.72 5.91
CA ASP A 57 9.27 -5.13 7.34
C ASP A 57 7.96 -5.71 7.89
N GLY A 58 6.93 -5.76 7.10
CA GLY A 58 5.63 -6.31 7.60
C GLY A 58 4.73 -5.16 8.04
N MET A 59 5.01 -3.95 7.60
CA MET A 59 4.17 -2.78 7.99
C MET A 59 4.16 -1.75 6.86
N LEU A 60 3.20 -0.85 6.86
CA LEU A 60 3.15 0.20 5.80
C LEU A 60 3.27 1.60 6.41
N ASP A 61 4.32 2.31 6.09
CA ASP A 61 4.49 3.68 6.65
C ASP A 61 3.48 4.63 6.05
N ARG A 62 3.35 5.81 6.59
CA ARG A 62 2.36 6.78 6.02
C ARG A 62 2.61 6.96 4.51
N ASP A 63 3.85 6.96 4.12
CA ASP A 63 4.17 7.11 2.67
C ASP A 63 4.12 5.75 2.00
N GLU A 64 4.42 4.71 2.75
CA GLU A 64 4.36 3.34 2.16
C GLU A 64 2.91 2.92 2.02
N PHE A 65 2.13 3.13 3.04
CA PHE A 65 0.70 2.77 2.95
C PHE A 65 0.07 3.54 1.80
N ALA A 66 0.67 4.63 1.42
CA ALA A 66 0.11 5.42 0.29
C ALA A 66 0.24 4.63 -1.00
N VAL A 67 1.41 4.13 -1.26
CA VAL A 67 1.63 3.33 -2.49
C VAL A 67 0.67 2.14 -2.54
N ALA A 68 0.23 1.69 -1.40
CA ALA A 68 -0.69 0.53 -1.36
C ALA A 68 -2.15 0.95 -1.55
N MET A 69 -2.43 2.23 -1.58
CA MET A 69 -3.86 2.64 -1.75
C MET A 69 -4.18 2.79 -3.24
N PHE A 70 -3.29 3.35 -4.00
CA PHE A 70 -3.57 3.48 -5.46
C PHE A 70 -3.36 2.12 -6.11
N LEU A 71 -2.64 1.25 -5.45
CA LEU A 71 -2.42 -0.12 -6.00
C LEU A 71 -3.68 -0.94 -5.76
N VAL A 72 -4.45 -0.58 -4.77
CA VAL A 72 -5.70 -1.31 -4.46
C VAL A 72 -6.88 -0.67 -5.21
N TYR A 73 -6.86 0.62 -5.39
CA TYR A 73 -7.98 1.29 -6.11
C TYR A 73 -7.88 1.03 -7.61
N CYS A 74 -6.69 0.78 -8.10
CA CYS A 74 -6.54 0.51 -9.55
C CYS A 74 -6.92 -0.93 -9.85
N ALA A 75 -7.00 -1.75 -8.83
CA ALA A 75 -7.40 -3.16 -9.05
C ALA A 75 -8.92 -3.27 -8.99
N LEU A 76 -9.56 -2.20 -8.59
CA LEU A 76 -11.05 -2.22 -8.50
C LEU A 76 -11.63 -1.77 -9.82
N GLU A 77 -11.09 -0.72 -10.38
CA GLU A 77 -11.60 -0.21 -11.67
C GLU A 77 -11.24 -1.17 -12.78
N LYS A 78 -10.00 -1.54 -12.89
CA LYS A 78 -9.60 -2.48 -13.97
C LYS A 78 -8.09 -2.73 -13.97
N GLU A 79 -7.32 -1.78 -13.50
CA GLU A 79 -5.84 -1.95 -13.50
C GLU A 79 -5.41 -3.04 -12.52
N PRO A 80 -4.91 -4.11 -13.06
CA PRO A 80 -4.44 -5.25 -12.23
C PRO A 80 -3.17 -4.83 -11.49
N VAL A 81 -2.57 -5.73 -10.76
CA VAL A 81 -1.33 -5.36 -10.01
C VAL A 81 -0.20 -6.36 -10.30
N PRO A 82 0.88 -5.85 -10.81
CA PRO A 82 2.05 -6.69 -11.12
C PRO A 82 2.90 -6.85 -9.85
N MET A 83 3.98 -7.57 -9.92
CA MET A 83 4.83 -7.73 -8.71
C MET A 83 6.10 -6.89 -8.82
N SER A 84 6.17 -6.01 -9.78
CA SER A 84 7.42 -5.23 -9.93
C SER A 84 7.21 -3.77 -9.57
N LEU A 85 7.68 -3.40 -8.43
CA LEU A 85 7.55 -1.97 -7.99
C LEU A 85 8.15 -1.04 -9.04
N PRO A 86 7.29 -0.37 -9.76
CA PRO A 86 7.75 0.57 -10.82
C PRO A 86 8.44 1.79 -10.19
N PRO A 87 9.46 2.25 -10.86
CA PRO A 87 10.23 3.43 -10.37
C PRO A 87 9.42 4.73 -10.52
N ALA A 88 8.27 4.64 -11.13
CA ALA A 88 7.42 5.86 -11.29
C ALA A 88 6.54 6.05 -10.06
N LEU A 89 6.59 5.11 -9.16
CA LEU A 89 5.76 5.19 -7.94
C LEU A 89 6.65 5.14 -6.69
N VAL A 90 7.94 5.01 -6.88
CA VAL A 90 8.86 4.93 -5.72
C VAL A 90 9.42 6.32 -5.38
N PRO A 91 9.43 6.61 -4.10
CA PRO A 91 9.95 7.92 -3.64
C PRO A 91 11.47 7.96 -3.76
N PRO A 92 12.01 9.15 -3.73
CA PRO A 92 13.47 9.33 -3.85
C PRO A 92 14.19 8.83 -2.59
N SER A 93 13.45 8.40 -1.61
CA SER A 93 14.11 7.90 -0.36
C SER A 93 14.58 6.47 -0.58
N LYS A 94 13.91 5.73 -1.40
CA LYS A 94 14.33 4.33 -1.67
C LYS A 94 15.22 4.30 -2.91
N ARG A 95 15.68 5.44 -3.34
CA ARG A 95 16.54 5.48 -4.55
C ARG A 95 18.00 5.68 -4.17
N SER B 6 8.98 -12.14 1.26
CA SER B 6 8.49 -10.75 1.54
C SER B 6 7.43 -10.78 2.65
N THR B 7 7.50 -9.85 3.57
CA THR B 7 6.50 -9.82 4.67
C THR B 7 5.10 -9.57 4.10
N ASN B 8 4.47 -10.59 3.59
CA ASN B 8 3.10 -10.40 3.01
C ASN B 8 2.06 -11.17 3.83
N PRO B 9 1.08 -10.45 4.30
CA PRO B 9 0.00 -11.07 5.10
C PRO B 9 -1.00 -11.82 4.20
N PHE B 10 -0.90 -11.66 2.92
CA PHE B 10 -1.83 -12.37 1.99
C PHE B 10 -1.16 -13.61 1.40
N LEU B 11 0.12 -13.56 1.19
CA LEU B 11 0.84 -14.74 0.62
C LEU B 11 1.30 -15.67 1.74
CA CA C . 7.43 -0.86 5.60
N PRO A 1 6.49 11.96 -11.33
CA PRO A 1 6.83 11.92 -9.89
C PRO A 1 6.20 10.70 -9.22
N TRP A 2 6.16 10.67 -7.92
CA TRP A 2 5.57 9.50 -7.22
C TRP A 2 4.18 9.20 -7.76
N ALA A 3 3.96 8.00 -8.23
CA ALA A 3 2.62 7.65 -8.78
C ALA A 3 1.53 8.18 -7.84
N VAL A 4 1.85 8.35 -6.58
CA VAL A 4 0.84 8.84 -5.62
C VAL A 4 1.01 10.36 -5.42
N LYS A 5 -0.05 11.09 -5.60
CA LYS A 5 0.03 12.57 -5.44
C LYS A 5 -0.40 12.96 -4.02
N PRO A 6 -0.39 14.24 -3.75
CA PRO A 6 -0.80 14.74 -2.41
C PRO A 6 -2.29 14.45 -2.18
N GLU A 7 -3.09 14.58 -3.21
CA GLU A 7 -4.54 14.28 -3.05
C GLU A 7 -4.73 12.81 -2.76
N ASP A 8 -3.89 11.98 -3.33
CA ASP A 8 -4.00 10.52 -3.06
C ASP A 8 -3.28 10.22 -1.75
N LYS A 9 -2.14 10.85 -1.57
CA LYS A 9 -1.37 10.65 -0.31
C LYS A 9 -2.14 11.26 0.86
N ALA A 10 -3.10 12.10 0.56
CA ALA A 10 -3.90 12.73 1.64
C ALA A 10 -5.02 11.78 2.07
N LYS A 11 -5.61 11.11 1.13
CA LYS A 11 -6.68 10.14 1.47
C LYS A 11 -6.04 8.83 1.93
N TYR A 12 -4.81 8.62 1.55
CA TYR A 12 -4.09 7.39 1.97
C TYR A 12 -3.55 7.59 3.38
N ASP A 13 -3.14 8.79 3.68
CA ASP A 13 -2.59 9.08 5.04
C ASP A 13 -3.73 9.20 6.05
N ALA A 14 -4.94 9.21 5.58
CA ALA A 14 -6.09 9.30 6.52
C ALA A 14 -6.54 7.88 6.81
N ILE A 15 -6.38 7.02 5.86
CA ILE A 15 -6.74 5.61 6.04
C ILE A 15 -5.60 4.94 6.81
N PHE A 16 -4.40 5.36 6.55
CA PHE A 16 -3.23 4.79 7.25
C PHE A 16 -3.30 5.18 8.73
N ASP A 17 -3.81 6.36 9.01
CA ASP A 17 -3.92 6.80 10.43
C ASP A 17 -5.29 6.39 10.99
N SER A 18 -6.16 5.89 10.16
CA SER A 18 -7.50 5.46 10.65
C SER A 18 -7.36 4.12 11.35
N LEU A 19 -6.25 3.47 11.15
CA LEU A 19 -6.00 2.16 11.79
C LEU A 19 -5.26 2.39 13.11
N SER A 20 -4.14 3.06 13.01
CA SER A 20 -3.27 3.39 14.20
C SER A 20 -1.81 3.23 13.79
N PRO A 21 -1.21 4.33 13.46
CA PRO A 21 0.21 4.32 13.01
C PRO A 21 1.15 4.11 14.20
N VAL A 22 2.27 3.49 13.97
CA VAL A 22 3.25 3.26 15.06
C VAL A 22 4.61 3.82 14.63
N ASN A 23 5.01 4.94 15.18
CA ASN A 23 6.30 5.53 14.77
C ASN A 23 6.31 5.79 13.26
N GLY A 24 5.15 5.82 12.66
CA GLY A 24 5.06 6.07 11.20
C GLY A 24 4.95 4.74 10.44
N PHE A 25 4.25 3.79 11.00
CA PHE A 25 4.12 2.48 10.32
C PHE A 25 2.80 1.79 10.66
N LEU A 26 2.24 1.11 9.71
CA LEU A 26 0.99 0.35 9.96
C LEU A 26 1.32 -1.12 9.88
N SER A 27 0.82 -1.91 10.76
CA SER A 27 1.15 -3.36 10.69
C SER A 27 0.24 -4.04 9.68
N GLY A 28 0.78 -4.97 8.93
CA GLY A 28 -0.05 -5.69 7.92
C GLY A 28 -1.42 -6.01 8.55
N ASP A 29 -1.45 -6.15 9.85
CA ASP A 29 -2.74 -6.44 10.53
C ASP A 29 -3.72 -5.28 10.37
N LYS A 30 -3.22 -4.08 10.22
CA LYS A 30 -4.12 -2.93 10.03
C LYS A 30 -4.35 -2.75 8.54
N VAL A 31 -3.33 -3.03 7.77
CA VAL A 31 -3.47 -2.91 6.30
C VAL A 31 -4.30 -4.08 5.76
N LYS A 32 -4.04 -5.26 6.28
CA LYS A 32 -4.78 -6.47 5.82
C LYS A 32 -6.24 -6.13 5.51
N PRO A 33 -6.92 -5.59 6.50
CA PRO A 33 -8.34 -5.22 6.34
C PRO A 33 -8.46 -4.05 5.36
N VAL A 34 -7.51 -3.17 5.38
CA VAL A 34 -7.55 -2.01 4.44
C VAL A 34 -7.51 -2.53 2.99
N LEU A 35 -6.92 -3.67 2.78
CA LEU A 35 -6.83 -4.22 1.40
C LEU A 35 -7.93 -5.26 1.17
N LEU A 36 -8.30 -5.98 2.18
CA LEU A 36 -9.38 -6.99 2.02
C LEU A 36 -10.73 -6.28 1.90
N ASN A 37 -10.73 -5.00 2.13
CA ASN A 37 -12.01 -4.25 2.03
C ASN A 37 -12.20 -3.75 0.59
N SER A 38 -11.19 -3.88 -0.23
CA SER A 38 -11.31 -3.42 -1.63
C SER A 38 -12.02 -4.48 -2.48
N LYS A 39 -12.50 -5.52 -1.86
CA LYS A 39 -13.19 -6.59 -2.62
C LYS A 39 -12.20 -7.32 -3.54
N LEU A 40 -10.93 -7.19 -3.25
CA LEU A 40 -9.90 -7.88 -4.10
C LEU A 40 -9.43 -9.16 -3.42
N PRO A 41 -8.94 -10.05 -4.23
CA PRO A 41 -8.43 -11.34 -3.71
C PRO A 41 -7.08 -11.14 -3.02
N VAL A 42 -6.62 -12.13 -2.30
CA VAL A 42 -5.31 -12.02 -1.62
C VAL A 42 -4.19 -11.97 -2.66
N ASP A 43 -4.53 -12.18 -3.91
CA ASP A 43 -3.49 -12.13 -4.95
C ASP A 43 -3.12 -10.69 -5.23
N ILE A 44 -4.07 -9.80 -5.08
CA ILE A 44 -3.77 -8.37 -5.31
C ILE A 44 -3.16 -7.78 -4.05
N LEU A 45 -3.64 -8.22 -2.92
CA LEU A 45 -3.10 -7.71 -1.64
C LEU A 45 -1.72 -8.32 -1.39
N GLY A 46 -1.47 -9.48 -1.95
CA GLY A 46 -0.14 -10.12 -1.77
C GLY A 46 0.88 -9.30 -2.54
N ARG A 47 0.43 -8.67 -3.59
CA ARG A 47 1.31 -7.83 -4.43
C ARG A 47 1.10 -6.36 -4.11
N VAL A 48 -0.11 -5.97 -3.75
CA VAL A 48 -0.35 -4.55 -3.43
C VAL A 48 0.47 -4.19 -2.20
N TRP A 49 0.29 -4.91 -1.14
CA TRP A 49 1.10 -4.64 0.07
C TRP A 49 2.57 -4.76 -0.31
N GLU A 50 2.92 -5.86 -0.90
CA GLU A 50 4.33 -6.10 -1.32
C GLU A 50 4.90 -4.87 -2.00
N LEU A 51 4.37 -4.54 -3.15
CA LEU A 51 4.88 -3.34 -3.85
C LEU A 51 4.65 -2.12 -2.95
N SER A 52 3.81 -2.28 -1.98
CA SER A 52 3.55 -1.16 -1.02
C SER A 52 4.55 -1.26 0.14
N ASP A 53 5.21 -2.40 0.27
CA ASP A 53 6.20 -2.56 1.37
C ASP A 53 7.59 -2.19 0.86
N ILE A 54 7.91 -0.92 0.87
CA ILE A 54 9.25 -0.48 0.38
C ILE A 54 10.38 -1.24 1.09
N ASP A 55 10.23 -1.49 2.36
CA ASP A 55 11.30 -2.21 3.10
C ASP A 55 10.88 -3.67 3.35
N HIS A 56 9.61 -3.94 3.30
CA HIS A 56 9.14 -5.34 3.53
C HIS A 56 9.39 -5.75 4.99
N ASP A 57 9.11 -4.87 5.92
CA ASP A 57 9.34 -5.20 7.35
C ASP A 57 8.03 -5.69 7.98
N GLY A 58 6.98 -5.76 7.20
CA GLY A 58 5.67 -6.22 7.76
C GLY A 58 4.84 -5.01 8.19
N MET A 59 5.09 -3.86 7.62
CA MET A 59 4.30 -2.66 8.00
C MET A 59 4.22 -1.66 6.84
N LEU A 60 3.30 -0.74 6.90
CA LEU A 60 3.17 0.28 5.83
C LEU A 60 3.16 1.69 6.45
N ASP A 61 4.18 2.46 6.22
CA ASP A 61 4.22 3.83 6.79
C ASP A 61 3.23 4.73 6.08
N ARG A 62 3.05 5.92 6.58
CA ARG A 62 2.07 6.85 5.91
C ARG A 62 2.39 6.98 4.42
N ASP A 63 3.63 7.07 4.07
CA ASP A 63 4.00 7.18 2.63
C ASP A 63 3.99 5.79 1.98
N GLU A 64 4.39 4.79 2.71
CA GLU A 64 4.40 3.41 2.14
C GLU A 64 2.96 2.93 2.03
N PHE A 65 2.20 3.12 3.06
CA PHE A 65 0.78 2.70 3.03
C PHE A 65 0.08 3.44 1.88
N ALA A 66 0.69 4.50 1.41
CA ALA A 66 0.08 5.26 0.30
C ALA A 66 0.22 4.46 -1.00
N VAL A 67 1.37 3.90 -1.20
CA VAL A 67 1.61 3.08 -2.42
C VAL A 67 0.61 1.92 -2.46
N ALA A 68 0.14 1.50 -1.32
CA ALA A 68 -0.82 0.35 -1.29
C ALA A 68 -2.27 0.85 -1.36
N MET A 69 -2.48 2.15 -1.32
CA MET A 69 -3.88 2.67 -1.40
C MET A 69 -4.33 2.76 -2.85
N PHE A 70 -3.52 3.35 -3.68
CA PHE A 70 -3.90 3.44 -5.11
C PHE A 70 -3.74 2.06 -5.73
N LEU A 71 -2.84 1.27 -5.20
CA LEU A 71 -2.65 -0.10 -5.72
C LEU A 71 -3.91 -0.91 -5.44
N VAL A 72 -4.67 -0.48 -4.45
CA VAL A 72 -5.91 -1.21 -4.10
C VAL A 72 -7.09 -0.62 -4.87
N TYR A 73 -7.20 0.67 -4.91
CA TYR A 73 -8.33 1.29 -5.64
C TYR A 73 -8.10 1.22 -7.14
N CYS A 74 -6.88 1.10 -7.57
CA CYS A 74 -6.62 1.01 -9.03
C CYS A 74 -6.79 -0.44 -9.49
N ALA A 75 -6.72 -1.38 -8.59
CA ALA A 75 -6.90 -2.80 -8.99
C ALA A 75 -8.39 -3.07 -9.19
N LEU A 76 -9.21 -2.18 -8.73
CA LEU A 76 -10.68 -2.37 -8.88
C LEU A 76 -11.20 -1.70 -10.15
N GLU A 77 -10.88 -0.45 -10.35
CA GLU A 77 -11.41 0.25 -11.55
C GLU A 77 -10.30 0.74 -12.51
N LYS A 78 -9.07 0.77 -12.09
CA LYS A 78 -8.02 1.26 -13.04
C LYS A 78 -7.12 0.14 -13.54
N GLU A 79 -6.08 -0.20 -12.83
CA GLU A 79 -5.17 -1.28 -13.31
C GLU A 79 -4.89 -2.29 -12.19
N PRO A 80 -4.57 -3.49 -12.60
CA PRO A 80 -4.25 -4.56 -11.63
C PRO A 80 -2.97 -4.26 -10.88
N VAL A 81 -2.35 -5.26 -10.31
CA VAL A 81 -1.08 -5.02 -9.56
C VAL A 81 -0.02 -6.05 -9.97
N PRO A 82 1.11 -5.55 -10.39
CA PRO A 82 2.22 -6.43 -10.79
C PRO A 82 3.00 -6.81 -9.53
N MET A 83 4.21 -7.24 -9.69
CA MET A 83 5.01 -7.62 -8.50
C MET A 83 6.31 -6.83 -8.46
N SER A 84 6.49 -5.93 -9.36
CA SER A 84 7.77 -5.17 -9.37
C SER A 84 7.58 -3.72 -8.95
N LEU A 85 7.84 -3.44 -7.72
CA LEU A 85 7.73 -2.03 -7.24
C LEU A 85 8.52 -1.11 -8.17
N PRO A 86 7.81 -0.37 -8.97
CA PRO A 86 8.46 0.57 -9.91
C PRO A 86 9.06 1.77 -9.18
N PRO A 87 9.96 2.45 -9.87
CA PRO A 87 10.64 3.63 -9.27
C PRO A 87 9.71 4.83 -9.23
N ALA A 88 8.60 4.76 -9.93
CA ALA A 88 7.65 5.90 -9.91
C ALA A 88 6.81 5.83 -8.63
N LEU A 89 6.97 4.80 -7.86
CA LEU A 89 6.19 4.68 -6.60
C LEU A 89 7.06 5.04 -5.40
N VAL A 90 8.36 5.01 -5.57
CA VAL A 90 9.26 5.34 -4.44
C VAL A 90 9.10 6.81 -4.04
N PRO A 91 8.65 7.02 -2.83
CA PRO A 91 8.44 8.39 -2.31
C PRO A 91 9.77 9.00 -1.89
N PRO A 92 9.73 10.24 -1.49
CA PRO A 92 10.96 10.94 -1.04
C PRO A 92 11.47 10.31 0.26
N SER A 93 10.67 9.52 0.90
CA SER A 93 11.11 8.86 2.16
C SER A 93 12.29 7.92 1.86
N LYS A 94 12.38 7.46 0.65
CA LYS A 94 13.51 6.56 0.28
C LYS A 94 14.69 7.40 -0.21
N ARG A 95 14.60 8.70 -0.05
CA ARG A 95 15.71 9.59 -0.49
C ARG A 95 16.05 10.58 0.63
N SER B 6 9.31 -14.88 4.08
CA SER B 6 8.29 -14.01 3.44
C SER B 6 7.87 -12.90 4.40
N THR B 7 7.04 -12.00 3.95
CA THR B 7 6.60 -10.88 4.83
C THR B 7 5.30 -10.28 4.30
N ASN B 8 4.42 -11.11 3.80
CA ASN B 8 3.13 -10.59 3.26
C ASN B 8 1.96 -11.22 4.00
N PRO B 9 1.05 -10.38 4.42
CA PRO B 9 -0.14 -10.86 5.17
C PRO B 9 -1.15 -11.52 4.22
N PHE B 10 -0.86 -11.55 2.95
CA PHE B 10 -1.80 -12.19 1.99
C PHE B 10 -1.17 -13.45 1.39
N LEU B 11 -0.22 -14.02 2.05
CA LEU B 11 0.43 -15.25 1.50
C LEU B 11 0.71 -16.25 2.63
CA CA C . 7.36 -1.11 5.38
N PRO A 1 7.95 11.72 -10.85
CA PRO A 1 7.45 12.02 -9.49
C PRO A 1 6.93 10.76 -8.81
N TRP A 2 6.28 10.90 -7.69
CA TRP A 2 5.75 9.71 -6.98
C TRP A 2 4.43 9.26 -7.62
N ALA A 3 4.36 8.05 -8.10
CA ALA A 3 3.11 7.54 -8.73
C ALA A 3 1.90 8.01 -7.93
N VAL A 4 2.07 8.20 -6.64
CA VAL A 4 0.94 8.65 -5.79
C VAL A 4 0.98 10.17 -5.67
N LYS A 5 -0.15 10.81 -5.58
CA LYS A 5 -0.16 12.29 -5.47
C LYS A 5 -0.45 12.72 -4.03
N PRO A 6 -0.39 14.00 -3.80
CA PRO A 6 -0.67 14.54 -2.46
C PRO A 6 -2.14 14.37 -2.11
N GLU A 7 -2.99 14.44 -3.10
CA GLU A 7 -4.45 14.27 -2.85
C GLU A 7 -4.75 12.79 -2.64
N ASP A 8 -4.08 11.93 -3.35
CA ASP A 8 -4.31 10.48 -3.17
C ASP A 8 -3.60 10.02 -1.92
N LYS A 9 -2.45 10.58 -1.65
CA LYS A 9 -1.72 10.19 -0.42
C LYS A 9 -2.44 10.77 0.80
N ALA A 10 -3.33 11.70 0.58
CA ALA A 10 -4.09 12.30 1.72
C ALA A 10 -5.15 11.31 2.17
N LYS A 11 -5.82 10.69 1.23
CA LYS A 11 -6.85 9.69 1.60
C LYS A 11 -6.14 8.43 2.10
N TYR A 12 -4.91 8.27 1.73
CA TYR A 12 -4.13 7.09 2.20
C TYR A 12 -3.67 7.33 3.63
N ASP A 13 -3.37 8.56 3.94
CA ASP A 13 -2.91 8.91 5.32
C ASP A 13 -4.11 8.92 6.27
N ALA A 14 -5.29 8.82 5.74
CA ALA A 14 -6.50 8.80 6.61
C ALA A 14 -6.80 7.34 6.92
N ILE A 15 -6.56 6.50 5.95
CA ILE A 15 -6.79 5.05 6.14
C ILE A 15 -5.62 4.50 6.95
N PHE A 16 -4.48 5.11 6.81
CA PHE A 16 -3.28 4.65 7.54
C PHE A 16 -3.40 5.06 9.02
N ASP A 17 -4.03 6.18 9.26
CA ASP A 17 -4.21 6.65 10.67
C ASP A 17 -5.52 6.10 11.23
N SER A 18 -6.31 5.43 10.42
CA SER A 18 -7.59 4.86 10.93
C SER A 18 -7.29 3.51 11.60
N LEU A 19 -6.10 3.03 11.43
CA LEU A 19 -5.70 1.73 12.05
C LEU A 19 -4.83 2.01 13.27
N SER A 20 -4.37 3.24 13.38
CA SER A 20 -3.49 3.66 14.51
C SER A 20 -2.03 3.41 14.13
N PRO A 21 -1.37 4.47 13.76
CA PRO A 21 0.04 4.41 13.34
C PRO A 21 0.96 4.17 14.53
N VAL A 22 2.08 3.55 14.29
CA VAL A 22 3.06 3.29 15.38
C VAL A 22 4.43 3.81 14.96
N ASN A 23 4.89 4.87 15.56
CA ASN A 23 6.22 5.43 15.17
C ASN A 23 6.20 5.77 13.67
N GLY A 24 5.03 5.99 13.12
CA GLY A 24 4.92 6.33 11.68
C GLY A 24 4.90 5.03 10.87
N PHE A 25 4.19 4.04 11.33
CA PHE A 25 4.14 2.76 10.58
C PHE A 25 2.85 2.00 10.85
N LEU A 26 2.45 1.20 9.92
CA LEU A 26 1.23 0.37 10.10
C LEU A 26 1.63 -1.08 9.95
N SER A 27 1.01 -1.96 10.65
CA SER A 27 1.39 -3.39 10.52
C SER A 27 0.49 -4.08 9.51
N GLY A 28 1.04 -4.99 8.75
CA GLY A 28 0.21 -5.73 7.76
C GLY A 28 -1.13 -6.08 8.40
N ASP A 29 -1.16 -6.22 9.69
CA ASP A 29 -2.44 -6.55 10.38
C ASP A 29 -3.42 -5.38 10.28
N LYS A 30 -2.92 -4.18 10.13
CA LYS A 30 -3.83 -3.01 9.99
C LYS A 30 -4.10 -2.79 8.51
N VAL A 31 -3.12 -3.04 7.70
CA VAL A 31 -3.31 -2.87 6.23
C VAL A 31 -4.12 -4.03 5.67
N LYS A 32 -3.72 -5.24 5.98
CA LYS A 32 -4.43 -6.44 5.46
C LYS A 32 -5.94 -6.18 5.35
N PRO A 33 -6.54 -5.79 6.45
CA PRO A 33 -8.00 -5.50 6.44
C PRO A 33 -8.28 -4.29 5.55
N VAL A 34 -7.37 -3.36 5.51
CA VAL A 34 -7.57 -2.16 4.65
C VAL A 34 -7.53 -2.56 3.16
N LEU A 35 -6.81 -3.60 2.83
CA LEU A 35 -6.73 -4.03 1.41
C LEU A 35 -7.86 -5.00 1.09
N LEU A 36 -8.34 -5.71 2.07
CA LEU A 36 -9.44 -6.67 1.81
C LEU A 36 -10.74 -5.91 1.61
N ASN A 37 -10.77 -4.67 2.02
CA ASN A 37 -12.01 -3.87 1.84
C ASN A 37 -12.19 -3.52 0.36
N SER A 38 -11.16 -3.69 -0.42
CA SER A 38 -11.24 -3.37 -1.87
C SER A 38 -11.94 -4.49 -2.64
N LYS A 39 -12.47 -5.46 -1.93
CA LYS A 39 -13.16 -6.58 -2.61
C LYS A 39 -12.17 -7.41 -3.46
N LEU A 40 -10.90 -7.12 -3.33
CA LEU A 40 -9.89 -7.89 -4.13
C LEU A 40 -9.45 -9.13 -3.37
N PRO A 41 -9.04 -10.11 -4.11
CA PRO A 41 -8.58 -11.38 -3.49
C PRO A 41 -7.20 -11.20 -2.83
N VAL A 42 -6.72 -12.22 -2.19
CA VAL A 42 -5.40 -12.14 -1.51
C VAL A 42 -4.29 -12.09 -2.56
N ASP A 43 -4.63 -12.33 -3.80
CA ASP A 43 -3.59 -12.28 -4.86
C ASP A 43 -3.28 -10.82 -5.18
N ILE A 44 -4.26 -9.97 -5.09
CA ILE A 44 -4.00 -8.53 -5.36
C ILE A 44 -3.40 -7.89 -4.12
N LEU A 45 -3.87 -8.26 -2.98
CA LEU A 45 -3.33 -7.70 -1.73
C LEU A 45 -1.97 -8.31 -1.44
N GLY A 46 -1.77 -9.53 -1.88
CA GLY A 46 -0.46 -10.18 -1.66
C GLY A 46 0.55 -9.45 -2.54
N ARG A 47 0.07 -8.85 -3.59
CA ARG A 47 0.95 -8.10 -4.50
C ARG A 47 0.86 -6.60 -4.24
N VAL A 48 -0.30 -6.12 -3.86
CA VAL A 48 -0.41 -4.66 -3.59
C VAL A 48 0.42 -4.32 -2.37
N TRP A 49 0.37 -5.14 -1.36
CA TRP A 49 1.19 -4.86 -0.16
C TRP A 49 2.69 -4.94 -0.51
N GLU A 50 3.11 -6.02 -1.12
CA GLU A 50 4.56 -6.14 -1.45
C GLU A 50 5.03 -4.89 -2.17
N LEU A 51 4.39 -4.54 -3.25
CA LEU A 51 4.83 -3.31 -3.98
C LEU A 51 4.58 -2.10 -3.08
N SER A 52 3.84 -2.29 -2.01
CA SER A 52 3.57 -1.17 -1.06
C SER A 52 4.59 -1.19 0.08
N ASP A 53 4.99 -2.37 0.50
CA ASP A 53 5.99 -2.47 1.62
C ASP A 53 7.37 -2.06 1.14
N ILE A 54 7.73 -0.81 1.31
CA ILE A 54 9.08 -0.36 0.87
C ILE A 54 10.15 -0.91 1.82
N ASP A 55 9.81 -1.04 3.08
CA ASP A 55 10.79 -1.58 4.08
C ASP A 55 10.63 -3.09 4.20
N HIS A 56 9.65 -3.66 3.54
CA HIS A 56 9.43 -5.13 3.61
C HIS A 56 9.68 -5.64 5.03
N ASP A 57 9.01 -5.08 5.99
CA ASP A 57 9.18 -5.53 7.39
C ASP A 57 7.81 -5.88 7.97
N GLY A 58 6.84 -6.10 7.11
CA GLY A 58 5.48 -6.43 7.58
C GLY A 58 4.80 -5.15 8.06
N MET A 59 5.10 -4.03 7.45
CA MET A 59 4.47 -2.76 7.90
C MET A 59 4.34 -1.76 6.75
N LEU A 60 3.49 -0.77 6.91
CA LEU A 60 3.31 0.25 5.83
C LEU A 60 3.28 1.66 6.46
N ASP A 61 4.30 2.44 6.23
CA ASP A 61 4.32 3.82 6.81
C ASP A 61 3.29 4.71 6.14
N ARG A 62 3.04 5.87 6.68
CA ARG A 62 2.05 6.79 6.05
C ARG A 62 2.33 6.93 4.55
N ASP A 63 3.58 7.04 4.19
CA ASP A 63 3.94 7.16 2.74
C ASP A 63 3.93 5.78 2.11
N GLU A 64 4.35 4.79 2.85
CA GLU A 64 4.36 3.40 2.32
C GLU A 64 2.92 2.94 2.16
N PHE A 65 2.17 3.00 3.22
CA PHE A 65 0.75 2.60 3.16
C PHE A 65 0.11 3.31 1.97
N ALA A 66 0.66 4.42 1.57
CA ALA A 66 0.10 5.18 0.42
C ALA A 66 0.22 4.36 -0.86
N VAL A 67 1.38 3.83 -1.11
CA VAL A 67 1.59 3.03 -2.33
C VAL A 67 0.59 1.87 -2.38
N ALA A 68 0.12 1.44 -1.23
CA ALA A 68 -0.84 0.30 -1.21
C ALA A 68 -2.29 0.76 -1.33
N MET A 69 -2.55 2.04 -1.28
CA MET A 69 -3.97 2.48 -1.43
C MET A 69 -4.30 2.71 -2.90
N PHE A 70 -3.35 3.12 -3.68
CA PHE A 70 -3.64 3.34 -5.12
C PHE A 70 -3.50 2.01 -5.87
N LEU A 71 -2.79 1.08 -5.30
CA LEU A 71 -2.63 -0.24 -5.96
C LEU A 71 -3.83 -1.13 -5.63
N VAL A 72 -4.55 -0.80 -4.57
CA VAL A 72 -5.74 -1.61 -4.20
C VAL A 72 -7.00 -1.03 -4.85
N TYR A 73 -7.15 0.27 -4.82
CA TYR A 73 -8.37 0.88 -5.41
C TYR A 73 -8.33 0.78 -6.94
N CYS A 74 -7.18 0.90 -7.53
CA CYS A 74 -7.09 0.80 -9.01
C CYS A 74 -7.03 -0.68 -9.41
N ALA A 75 -6.90 -1.56 -8.46
CA ALA A 75 -6.84 -3.00 -8.80
C ALA A 75 -8.25 -3.59 -8.75
N LEU A 76 -9.05 -3.03 -7.90
CA LEU A 76 -10.45 -3.50 -7.75
C LEU A 76 -11.40 -2.74 -8.69
N GLU A 77 -11.00 -1.57 -9.11
CA GLU A 77 -11.87 -0.78 -10.04
C GLU A 77 -11.86 -1.41 -11.43
N LYS A 78 -10.71 -1.53 -12.02
CA LYS A 78 -10.63 -2.14 -13.38
C LYS A 78 -9.18 -2.19 -13.85
N GLU A 79 -8.29 -2.65 -13.01
CA GLU A 79 -6.85 -2.72 -13.43
C GLU A 79 -6.17 -3.93 -12.76
N PRO A 80 -5.30 -4.56 -13.50
CA PRO A 80 -4.57 -5.74 -12.99
C PRO A 80 -3.41 -5.29 -12.09
N VAL A 81 -3.03 -6.11 -11.14
CA VAL A 81 -1.90 -5.72 -10.23
C VAL A 81 -0.71 -6.65 -10.42
N PRO A 82 0.35 -6.11 -10.94
CA PRO A 82 1.58 -6.88 -11.18
C PRO A 82 2.41 -6.95 -9.89
N MET A 83 3.52 -7.65 -9.91
CA MET A 83 4.37 -7.74 -8.69
C MET A 83 5.55 -6.79 -8.81
N SER A 84 5.55 -5.94 -9.80
CA SER A 84 6.70 -5.04 -9.99
C SER A 84 6.47 -3.69 -9.34
N LEU A 85 7.28 -3.38 -8.37
CA LEU A 85 7.16 -2.08 -7.68
C LEU A 85 8.30 -1.17 -8.18
N PRO A 86 8.02 -0.53 -9.27
CA PRO A 86 9.02 0.38 -9.91
C PRO A 86 9.32 1.58 -9.02
N PRO A 87 10.28 2.35 -9.44
CA PRO A 87 10.71 3.55 -8.67
C PRO A 87 9.62 4.63 -8.70
N ALA A 88 8.58 4.40 -9.46
CA ALA A 88 7.48 5.40 -9.52
C ALA A 88 6.61 5.28 -8.27
N LEU A 89 6.77 4.21 -7.53
CA LEU A 89 5.95 4.04 -6.31
C LEU A 89 6.77 4.42 -5.07
N VAL A 90 8.05 4.62 -5.24
CA VAL A 90 8.90 4.98 -4.06
C VAL A 90 8.95 6.50 -3.89
N PRO A 91 8.70 6.94 -2.68
CA PRO A 91 8.72 8.40 -2.38
C PRO A 91 10.18 8.90 -2.34
N PRO A 92 10.32 10.19 -2.19
CA PRO A 92 11.67 10.80 -2.12
C PRO A 92 12.36 10.44 -0.81
N SER A 93 11.65 9.84 0.10
CA SER A 93 12.27 9.46 1.40
C SER A 93 13.25 8.31 1.19
N LYS A 94 13.02 7.51 0.19
CA LYS A 94 13.96 6.38 -0.08
C LYS A 94 15.07 6.85 -1.02
N ARG A 95 15.15 8.12 -1.27
CA ARG A 95 16.20 8.65 -2.18
C ARG A 95 16.45 10.13 -1.89
N SER B 6 7.77 -12.10 0.82
CA SER B 6 8.57 -11.16 1.65
C SER B 6 7.68 -10.50 2.70
N THR B 7 7.59 -11.07 3.87
CA THR B 7 6.73 -10.47 4.93
C THR B 7 5.39 -10.02 4.34
N ASN B 8 4.63 -10.93 3.81
CA ASN B 8 3.32 -10.54 3.22
C ASN B 8 2.17 -11.20 4.00
N PRO B 9 1.22 -10.38 4.38
CA PRO B 9 0.06 -10.88 5.16
C PRO B 9 -0.91 -11.65 4.26
N PHE B 10 -0.70 -11.64 2.97
CA PHE B 10 -1.62 -12.37 2.05
C PHE B 10 -0.87 -13.49 1.32
N LEU B 11 0.30 -13.84 1.78
CA LEU B 11 1.08 -14.91 1.11
C LEU B 11 1.81 -15.76 2.16
CA CA C . 7.36 -0.92 5.67
N PRO A 1 5.04 12.69 -12.18
CA PRO A 1 5.76 12.57 -10.89
C PRO A 1 5.31 11.32 -10.13
N TRP A 2 5.55 11.30 -8.85
CA TRP A 2 5.16 10.13 -8.02
C TRP A 2 3.75 9.66 -8.43
N ALA A 3 3.64 8.43 -8.84
CA ALA A 3 2.31 7.90 -9.26
C ALA A 3 1.24 8.35 -8.27
N VAL A 4 1.62 8.64 -7.06
CA VAL A 4 0.61 9.10 -6.06
C VAL A 4 0.64 10.63 -5.96
N LYS A 5 -0.46 11.23 -5.59
CA LYS A 5 -0.49 12.72 -5.49
C LYS A 5 -0.66 13.13 -4.02
N PRO A 6 -0.68 14.42 -3.80
CA PRO A 6 -0.85 14.95 -2.43
C PRO A 6 -2.28 14.73 -1.97
N GLU A 7 -3.22 14.84 -2.86
CA GLU A 7 -4.65 14.64 -2.47
C GLU A 7 -4.90 13.15 -2.24
N ASP A 8 -4.18 12.31 -2.95
CA ASP A 8 -4.34 10.85 -2.76
C ASP A 8 -3.58 10.44 -1.50
N LYS A 9 -2.40 10.95 -1.34
CA LYS A 9 -1.61 10.63 -0.13
C LYS A 9 -2.32 11.19 1.10
N ALA A 10 -3.22 12.12 0.87
CA ALA A 10 -3.97 12.71 2.01
C ALA A 10 -5.06 11.74 2.44
N LYS A 11 -5.73 11.12 1.50
CA LYS A 11 -6.77 10.13 1.86
C LYS A 11 -6.07 8.83 2.22
N TYR A 12 -4.88 8.64 1.72
CA TYR A 12 -4.10 7.41 2.05
C TYR A 12 -3.58 7.56 3.48
N ASP A 13 -3.22 8.77 3.84
CA ASP A 13 -2.70 9.01 5.21
C ASP A 13 -3.87 9.05 6.19
N ALA A 14 -5.08 9.06 5.71
CA ALA A 14 -6.25 9.07 6.62
C ALA A 14 -6.67 7.62 6.83
N ILE A 15 -6.52 6.84 5.79
CA ILE A 15 -6.84 5.40 5.89
C ILE A 15 -5.69 4.73 6.62
N PHE A 16 -4.51 5.24 6.44
CA PHE A 16 -3.32 4.69 7.13
C PHE A 16 -3.38 5.09 8.60
N ASP A 17 -3.80 6.31 8.85
CA ASP A 17 -3.90 6.79 10.25
C ASP A 17 -5.26 6.41 10.83
N SER A 18 -6.05 5.67 10.08
CA SER A 18 -7.38 5.25 10.60
C SER A 18 -7.24 3.89 11.27
N LEU A 19 -6.11 3.26 11.09
CA LEU A 19 -5.86 1.94 11.72
C LEU A 19 -5.01 2.12 12.97
N SER A 20 -4.54 3.33 13.18
CA SER A 20 -3.65 3.65 14.36
C SER A 20 -2.19 3.36 13.99
N PRO A 21 -1.58 4.36 13.45
CA PRO A 21 -0.17 4.26 13.01
C PRO A 21 0.78 4.30 14.20
N VAL A 22 1.91 3.70 14.07
CA VAL A 22 2.90 3.71 15.18
C VAL A 22 4.17 4.40 14.72
N ASN A 23 4.42 5.58 15.22
CA ASN A 23 5.63 6.34 14.80
C ASN A 23 5.60 6.54 13.28
N GLY A 24 4.46 6.34 12.67
CA GLY A 24 4.37 6.54 11.19
C GLY A 24 4.38 5.17 10.50
N PHE A 25 3.80 4.17 11.10
CA PHE A 25 3.80 2.83 10.45
C PHE A 25 2.52 2.05 10.75
N LEU A 26 2.08 1.27 9.80
CA LEU A 26 0.87 0.43 10.01
C LEU A 26 1.28 -1.03 9.91
N SER A 27 0.76 -1.86 10.74
CA SER A 27 1.14 -3.29 10.67
C SER A 27 0.30 -4.01 9.63
N GLY A 28 0.90 -4.88 8.87
CA GLY A 28 0.13 -5.62 7.83
C GLY A 28 -1.21 -6.06 8.45
N ASP A 29 -1.22 -6.26 9.73
CA ASP A 29 -2.47 -6.68 10.43
C ASP A 29 -3.53 -5.57 10.35
N LYS A 30 -3.11 -4.34 10.15
CA LYS A 30 -4.09 -3.23 10.06
C LYS A 30 -4.36 -2.98 8.59
N VAL A 31 -3.37 -3.17 7.77
CA VAL A 31 -3.55 -2.95 6.31
C VAL A 31 -4.30 -4.14 5.70
N LYS A 32 -3.96 -5.34 6.08
CA LYS A 32 -4.63 -6.53 5.48
C LYS A 32 -6.15 -6.30 5.38
N PRO A 33 -6.77 -5.86 6.44
CA PRO A 33 -8.23 -5.61 6.41
C PRO A 33 -8.51 -4.39 5.53
N VAL A 34 -7.61 -3.44 5.53
CA VAL A 34 -7.79 -2.22 4.69
C VAL A 34 -7.77 -2.62 3.21
N LEU A 35 -6.99 -3.60 2.86
CA LEU A 35 -6.92 -4.01 1.43
C LEU A 35 -7.98 -5.07 1.14
N LEU A 36 -8.44 -5.76 2.15
CA LEU A 36 -9.49 -6.79 1.92
C LEU A 36 -10.82 -6.10 1.68
N ASN A 37 -10.90 -4.83 1.98
CA ASN A 37 -12.17 -4.11 1.77
C ASN A 37 -12.25 -3.60 0.32
N SER A 38 -11.23 -3.81 -0.44
CA SER A 38 -11.24 -3.35 -1.87
C SER A 38 -11.89 -4.39 -2.77
N LYS A 39 -12.59 -5.34 -2.20
CA LYS A 39 -13.24 -6.38 -3.04
C LYS A 39 -12.16 -7.21 -3.76
N LEU A 40 -10.93 -7.08 -3.35
CA LEU A 40 -9.83 -7.84 -4.00
C LEU A 40 -9.45 -9.05 -3.17
N PRO A 41 -8.92 -10.04 -3.86
CA PRO A 41 -8.49 -11.28 -3.18
C PRO A 41 -7.13 -11.07 -2.49
N VAL A 42 -6.61 -12.08 -1.86
CA VAL A 42 -5.31 -11.96 -1.16
C VAL A 42 -4.17 -12.02 -2.19
N ASP A 43 -4.50 -12.24 -3.44
CA ASP A 43 -3.46 -12.30 -4.49
C ASP A 43 -3.10 -10.88 -4.93
N ILE A 44 -4.07 -10.00 -4.96
CA ILE A 44 -3.77 -8.59 -5.36
C ILE A 44 -3.19 -7.87 -4.16
N LEU A 45 -3.72 -8.15 -3.00
CA LEU A 45 -3.21 -7.50 -1.77
C LEU A 45 -1.86 -8.11 -1.42
N GLY A 46 -1.65 -9.33 -1.83
CA GLY A 46 -0.34 -9.98 -1.57
C GLY A 46 0.70 -9.30 -2.46
N ARG A 47 0.25 -8.77 -3.54
CA ARG A 47 1.17 -8.07 -4.48
C ARG A 47 1.07 -6.55 -4.29
N VAL A 48 -0.10 -6.07 -3.94
CA VAL A 48 -0.23 -4.59 -3.74
C VAL A 48 0.52 -4.21 -2.48
N TRP A 49 0.50 -5.07 -1.50
CA TRP A 49 1.25 -4.75 -0.25
C TRP A 49 2.76 -4.76 -0.54
N GLU A 50 3.25 -5.81 -1.12
CA GLU A 50 4.72 -5.88 -1.40
C GLU A 50 5.17 -4.57 -2.02
N LEU A 51 4.62 -4.20 -3.15
CA LEU A 51 5.02 -2.92 -3.78
C LEU A 51 4.69 -1.77 -2.82
N SER A 52 3.82 -2.02 -1.87
CA SER A 52 3.47 -0.98 -0.87
C SER A 52 4.46 -1.06 0.30
N ASP A 53 5.06 -2.20 0.48
CA ASP A 53 6.05 -2.38 1.58
C ASP A 53 7.46 -2.36 1.01
N ILE A 54 7.92 -1.20 0.60
CA ILE A 54 9.29 -1.10 0.01
C ILE A 54 10.34 -1.55 1.03
N ASP A 55 10.02 -1.57 2.29
CA ASP A 55 11.01 -2.02 3.30
C ASP A 55 10.73 -3.47 3.68
N HIS A 56 9.54 -3.95 3.40
CA HIS A 56 9.20 -5.36 3.72
C HIS A 56 9.35 -5.63 5.22
N ASP A 57 8.83 -4.77 6.04
CA ASP A 57 8.94 -4.99 7.51
C ASP A 57 7.56 -5.41 8.03
N GLY A 58 6.71 -5.91 7.17
CA GLY A 58 5.35 -6.31 7.60
C GLY A 58 4.61 -5.06 8.06
N MET A 59 4.89 -3.94 7.45
CA MET A 59 4.21 -2.67 7.87
C MET A 59 4.03 -1.74 6.67
N LEU A 60 3.15 -0.78 6.80
CA LEU A 60 2.93 0.18 5.69
C LEU A 60 2.94 1.60 6.26
N ASP A 61 4.04 2.31 6.14
CA ASP A 61 4.11 3.69 6.69
C ASP A 61 3.27 4.65 5.83
N ARG A 62 2.99 5.81 6.35
CA ARG A 62 2.18 6.81 5.58
C ARG A 62 2.53 6.81 4.10
N ASP A 63 3.79 6.78 3.77
CA ASP A 63 4.18 6.78 2.33
C ASP A 63 4.04 5.39 1.73
N GLU A 64 4.28 4.37 2.50
CA GLU A 64 4.14 3.00 1.97
C GLU A 64 2.67 2.63 1.91
N PHE A 65 1.95 2.89 2.96
CA PHE A 65 0.50 2.60 2.95
C PHE A 65 -0.15 3.40 1.83
N ALA A 66 0.52 4.42 1.35
CA ALA A 66 -0.07 5.23 0.24
C ALA A 66 0.02 4.44 -1.06
N VAL A 67 1.19 4.00 -1.38
CA VAL A 67 1.39 3.20 -2.62
C VAL A 67 0.41 2.02 -2.64
N ALA A 68 -0.06 1.62 -1.49
CA ALA A 68 -0.99 0.46 -1.45
C ALA A 68 -2.45 0.89 -1.67
N MET A 69 -2.77 2.15 -1.53
CA MET A 69 -4.19 2.57 -1.75
C MET A 69 -4.48 2.74 -3.23
N PHE A 70 -3.58 3.34 -3.97
CA PHE A 70 -3.83 3.52 -5.42
C PHE A 70 -3.59 2.19 -6.13
N LEU A 71 -2.88 1.30 -5.48
CA LEU A 71 -2.61 -0.03 -6.09
C LEU A 71 -3.81 -0.94 -5.86
N VAL A 72 -4.58 -0.66 -4.85
CA VAL A 72 -5.78 -1.49 -4.55
C VAL A 72 -7.00 -0.92 -5.26
N TYR A 73 -7.09 0.38 -5.39
CA TYR A 73 -8.27 0.99 -6.07
C TYR A 73 -8.22 0.73 -7.58
N CYS A 74 -7.04 0.61 -8.13
CA CYS A 74 -6.93 0.36 -9.60
C CYS A 74 -7.23 -1.11 -9.88
N ALA A 75 -7.18 -1.93 -8.88
CA ALA A 75 -7.47 -3.37 -9.10
C ALA A 75 -8.97 -3.59 -8.94
N LEU A 76 -9.68 -2.57 -8.53
CA LEU A 76 -11.15 -2.70 -8.35
C LEU A 76 -11.84 -2.35 -9.66
N GLU A 77 -11.41 -1.28 -10.27
CA GLU A 77 -12.03 -0.87 -11.56
C GLU A 77 -11.64 -1.86 -12.65
N LYS A 78 -10.37 -2.07 -12.82
CA LYS A 78 -9.90 -3.04 -13.86
C LYS A 78 -8.38 -3.10 -13.90
N GLU A 79 -7.71 -2.03 -13.55
CA GLU A 79 -6.22 -2.04 -13.58
C GLU A 79 -5.66 -3.08 -12.61
N PRO A 80 -5.10 -4.12 -13.17
CA PRO A 80 -4.51 -5.19 -12.34
C PRO A 80 -3.25 -4.69 -11.62
N VAL A 81 -2.67 -5.49 -10.78
CA VAL A 81 -1.45 -5.03 -10.05
C VAL A 81 -0.28 -5.98 -10.33
N PRO A 82 0.80 -5.41 -10.79
CA PRO A 82 2.01 -6.20 -11.08
C PRO A 82 2.82 -6.34 -9.79
N MET A 83 3.94 -6.99 -9.85
CA MET A 83 4.76 -7.14 -8.61
C MET A 83 6.05 -6.36 -8.74
N SER A 84 6.13 -5.51 -9.71
CA SER A 84 7.39 -4.74 -9.90
C SER A 84 7.25 -3.30 -9.45
N LEU A 85 7.81 -3.00 -8.33
CA LEU A 85 7.75 -1.59 -7.81
C LEU A 85 8.24 -0.62 -8.90
N PRO A 86 7.31 0.09 -9.48
CA PRO A 86 7.65 1.06 -10.54
C PRO A 86 8.39 2.27 -9.93
N PRO A 87 9.35 2.75 -10.69
CA PRO A 87 10.18 3.90 -10.24
C PRO A 87 9.39 5.21 -10.24
N ALA A 88 8.15 5.16 -10.64
CA ALA A 88 7.33 6.41 -10.66
C ALA A 88 6.44 6.46 -9.42
N LEU A 89 6.39 5.37 -8.70
CA LEU A 89 5.53 5.31 -7.48
C LEU A 89 6.41 5.26 -6.23
N VAL A 90 7.67 4.97 -6.38
CA VAL A 90 8.57 4.87 -5.19
C VAL A 90 9.16 6.25 -4.85
N PRO A 91 9.18 6.53 -3.56
CA PRO A 91 9.73 7.82 -3.08
C PRO A 91 11.26 7.80 -3.15
N PRO A 92 11.82 8.97 -3.23
CA PRO A 92 13.30 9.09 -3.31
C PRO A 92 13.95 8.86 -1.94
N SER A 93 13.16 8.65 -0.92
CA SER A 93 13.75 8.42 0.43
C SER A 93 14.13 6.95 0.60
N LYS A 94 13.42 6.07 -0.04
CA LYS A 94 13.76 4.62 0.08
C LYS A 94 14.75 4.24 -1.02
N ARG A 95 15.24 5.20 -1.76
CA ARG A 95 16.22 4.88 -2.84
C ARG A 95 17.40 5.85 -2.79
N SER B 6 8.61 -15.31 0.97
CA SER B 6 7.35 -14.51 0.97
C SER B 6 7.00 -14.08 2.40
N THR B 7 7.18 -12.83 2.71
CA THR B 7 6.86 -12.34 4.08
C THR B 7 5.52 -11.59 4.07
N ASN B 8 5.05 -11.22 2.91
CA ASN B 8 3.75 -10.49 2.83
C ASN B 8 2.70 -11.18 3.71
N PRO B 9 1.81 -10.40 4.24
CA PRO B 9 0.74 -10.95 5.12
C PRO B 9 -0.29 -11.72 4.30
N PHE B 10 -0.67 -11.23 3.16
CA PHE B 10 -1.68 -11.96 2.32
C PHE B 10 -1.11 -13.28 1.80
N LEU B 11 0.14 -13.28 1.41
CA LEU B 11 0.74 -14.55 0.89
C LEU B 11 1.09 -15.48 2.05
CA CA C . 6.80 -0.64 6.05
N PRO A 1 4.47 13.50 -11.63
CA PRO A 1 4.47 13.58 -10.14
C PRO A 1 4.40 12.18 -9.54
N TRP A 2 4.55 12.08 -8.25
CA TRP A 2 4.49 10.74 -7.59
C TRP A 2 3.29 9.96 -8.10
N ALA A 3 3.47 8.76 -8.58
CA ALA A 3 2.32 7.96 -9.08
C ALA A 3 1.13 8.16 -8.14
N VAL A 4 1.40 8.42 -6.90
CA VAL A 4 0.31 8.65 -5.91
C VAL A 4 -0.02 10.14 -5.89
N LYS A 5 -1.26 10.51 -6.11
CA LYS A 5 -1.61 11.95 -6.13
C LYS A 5 -1.64 12.52 -4.71
N PRO A 6 -1.58 13.82 -4.64
CA PRO A 6 -1.62 14.50 -3.33
C PRO A 6 -3.00 14.30 -2.71
N GLU A 7 -3.99 14.17 -3.55
CA GLU A 7 -5.36 13.94 -3.04
C GLU A 7 -5.52 12.44 -2.75
N ASP A 8 -4.67 11.63 -3.34
CA ASP A 8 -4.74 10.17 -3.09
C ASP A 8 -3.93 9.86 -1.83
N LYS A 9 -2.79 10.46 -1.71
CA LYS A 9 -1.96 10.23 -0.49
C LYS A 9 -2.64 10.86 0.71
N ALA A 10 -3.53 11.79 0.48
CA ALA A 10 -4.25 12.44 1.60
C ALA A 10 -5.29 11.48 2.15
N LYS A 11 -6.01 10.81 1.29
CA LYS A 11 -7.02 9.84 1.78
C LYS A 11 -6.29 8.61 2.30
N TYR A 12 -5.13 8.32 1.75
CA TYR A 12 -4.36 7.15 2.23
C TYR A 12 -3.88 7.44 3.66
N ASP A 13 -3.52 8.66 3.93
CA ASP A 13 -3.05 9.03 5.29
C ASP A 13 -4.21 9.02 6.28
N ALA A 14 -5.41 8.91 5.78
CA ALA A 14 -6.58 8.86 6.70
C ALA A 14 -6.88 7.39 6.98
N ILE A 15 -6.61 6.57 6.02
CA ILE A 15 -6.81 5.12 6.18
C ILE A 15 -5.60 4.57 6.92
N PHE A 16 -4.47 5.21 6.75
CA PHE A 16 -3.23 4.77 7.45
C PHE A 16 -3.33 5.20 8.92
N ASP A 17 -3.86 6.37 9.16
CA ASP A 17 -4.01 6.86 10.55
C ASP A 17 -5.35 6.38 11.14
N SER A 18 -6.11 5.65 10.37
CA SER A 18 -7.40 5.12 10.89
C SER A 18 -7.16 3.76 11.53
N LEU A 19 -5.95 3.29 11.45
CA LEU A 19 -5.59 1.97 12.05
C LEU A 19 -4.67 2.20 13.25
N SER A 20 -4.23 3.43 13.41
CA SER A 20 -3.31 3.79 14.53
C SER A 20 -1.88 3.47 14.13
N PRO A 21 -1.21 4.51 13.70
CA PRO A 21 0.20 4.39 13.24
C PRO A 21 1.14 4.17 14.43
N VAL A 22 2.23 3.50 14.18
CA VAL A 22 3.21 3.25 15.27
C VAL A 22 4.57 3.81 14.85
N ASN A 23 4.96 4.93 15.41
CA ASN A 23 6.26 5.53 15.02
C ASN A 23 6.27 5.82 13.52
N GLY A 24 5.12 5.93 12.92
CA GLY A 24 5.06 6.21 11.45
C GLY A 24 4.99 4.89 10.67
N PHE A 25 4.29 3.92 11.20
CA PHE A 25 4.19 2.62 10.47
C PHE A 25 2.89 1.90 10.77
N LEU A 26 2.43 1.11 9.85
CA LEU A 26 1.20 0.32 10.07
C LEU A 26 1.58 -1.14 9.96
N SER A 27 0.91 -2.02 10.63
CA SER A 27 1.27 -3.45 10.53
C SER A 27 0.39 -4.14 9.51
N GLY A 28 0.93 -5.07 8.77
CA GLY A 28 0.10 -5.79 7.76
C GLY A 28 -1.28 -6.08 8.36
N ASP A 29 -1.35 -6.20 9.66
CA ASP A 29 -2.66 -6.46 10.31
C ASP A 29 -3.59 -5.25 10.15
N LYS A 30 -3.04 -4.06 10.08
CA LYS A 30 -3.89 -2.86 9.90
C LYS A 30 -4.16 -2.68 8.41
N VAL A 31 -3.18 -3.00 7.61
CA VAL A 31 -3.34 -2.88 6.13
C VAL A 31 -4.11 -4.08 5.58
N LYS A 32 -3.76 -5.26 6.01
CA LYS A 32 -4.45 -6.48 5.51
C LYS A 32 -5.96 -6.25 5.39
N PRO A 33 -6.56 -5.82 6.47
CA PRO A 33 -8.02 -5.56 6.47
C PRO A 33 -8.33 -4.37 5.56
N VAL A 34 -7.43 -3.43 5.51
CA VAL A 34 -7.63 -2.24 4.64
C VAL A 34 -7.60 -2.66 3.17
N LEU A 35 -6.88 -3.71 2.87
CA LEU A 35 -6.79 -4.17 1.45
C LEU A 35 -7.94 -5.14 1.15
N LEU A 36 -8.42 -5.82 2.15
CA LEU A 36 -9.54 -6.78 1.91
C LEU A 36 -10.82 -5.99 1.68
N ASN A 37 -10.82 -4.73 1.99
CA ASN A 37 -12.05 -3.92 1.80
C ASN A 37 -12.21 -3.53 0.33
N SER A 38 -11.25 -3.85 -0.49
CA SER A 38 -11.33 -3.48 -1.94
C SER A 38 -12.02 -4.58 -2.73
N LYS A 39 -12.65 -5.51 -2.06
CA LYS A 39 -13.33 -6.62 -2.79
C LYS A 39 -12.30 -7.42 -3.61
N LEU A 40 -11.04 -7.22 -3.34
CA LEU A 40 -9.99 -7.96 -4.10
C LEU A 40 -9.57 -9.20 -3.32
N PRO A 41 -9.10 -10.18 -4.04
CA PRO A 41 -8.66 -11.45 -3.43
C PRO A 41 -7.30 -11.26 -2.73
N VAL A 42 -6.85 -12.27 -2.04
CA VAL A 42 -5.54 -12.19 -1.33
C VAL A 42 -4.41 -12.22 -2.36
N ASP A 43 -4.74 -12.39 -3.61
CA ASP A 43 -3.68 -12.42 -4.65
C ASP A 43 -3.32 -10.99 -5.05
N ILE A 44 -4.27 -10.11 -5.05
CA ILE A 44 -3.96 -8.70 -5.40
C ILE A 44 -3.36 -8.02 -4.18
N LEU A 45 -3.89 -8.33 -3.02
CA LEU A 45 -3.37 -7.72 -1.77
C LEU A 45 -1.98 -8.26 -1.48
N GLY A 46 -1.71 -9.46 -1.93
CA GLY A 46 -0.36 -10.04 -1.69
C GLY A 46 0.64 -9.27 -2.54
N ARG A 47 0.15 -8.67 -3.60
CA ARG A 47 1.04 -7.90 -4.50
C ARG A 47 0.90 -6.40 -4.23
N VAL A 48 -0.26 -5.95 -3.83
CA VAL A 48 -0.43 -4.49 -3.57
C VAL A 48 0.39 -4.11 -2.35
N TRP A 49 0.41 -4.95 -1.34
CA TRP A 49 1.20 -4.64 -0.14
C TRP A 49 2.70 -4.67 -0.48
N GLU A 50 3.15 -5.72 -1.10
CA GLU A 50 4.60 -5.81 -1.43
C GLU A 50 5.06 -4.52 -2.10
N LEU A 51 4.44 -4.14 -3.18
CA LEU A 51 4.84 -2.87 -3.85
C LEU A 51 4.62 -1.71 -2.88
N SER A 52 3.87 -1.94 -1.83
CA SER A 52 3.64 -0.89 -0.81
C SER A 52 4.68 -1.02 0.31
N ASP A 53 5.11 -2.22 0.57
CA ASP A 53 6.13 -2.46 1.63
C ASP A 53 7.53 -2.36 1.00
N ILE A 54 8.16 -1.24 1.13
CA ILE A 54 9.52 -1.08 0.53
C ILE A 54 10.62 -1.41 1.54
N ASP A 55 10.33 -1.34 2.81
CA ASP A 55 11.38 -1.65 3.82
C ASP A 55 11.33 -3.14 4.19
N HIS A 56 10.25 -3.79 3.86
CA HIS A 56 10.14 -5.26 4.17
C HIS A 56 10.10 -5.48 5.68
N ASP A 57 9.35 -4.68 6.39
CA ASP A 57 9.28 -4.87 7.86
C ASP A 57 7.87 -5.34 8.25
N GLY A 58 7.12 -5.82 7.29
CA GLY A 58 5.75 -6.30 7.59
C GLY A 58 4.89 -5.11 8.05
N MET A 59 5.12 -3.94 7.51
CA MET A 59 4.32 -2.75 7.92
C MET A 59 4.21 -1.75 6.76
N LEU A 60 3.26 -0.85 6.84
CA LEU A 60 3.11 0.17 5.76
C LEU A 60 3.12 1.57 6.38
N ASP A 61 4.19 2.31 6.22
CA ASP A 61 4.24 3.68 6.80
C ASP A 61 3.28 4.60 6.05
N ARG A 62 3.11 5.80 6.55
CA ARG A 62 2.19 6.76 5.88
C ARG A 62 2.52 6.89 4.39
N ASP A 63 3.77 6.82 4.04
CA ASP A 63 4.15 6.95 2.60
C ASP A 63 4.07 5.58 1.92
N GLU A 64 4.40 4.54 2.62
CA GLU A 64 4.34 3.18 2.02
C GLU A 64 2.87 2.74 1.97
N PHE A 65 2.13 3.06 2.99
CA PHE A 65 0.70 2.69 3.02
C PHE A 65 -0.01 3.41 1.87
N ALA A 66 0.49 4.56 1.49
CA ALA A 66 -0.13 5.31 0.37
C ALA A 66 -0.02 4.51 -0.92
N VAL A 67 1.17 4.08 -1.22
CA VAL A 67 1.39 3.27 -2.46
C VAL A 67 0.42 2.09 -2.52
N ALA A 68 0.00 1.60 -1.38
CA ALA A 68 -0.93 0.44 -1.35
C ALA A 68 -2.38 0.86 -1.53
N MET A 69 -2.69 2.12 -1.41
CA MET A 69 -4.12 2.53 -1.57
C MET A 69 -4.47 2.76 -3.02
N PHE A 70 -3.55 3.23 -3.81
CA PHE A 70 -3.87 3.44 -5.26
C PHE A 70 -3.68 2.12 -6.00
N LEU A 71 -2.96 1.20 -5.41
CA LEU A 71 -2.76 -0.13 -6.05
C LEU A 71 -3.96 -1.02 -5.72
N VAL A 72 -4.75 -0.62 -4.76
CA VAL A 72 -5.94 -1.43 -4.39
C VAL A 72 -7.16 -0.98 -5.19
N TYR A 73 -7.41 0.30 -5.26
CA TYR A 73 -8.58 0.78 -6.02
C TYR A 73 -8.35 0.60 -7.52
N CYS A 74 -7.13 0.66 -7.96
CA CYS A 74 -6.85 0.48 -9.41
C CYS A 74 -6.81 -1.01 -9.72
N ALA A 75 -6.81 -1.85 -8.72
CA ALA A 75 -6.79 -3.31 -8.98
C ALA A 75 -8.22 -3.82 -9.02
N LEU A 76 -9.05 -3.26 -8.20
CA LEU A 76 -10.48 -3.67 -8.12
C LEU A 76 -11.33 -2.83 -9.09
N GLU A 77 -10.83 -1.71 -9.52
CA GLU A 77 -11.61 -0.85 -10.46
C GLU A 77 -11.71 -1.53 -11.83
N LYS A 78 -10.60 -1.76 -12.45
CA LYS A 78 -10.64 -2.43 -13.79
C LYS A 78 -9.21 -2.67 -14.30
N GLU A 79 -8.33 -3.14 -13.45
CA GLU A 79 -6.94 -3.41 -13.90
C GLU A 79 -6.26 -4.42 -12.96
N PRO A 80 -5.42 -5.23 -13.52
CA PRO A 80 -4.69 -6.23 -12.73
C PRO A 80 -3.57 -5.55 -11.93
N VAL A 81 -2.82 -6.29 -11.17
CA VAL A 81 -1.74 -5.66 -10.37
C VAL A 81 -0.42 -6.42 -10.55
N PRO A 82 0.55 -5.73 -11.10
CA PRO A 82 1.89 -6.34 -11.31
C PRO A 82 2.71 -6.21 -10.03
N MET A 83 3.75 -6.98 -9.90
CA MET A 83 4.59 -6.89 -8.67
C MET A 83 5.70 -5.87 -8.86
N SER A 84 5.57 -5.02 -9.83
CA SER A 84 6.66 -4.04 -10.07
C SER A 84 6.34 -2.69 -9.47
N LEU A 85 7.12 -2.32 -8.51
CA LEU A 85 6.92 -1.00 -7.85
C LEU A 85 7.99 -0.05 -8.40
N PRO A 86 7.70 0.53 -9.53
CA PRO A 86 8.65 1.45 -10.20
C PRO A 86 8.90 2.70 -9.35
N PRO A 87 9.93 3.41 -9.72
CA PRO A 87 10.31 4.65 -9.00
C PRO A 87 9.29 5.76 -9.26
N ALA A 88 8.37 5.53 -10.13
CA ALA A 88 7.33 6.56 -10.42
C ALA A 88 6.38 6.65 -9.24
N LEU A 89 6.39 5.65 -8.40
CA LEU A 89 5.46 5.69 -7.25
C LEU A 89 6.21 5.35 -5.94
N VAL A 90 7.40 5.84 -5.78
CA VAL A 90 8.17 5.55 -4.53
C VAL A 90 8.26 6.80 -3.67
N PRO A 91 8.07 6.62 -2.40
CA PRO A 91 8.15 7.75 -1.44
C PRO A 91 9.60 8.20 -1.25
N PRO A 92 9.74 9.32 -0.59
CA PRO A 92 11.10 9.87 -0.32
C PRO A 92 11.78 9.10 0.82
N SER A 93 11.02 8.39 1.61
CA SER A 93 11.62 7.63 2.73
C SER A 93 12.69 6.66 2.20
N LYS A 94 12.58 6.28 0.96
CA LYS A 94 13.58 5.35 0.39
C LYS A 94 14.73 6.14 -0.24
N ARG A 95 14.76 7.43 -0.02
CA ARG A 95 15.86 8.26 -0.61
C ARG A 95 16.59 9.04 0.50
N SER B 6 7.99 -10.21 -1.27
CA SER B 6 8.61 -9.34 -0.23
C SER B 6 7.83 -9.45 1.08
N THR B 7 7.97 -10.55 1.77
CA THR B 7 7.24 -10.76 3.06
C THR B 7 5.85 -10.10 3.01
N ASN B 8 4.85 -10.85 2.65
CA ASN B 8 3.47 -10.29 2.58
C ASN B 8 2.52 -11.12 3.44
N PRO B 9 1.56 -10.44 4.03
CA PRO B 9 0.57 -11.13 4.89
C PRO B 9 -0.43 -11.92 4.05
N PHE B 10 -0.81 -11.42 2.90
CA PHE B 10 -1.76 -12.17 2.04
C PHE B 10 -1.08 -13.40 1.43
N LEU B 11 0.20 -13.55 1.65
CA LEU B 11 0.91 -14.74 1.09
C LEU B 11 1.73 -15.43 2.17
CA CA C . 7.06 -0.59 5.30
N PRO A 1 4.96 12.59 -12.60
CA PRO A 1 5.42 12.68 -11.19
C PRO A 1 5.18 11.36 -10.47
N TRP A 2 5.22 11.38 -9.16
CA TRP A 2 5.00 10.13 -8.38
C TRP A 2 3.69 9.46 -8.82
N ALA A 3 3.73 8.22 -9.20
CA ALA A 3 2.48 7.53 -9.63
C ALA A 3 1.36 7.87 -8.67
N VAL A 4 1.69 8.18 -7.44
CA VAL A 4 0.63 8.55 -6.47
C VAL A 4 0.44 10.07 -6.48
N LYS A 5 -0.78 10.53 -6.44
CA LYS A 5 -1.00 12.01 -6.47
C LYS A 5 -1.16 12.57 -5.06
N PRO A 6 -1.22 13.86 -4.97
CA PRO A 6 -1.37 14.54 -3.67
C PRO A 6 -2.77 14.30 -3.11
N GLU A 7 -3.75 14.22 -3.99
CA GLU A 7 -5.14 13.98 -3.52
C GLU A 7 -5.32 12.50 -3.23
N ASP A 8 -4.57 11.68 -3.90
CA ASP A 8 -4.68 10.21 -3.66
C ASP A 8 -3.90 9.85 -2.39
N LYS A 9 -2.76 10.47 -2.20
CA LYS A 9 -1.96 10.19 -0.99
C LYS A 9 -2.64 10.82 0.23
N ALA A 10 -3.49 11.79 -0.01
CA ALA A 10 -4.20 12.45 1.12
C ALA A 10 -5.23 11.48 1.69
N LYS A 11 -5.93 10.78 0.85
CA LYS A 11 -6.92 9.81 1.36
C LYS A 11 -6.15 8.59 1.88
N TYR A 12 -5.02 8.31 1.30
CA TYR A 12 -4.19 7.18 1.77
C TYR A 12 -3.71 7.47 3.19
N ASP A 13 -3.33 8.70 3.42
CA ASP A 13 -2.84 9.09 4.78
C ASP A 13 -4.00 9.16 5.76
N ALA A 14 -5.21 9.05 5.29
CA ALA A 14 -6.38 9.07 6.20
C ALA A 14 -6.74 7.63 6.52
N ILE A 15 -6.55 6.77 5.55
CA ILE A 15 -6.82 5.35 5.75
C ILE A 15 -5.63 4.74 6.50
N PHE A 16 -4.47 5.34 6.33
CA PHE A 16 -3.26 4.84 7.04
C PHE A 16 -3.33 5.29 8.50
N ASP A 17 -3.80 6.49 8.72
CA ASP A 17 -3.92 7.01 10.10
C ASP A 17 -5.26 6.61 10.71
N SER A 18 -6.07 5.90 9.97
CA SER A 18 -7.39 5.45 10.50
C SER A 18 -7.22 4.10 11.18
N LEU A 19 -6.07 3.51 11.04
CA LEU A 19 -5.79 2.18 11.67
C LEU A 19 -4.89 2.38 12.87
N SER A 20 -4.30 3.54 12.98
CA SER A 20 -3.36 3.88 14.11
C SER A 20 -1.92 3.51 13.71
N PRO A 21 -1.23 4.50 13.27
CA PRO A 21 0.18 4.33 12.83
C PRO A 21 1.10 4.18 14.04
N VAL A 22 2.19 3.49 13.87
CA VAL A 22 3.15 3.31 14.99
C VAL A 22 4.48 3.94 14.62
N ASN A 23 4.78 5.08 15.17
CA ASN A 23 6.06 5.76 14.83
C ASN A 23 6.13 6.02 13.32
N GLY A 24 5.02 5.92 12.64
CA GLY A 24 5.00 6.17 11.17
C GLY A 24 4.87 4.86 10.41
N PHE A 25 4.19 3.89 10.96
CA PHE A 25 4.05 2.58 10.25
C PHE A 25 2.73 1.89 10.59
N LEU A 26 2.21 1.15 9.66
CA LEU A 26 0.97 0.39 9.90
C LEU A 26 1.32 -1.09 9.84
N SER A 27 0.83 -1.87 10.74
CA SER A 27 1.16 -3.32 10.70
C SER A 27 0.25 -4.03 9.69
N GLY A 28 0.77 -4.97 8.96
CA GLY A 28 -0.08 -5.69 7.98
C GLY A 28 -1.42 -6.02 8.64
N ASP A 29 -1.42 -6.17 9.94
CA ASP A 29 -2.67 -6.48 10.66
C ASP A 29 -3.67 -5.32 10.50
N LYS A 30 -3.19 -4.14 10.23
CA LYS A 30 -4.10 -2.99 10.05
C LYS A 30 -4.32 -2.77 8.56
N VAL A 31 -3.28 -3.00 7.79
CA VAL A 31 -3.40 -2.84 6.32
C VAL A 31 -4.14 -4.04 5.72
N LYS A 32 -3.83 -5.21 6.17
CA LYS A 32 -4.49 -6.43 5.62
C LYS A 32 -6.00 -6.20 5.40
N PRO A 33 -6.67 -5.78 6.44
CA PRO A 33 -8.14 -5.53 6.32
C PRO A 33 -8.39 -4.33 5.42
N VAL A 34 -7.52 -3.36 5.47
CA VAL A 34 -7.68 -2.15 4.62
C VAL A 34 -7.66 -2.54 3.14
N LEU A 35 -7.02 -3.64 2.82
CA LEU A 35 -6.98 -4.06 1.38
C LEU A 35 -8.06 -5.11 1.11
N LEU A 36 -8.43 -5.86 2.11
CA LEU A 36 -9.50 -6.88 1.89
C LEU A 36 -10.82 -6.16 1.68
N ASN A 37 -10.87 -4.92 2.06
CA ASN A 37 -12.13 -4.15 1.89
C ASN A 37 -12.24 -3.68 0.44
N SER A 38 -11.21 -3.88 -0.34
CA SER A 38 -11.24 -3.44 -1.76
C SER A 38 -11.89 -4.53 -2.63
N LYS A 39 -12.54 -5.47 -2.02
CA LYS A 39 -13.20 -6.56 -2.80
C LYS A 39 -12.17 -7.30 -3.65
N LEU A 40 -10.91 -7.14 -3.33
CA LEU A 40 -9.84 -7.84 -4.11
C LEU A 40 -9.43 -9.12 -3.39
N PRO A 41 -8.96 -10.06 -4.16
CA PRO A 41 -8.51 -11.34 -3.59
C PRO A 41 -7.16 -11.17 -2.90
N VAL A 42 -6.66 -12.20 -2.28
CA VAL A 42 -5.35 -12.10 -1.60
C VAL A 42 -4.23 -12.07 -2.65
N ASP A 43 -4.57 -12.21 -3.89
CA ASP A 43 -3.54 -12.18 -4.96
C ASP A 43 -3.18 -10.74 -5.27
N ILE A 44 -4.14 -9.86 -5.18
CA ILE A 44 -3.85 -8.43 -5.45
C ILE A 44 -3.27 -7.81 -4.20
N LEU A 45 -3.81 -8.18 -3.07
CA LEU A 45 -3.30 -7.64 -1.80
C LEU A 45 -1.96 -8.29 -1.50
N GLY A 46 -1.77 -9.50 -1.97
CA GLY A 46 -0.47 -10.19 -1.74
C GLY A 46 0.58 -9.42 -2.50
N ARG A 47 0.17 -8.72 -3.51
CA ARG A 47 1.13 -7.91 -4.31
C ARG A 47 1.03 -6.44 -3.92
N VAL A 48 -0.16 -5.96 -3.67
CA VAL A 48 -0.30 -4.52 -3.28
C VAL A 48 0.54 -4.25 -2.04
N TRP A 49 0.46 -5.10 -1.05
CA TRP A 49 1.28 -4.86 0.16
C TRP A 49 2.77 -4.91 -0.20
N GLU A 50 3.19 -5.97 -0.84
CA GLU A 50 4.63 -6.08 -1.20
C GLU A 50 5.03 -4.85 -2.01
N LEU A 51 4.26 -4.51 -3.00
CA LEU A 51 4.57 -3.31 -3.82
C LEU A 51 4.52 -2.08 -2.90
N SER A 52 3.80 -2.19 -1.81
CA SER A 52 3.72 -1.06 -0.85
C SER A 52 4.84 -1.18 0.18
N ASP A 53 5.25 -2.38 0.47
CA ASP A 53 6.34 -2.60 1.45
C ASP A 53 7.69 -2.21 0.83
N ILE A 54 7.99 -0.94 0.78
CA ILE A 54 9.28 -0.51 0.17
C ILE A 54 10.45 -1.11 0.95
N ASP A 55 10.32 -1.23 2.25
CA ASP A 55 11.42 -1.81 3.06
C ASP A 55 11.08 -3.26 3.46
N HIS A 56 9.83 -3.62 3.42
CA HIS A 56 9.43 -5.01 3.79
C HIS A 56 9.62 -5.24 5.29
N ASP A 57 9.26 -4.28 6.10
CA ASP A 57 9.41 -4.44 7.57
C ASP A 57 8.13 -5.01 8.17
N GLY A 58 7.22 -5.44 7.33
CA GLY A 58 5.94 -6.01 7.85
C GLY A 58 4.99 -4.87 8.22
N MET A 59 5.16 -3.73 7.62
CA MET A 59 4.26 -2.57 7.94
C MET A 59 4.17 -1.63 6.73
N LEU A 60 3.15 -0.81 6.69
CA LEU A 60 3.03 0.16 5.56
C LEU A 60 3.04 1.59 6.12
N ASP A 61 4.15 2.26 6.04
CA ASP A 61 4.21 3.65 6.58
C ASP A 61 3.38 4.60 5.72
N ARG A 62 2.98 5.71 6.25
CA ARG A 62 2.16 6.69 5.48
C ARG A 62 2.56 6.72 4.01
N ASP A 63 3.84 6.73 3.73
CA ASP A 63 4.29 6.77 2.32
C ASP A 63 4.13 5.39 1.68
N GLU A 64 4.36 4.35 2.41
CA GLU A 64 4.20 2.98 1.84
C GLU A 64 2.72 2.65 1.75
N PHE A 65 1.98 2.97 2.78
CA PHE A 65 0.52 2.70 2.76
C PHE A 65 -0.10 3.47 1.59
N ALA A 66 0.59 4.47 1.11
CA ALA A 66 0.04 5.25 -0.03
C ALA A 66 0.18 4.44 -1.32
N VAL A 67 1.35 3.92 -1.55
CA VAL A 67 1.57 3.12 -2.78
C VAL A 67 0.62 1.91 -2.80
N ALA A 68 0.16 1.49 -1.66
CA ALA A 68 -0.77 0.31 -1.61
C ALA A 68 -2.23 0.75 -1.77
N MET A 69 -2.49 2.02 -1.73
CA MET A 69 -3.91 2.47 -1.89
C MET A 69 -4.28 2.61 -3.36
N PHE A 70 -3.40 3.15 -4.16
CA PHE A 70 -3.72 3.26 -5.60
C PHE A 70 -3.52 1.89 -6.25
N LEU A 71 -2.68 1.08 -5.68
CA LEU A 71 -2.46 -0.28 -6.22
C LEU A 71 -3.73 -1.11 -5.98
N VAL A 72 -4.51 -0.71 -5.01
CA VAL A 72 -5.76 -1.43 -4.71
C VAL A 72 -6.92 -0.79 -5.47
N TYR A 73 -7.21 0.45 -5.18
CA TYR A 73 -8.33 1.14 -5.87
C TYR A 73 -8.27 0.93 -7.38
N CYS A 74 -7.11 0.72 -7.93
CA CYS A 74 -7.02 0.52 -9.40
C CYS A 74 -7.39 -0.92 -9.75
N ALA A 75 -7.39 -1.80 -8.78
CA ALA A 75 -7.72 -3.22 -9.05
C ALA A 75 -9.24 -3.40 -9.03
N LEU A 76 -9.94 -2.43 -8.52
CA LEU A 76 -11.42 -2.54 -8.47
C LEU A 76 -12.02 -1.94 -9.74
N GLU A 77 -11.48 -0.83 -10.16
CA GLU A 77 -12.00 -0.19 -11.39
C GLU A 77 -11.63 -1.03 -12.61
N LYS A 78 -10.36 -1.32 -12.78
CA LYS A 78 -9.96 -2.16 -13.95
C LYS A 78 -8.43 -2.34 -14.01
N GLU A 79 -7.68 -1.46 -13.41
CA GLU A 79 -6.20 -1.58 -13.47
C GLU A 79 -5.67 -2.62 -12.48
N PRO A 80 -5.14 -3.69 -13.02
CA PRO A 80 -4.58 -4.76 -12.16
C PRO A 80 -3.27 -4.31 -11.51
N VAL A 81 -2.56 -5.20 -10.88
CA VAL A 81 -1.27 -4.81 -10.23
C VAL A 81 -0.11 -5.52 -10.93
N PRO A 82 1.01 -4.88 -10.96
CA PRO A 82 2.19 -5.47 -11.61
C PRO A 82 2.82 -6.53 -10.71
N MET A 83 4.03 -6.89 -10.96
CA MET A 83 4.69 -7.92 -10.12
C MET A 83 5.77 -7.31 -9.23
N SER A 84 5.99 -6.02 -9.32
CA SER A 84 7.04 -5.41 -8.46
C SER A 84 7.01 -3.90 -8.55
N LEU A 85 5.86 -3.37 -8.82
CA LEU A 85 5.64 -1.90 -8.92
C LEU A 85 6.75 -1.22 -9.75
N PRO A 86 6.31 -0.53 -10.78
CA PRO A 86 7.28 0.18 -11.67
C PRO A 86 7.96 1.34 -10.93
N PRO A 87 9.03 1.81 -11.52
CA PRO A 87 9.83 2.91 -10.91
C PRO A 87 9.06 4.24 -10.95
N ALA A 88 7.91 4.25 -11.53
CA ALA A 88 7.13 5.50 -11.60
C ALA A 88 6.49 5.78 -10.25
N LEU A 89 6.63 4.87 -9.32
CA LEU A 89 6.03 5.10 -7.98
C LEU A 89 6.95 4.58 -6.87
N VAL A 90 8.23 4.81 -6.99
CA VAL A 90 9.17 4.33 -5.94
C VAL A 90 9.92 5.50 -5.30
N PRO A 91 9.93 5.52 -3.99
CA PRO A 91 10.63 6.60 -3.27
C PRO A 91 12.14 6.45 -3.43
N PRO A 92 12.87 7.41 -2.93
CA PRO A 92 14.35 7.38 -3.03
C PRO A 92 14.94 6.27 -2.17
N SER A 93 16.24 6.09 -2.22
CA SER A 93 16.89 5.01 -1.42
C SER A 93 16.61 3.65 -2.04
N LYS A 94 15.37 3.36 -2.34
CA LYS A 94 15.06 2.06 -2.97
C LYS A 94 15.17 2.21 -4.49
N ARG A 95 15.75 3.30 -4.94
CA ARG A 95 15.89 3.51 -6.41
C ARG A 95 17.35 3.40 -6.82
N SER B 6 7.39 -13.88 7.26
CA SER B 6 5.97 -13.42 7.33
C SER B 6 5.90 -11.91 7.09
N THR B 7 6.40 -11.47 5.97
CA THR B 7 6.35 -10.00 5.66
C THR B 7 5.02 -9.64 5.01
N ASN B 8 4.43 -10.58 4.32
CA ASN B 8 3.13 -10.29 3.66
C ASN B 8 1.97 -10.94 4.41
N PRO B 9 0.96 -10.15 4.69
CA PRO B 9 -0.22 -10.67 5.41
C PRO B 9 -1.11 -11.49 4.48
N PHE B 10 -1.10 -11.21 3.21
CA PHE B 10 -1.95 -11.98 2.25
C PHE B 10 -1.20 -13.25 1.80
N LEU B 11 0.01 -13.42 2.25
CA LEU B 11 0.78 -14.63 1.84
C LEU B 11 1.10 -15.50 3.06
CA CA C . 7.40 -1.24 4.72
N PRO A 1 5.08 12.56 -13.07
CA PRO A 1 4.44 12.81 -11.76
C PRO A 1 4.34 11.52 -10.95
N TRP A 2 4.02 11.62 -9.69
CA TRP A 2 3.91 10.39 -8.85
C TRP A 2 2.55 9.72 -9.05
N ALA A 3 2.54 8.49 -9.51
CA ALA A 3 1.24 7.78 -9.73
C ALA A 3 0.25 8.11 -8.62
N VAL A 4 0.75 8.39 -7.45
CA VAL A 4 -0.15 8.74 -6.31
C VAL A 4 -0.33 10.26 -6.25
N LYS A 5 -1.55 10.72 -6.21
CA LYS A 5 -1.78 12.19 -6.16
C LYS A 5 -1.69 12.68 -4.71
N PRO A 6 -1.56 13.98 -4.57
CA PRO A 6 -1.48 14.58 -3.22
C PRO A 6 -2.82 14.42 -2.51
N GLU A 7 -3.89 14.40 -3.26
CA GLU A 7 -5.24 14.23 -2.65
C GLU A 7 -5.51 12.75 -2.46
N ASP A 8 -4.88 11.92 -3.25
CA ASP A 8 -5.09 10.45 -3.11
C ASP A 8 -4.30 9.96 -1.91
N LYS A 9 -3.10 10.45 -1.77
CA LYS A 9 -2.27 10.03 -0.61
C LYS A 9 -2.87 10.60 0.67
N ALA A 10 -3.62 11.67 0.54
CA ALA A 10 -4.25 12.29 1.74
C ALA A 10 -5.26 11.30 2.31
N LYS A 11 -6.02 10.67 1.46
CA LYS A 11 -7.00 9.66 1.93
C LYS A 11 -6.21 8.44 2.34
N TYR A 12 -5.20 8.13 1.59
CA TYR A 12 -4.34 6.98 1.95
C TYR A 12 -3.74 7.30 3.32
N ASP A 13 -3.71 8.56 3.66
CA ASP A 13 -3.15 8.97 4.99
C ASP A 13 -4.28 9.00 6.03
N ALA A 14 -5.50 8.92 5.59
CA ALA A 14 -6.62 8.90 6.55
C ALA A 14 -6.93 7.45 6.88
N ILE A 15 -6.73 6.61 5.90
CA ILE A 15 -6.94 5.16 6.11
C ILE A 15 -5.72 4.61 6.84
N PHE A 16 -4.60 5.23 6.62
CA PHE A 16 -3.36 4.79 7.29
C PHE A 16 -3.38 5.28 8.74
N ASP A 17 -3.84 6.47 8.95
CA ASP A 17 -3.91 7.03 10.33
C ASP A 17 -5.23 6.59 10.99
N SER A 18 -6.02 5.82 10.29
CA SER A 18 -7.31 5.35 10.88
C SER A 18 -7.07 4.02 11.60
N LEU A 19 -5.91 3.45 11.41
CA LEU A 19 -5.58 2.16 12.08
C LEU A 19 -4.60 2.41 13.22
N SER A 20 -4.04 3.60 13.26
CA SER A 20 -3.05 3.99 14.32
C SER A 20 -1.64 3.58 13.87
N PRO A 21 -0.96 4.53 13.32
CA PRO A 21 0.42 4.31 12.83
C PRO A 21 1.41 4.27 13.99
N VAL A 22 2.49 3.57 13.81
CA VAL A 22 3.52 3.47 14.87
C VAL A 22 4.82 4.10 14.38
N ASN A 23 5.15 5.26 14.89
CA ASN A 23 6.40 5.94 14.41
C ASN A 23 6.30 6.18 12.90
N GLY A 24 5.12 6.07 12.36
CA GLY A 24 4.95 6.30 10.89
C GLY A 24 4.82 4.96 10.16
N PHE A 25 4.25 3.97 10.80
CA PHE A 25 4.11 2.64 10.12
C PHE A 25 2.81 1.95 10.50
N LEU A 26 2.29 1.17 9.59
CA LEU A 26 1.04 0.41 9.88
C LEU A 26 1.37 -1.07 9.80
N SER A 27 0.85 -1.85 10.68
CA SER A 27 1.16 -3.30 10.62
C SER A 27 0.20 -3.99 9.68
N GLY A 28 0.69 -4.93 8.91
CA GLY A 28 -0.20 -5.67 7.97
C GLY A 28 -1.52 -5.97 8.66
N ASP A 29 -1.51 -6.07 9.96
CA ASP A 29 -2.78 -6.34 10.71
C ASP A 29 -3.77 -5.21 10.47
N LYS A 30 -3.29 -4.03 10.22
CA LYS A 30 -4.20 -2.89 9.96
C LYS A 30 -4.40 -2.76 8.46
N VAL A 31 -3.39 -3.08 7.70
CA VAL A 31 -3.50 -2.99 6.23
C VAL A 31 -4.24 -4.21 5.67
N LYS A 32 -3.90 -5.38 6.14
CA LYS A 32 -4.57 -6.62 5.64
C LYS A 32 -6.08 -6.39 5.43
N PRO A 33 -6.74 -5.92 6.47
CA PRO A 33 -8.19 -5.65 6.36
C PRO A 33 -8.43 -4.48 5.40
N VAL A 34 -7.55 -3.52 5.41
CA VAL A 34 -7.71 -2.35 4.49
C VAL A 34 -7.70 -2.85 3.04
N LEU A 35 -6.88 -3.82 2.75
CA LEU A 35 -6.82 -4.35 1.36
C LEU A 35 -7.93 -5.37 1.14
N LEU A 36 -8.33 -6.04 2.18
CA LEU A 36 -9.41 -7.06 2.03
C LEU A 36 -10.75 -6.34 1.87
N ASN A 37 -10.77 -5.07 2.12
CA ASN A 37 -12.05 -4.33 1.97
C ASN A 37 -12.18 -3.78 0.55
N SER A 38 -11.17 -3.94 -0.25
CA SER A 38 -11.22 -3.44 -1.65
C SER A 38 -11.92 -4.46 -2.56
N LYS A 39 -12.50 -5.47 -1.98
CA LYS A 39 -13.19 -6.50 -2.81
C LYS A 39 -12.18 -7.27 -3.66
N LEU A 40 -10.91 -7.04 -3.44
CA LEU A 40 -9.87 -7.77 -4.22
C LEU A 40 -9.43 -9.03 -3.49
N PRO A 41 -8.94 -9.96 -4.26
CA PRO A 41 -8.47 -11.24 -3.69
C PRO A 41 -7.13 -11.02 -2.97
N VAL A 42 -6.70 -11.98 -2.20
CA VAL A 42 -5.42 -11.86 -1.47
C VAL A 42 -4.27 -11.83 -2.49
N ASP A 43 -4.56 -12.07 -3.74
CA ASP A 43 -3.48 -12.05 -4.76
C ASP A 43 -3.13 -10.61 -5.09
N ILE A 44 -4.09 -9.72 -5.00
CA ILE A 44 -3.80 -8.29 -5.29
C ILE A 44 -3.25 -7.64 -4.04
N LEU A 45 -3.76 -8.03 -2.91
CA LEU A 45 -3.29 -7.45 -1.63
C LEU A 45 -1.93 -8.04 -1.29
N GLY A 46 -1.65 -9.22 -1.78
CA GLY A 46 -0.33 -9.84 -1.49
C GLY A 46 0.71 -9.13 -2.35
N ARG A 47 0.26 -8.59 -3.45
CA ARG A 47 1.17 -7.86 -4.36
C ARG A 47 1.01 -6.35 -4.12
N VAL A 48 -0.16 -5.92 -3.72
CA VAL A 48 -0.34 -4.47 -3.45
C VAL A 48 0.46 -4.11 -2.21
N TRP A 49 0.28 -4.84 -1.14
CA TRP A 49 1.09 -4.57 0.07
C TRP A 49 2.56 -4.74 -0.31
N GLU A 50 2.88 -5.88 -0.86
CA GLU A 50 4.28 -6.15 -1.27
C GLU A 50 4.85 -4.94 -2.00
N LEU A 51 4.31 -4.65 -3.14
CA LEU A 51 4.79 -3.48 -3.91
C LEU A 51 4.68 -2.24 -3.04
N SER A 52 3.88 -2.32 -2.00
CA SER A 52 3.75 -1.16 -1.07
C SER A 52 4.78 -1.33 0.05
N ASP A 53 5.30 -2.52 0.21
CA ASP A 53 6.32 -2.77 1.27
C ASP A 53 7.72 -2.63 0.68
N ILE A 54 8.21 -1.43 0.56
CA ILE A 54 9.56 -1.23 -0.04
C ILE A 54 10.66 -1.34 1.02
N ASP A 55 10.31 -1.18 2.28
CA ASP A 55 11.34 -1.30 3.35
C ASP A 55 11.34 -2.72 3.90
N HIS A 56 10.26 -3.44 3.74
CA HIS A 56 10.19 -4.84 4.24
C HIS A 56 10.13 -4.86 5.77
N ASP A 57 9.39 -3.96 6.36
CA ASP A 57 9.28 -3.94 7.84
C ASP A 57 7.95 -4.57 8.27
N GLY A 58 7.30 -5.27 7.37
CA GLY A 58 6.00 -5.89 7.71
C GLY A 58 4.99 -4.80 8.06
N MET A 59 5.13 -3.64 7.45
CA MET A 59 4.19 -2.52 7.75
C MET A 59 4.08 -1.56 6.56
N LEU A 60 3.05 -0.77 6.52
CA LEU A 60 2.91 0.22 5.41
C LEU A 60 2.95 1.64 5.99
N ASP A 61 4.06 2.31 5.90
CA ASP A 61 4.14 3.69 6.46
C ASP A 61 3.29 4.65 5.61
N ARG A 62 2.95 5.78 6.18
CA ARG A 62 2.12 6.79 5.45
C ARG A 62 2.42 6.79 3.95
N ASP A 63 3.67 6.77 3.59
CA ASP A 63 4.02 6.79 2.14
C ASP A 63 3.85 5.39 1.54
N GLU A 64 4.24 4.37 2.24
CA GLU A 64 4.09 3.00 1.71
C GLU A 64 2.60 2.65 1.63
N PHE A 65 1.88 2.90 2.69
CA PHE A 65 0.43 2.61 2.66
C PHE A 65 -0.21 3.39 1.52
N ALA A 66 0.48 4.39 1.02
CA ALA A 66 -0.07 5.18 -0.11
C ALA A 66 0.05 4.38 -1.40
N VAL A 67 1.23 3.93 -1.70
CA VAL A 67 1.43 3.13 -2.95
C VAL A 67 0.49 1.93 -2.94
N ALA A 68 0.10 1.47 -1.78
CA ALA A 68 -0.83 0.31 -1.71
C ALA A 68 -2.29 0.77 -1.69
N MET A 69 -2.53 2.04 -1.69
CA MET A 69 -3.95 2.52 -1.67
C MET A 69 -4.47 2.62 -3.10
N PHE A 70 -3.75 3.27 -3.96
CA PHE A 70 -4.23 3.36 -5.37
C PHE A 70 -4.01 2.00 -6.03
N LEU A 71 -3.03 1.27 -5.54
CA LEU A 71 -2.78 -0.08 -6.07
C LEU A 71 -4.01 -0.94 -5.78
N VAL A 72 -4.68 -0.64 -4.71
CA VAL A 72 -5.91 -1.39 -4.35
C VAL A 72 -7.14 -0.72 -4.96
N TYR A 73 -7.05 0.55 -5.24
CA TYR A 73 -8.21 1.26 -5.85
C TYR A 73 -8.13 1.16 -7.37
N CYS A 74 -6.97 0.90 -7.90
CA CYS A 74 -6.83 0.77 -9.37
C CYS A 74 -7.17 -0.65 -9.80
N ALA A 75 -7.15 -1.58 -8.87
CA ALA A 75 -7.51 -2.98 -9.22
C ALA A 75 -9.02 -3.13 -9.26
N LEU A 76 -9.71 -2.17 -8.72
CA LEU A 76 -11.20 -2.23 -8.70
C LEU A 76 -11.75 -1.54 -9.94
N GLU A 77 -11.15 -0.45 -10.33
CA GLU A 77 -11.64 0.29 -11.52
C GLU A 77 -11.36 -0.53 -12.78
N LYS A 78 -10.15 -0.98 -12.96
CA LYS A 78 -9.84 -1.78 -14.18
C LYS A 78 -8.36 -2.19 -14.24
N GLU A 79 -7.49 -1.46 -13.60
CA GLU A 79 -6.04 -1.81 -13.69
C GLU A 79 -5.59 -2.70 -12.54
N PRO A 80 -5.11 -3.87 -12.87
CA PRO A 80 -4.64 -4.82 -11.85
C PRO A 80 -3.31 -4.33 -11.25
N VAL A 81 -2.53 -5.22 -10.69
CA VAL A 81 -1.24 -4.81 -10.09
C VAL A 81 -0.09 -5.50 -10.81
N PRO A 82 1.02 -4.82 -10.90
CA PRO A 82 2.20 -5.39 -11.57
C PRO A 82 2.93 -6.35 -10.65
N MET A 83 4.17 -6.61 -10.92
CA MET A 83 4.93 -7.55 -10.04
C MET A 83 6.21 -6.91 -9.54
N SER A 84 6.37 -5.63 -9.68
CA SER A 84 7.64 -5.00 -9.19
C SER A 84 7.51 -3.50 -9.10
N LEU A 85 6.32 -3.02 -9.01
CA LEU A 85 6.12 -1.55 -8.87
C LEU A 85 6.77 -0.80 -10.03
N PRO A 86 5.95 -0.17 -10.83
CA PRO A 86 6.47 0.64 -11.96
C PRO A 86 7.18 1.88 -11.42
N PRO A 87 8.05 2.41 -12.23
CA PRO A 87 8.83 3.62 -11.84
C PRO A 87 7.95 4.86 -11.81
N ALA A 88 6.71 4.72 -12.15
CA ALA A 88 5.79 5.90 -12.15
C ALA A 88 5.24 6.14 -10.75
N LEU A 89 5.63 5.33 -9.79
CA LEU A 89 5.12 5.55 -8.42
C LEU A 89 6.13 5.08 -7.36
N VAL A 90 7.39 5.30 -7.58
CA VAL A 90 8.40 4.86 -6.57
C VAL A 90 9.21 6.07 -6.09
N PRO A 91 9.36 6.15 -4.79
CA PRO A 91 10.12 7.27 -4.19
C PRO A 91 11.62 7.09 -4.42
N PRO A 92 12.37 8.10 -4.07
CA PRO A 92 13.84 8.05 -4.23
C PRO A 92 14.46 7.11 -3.20
N SER A 93 15.76 7.12 -3.08
CA SER A 93 16.45 6.22 -2.10
C SER A 93 16.49 4.79 -2.64
N LYS A 94 15.42 4.32 -3.22
CA LYS A 94 15.43 2.95 -3.79
C LYS A 94 15.94 3.02 -5.22
N ARG A 95 16.38 4.18 -5.65
CA ARG A 95 16.88 4.32 -7.04
C ARG A 95 18.23 3.61 -7.19
N SER B 6 6.34 -12.22 9.35
CA SER B 6 5.32 -12.18 8.26
C SER B 6 5.27 -10.78 7.64
N THR B 7 5.90 -10.61 6.50
CA THR B 7 5.89 -9.27 5.84
C THR B 7 4.65 -9.14 4.96
N ASN B 8 4.15 -10.23 4.45
CA ASN B 8 2.94 -10.15 3.58
C ASN B 8 1.75 -10.86 4.26
N PRO B 9 0.75 -10.09 4.57
CA PRO B 9 -0.46 -10.64 5.24
C PRO B 9 -1.42 -11.27 4.20
N PHE B 10 -0.93 -11.62 3.04
CA PHE B 10 -1.83 -12.24 2.03
C PHE B 10 -1.19 -13.53 1.47
N LEU B 11 -0.22 -14.06 2.16
CA LEU B 11 0.44 -15.31 1.67
C LEU B 11 -0.07 -16.52 2.46
CA CA C . 7.06 -1.59 4.27
N PRO A 1 5.74 12.33 -12.24
CA PRO A 1 6.11 12.48 -10.81
C PRO A 1 5.73 11.23 -10.01
N TRP A 2 5.75 11.32 -8.72
CA TRP A 2 5.38 10.14 -7.89
C TRP A 2 4.09 9.52 -8.42
N ALA A 3 4.10 8.25 -8.72
CA ALA A 3 2.87 7.60 -9.23
C ALA A 3 1.64 8.08 -8.46
N VAL A 4 1.83 8.51 -7.24
CA VAL A 4 0.67 9.00 -6.44
C VAL A 4 0.71 10.52 -6.33
N LYS A 5 -0.41 11.13 -6.08
CA LYS A 5 -0.45 12.62 -5.95
C LYS A 5 -0.65 13.01 -4.48
N PRO A 6 -0.50 14.28 -4.20
CA PRO A 6 -0.67 14.76 -2.80
C PRO A 6 -2.12 14.58 -2.37
N GLU A 7 -3.04 14.69 -3.28
CA GLU A 7 -4.48 14.51 -2.92
C GLU A 7 -4.74 13.03 -2.61
N ASP A 8 -4.04 12.15 -3.26
CA ASP A 8 -4.21 10.70 -2.99
C ASP A 8 -3.51 10.36 -1.69
N LYS A 9 -2.35 10.92 -1.49
CA LYS A 9 -1.61 10.67 -0.24
C LYS A 9 -2.39 11.25 0.94
N ALA A 10 -3.34 12.11 0.66
CA ALA A 10 -4.16 12.72 1.75
C ALA A 10 -5.23 11.71 2.15
N LYS A 11 -5.61 10.87 1.23
CA LYS A 11 -6.62 9.81 1.54
C LYS A 11 -5.84 8.59 2.00
N TYR A 12 -4.72 8.37 1.37
CA TYR A 12 -3.88 7.22 1.77
C TYR A 12 -3.36 7.50 3.16
N ASP A 13 -3.26 8.76 3.50
CA ASP A 13 -2.75 9.15 4.85
C ASP A 13 -3.93 9.23 5.83
N ALA A 14 -5.13 9.24 5.32
CA ALA A 14 -6.30 9.28 6.24
C ALA A 14 -6.71 7.85 6.52
N ILE A 15 -6.43 7.01 5.57
CA ILE A 15 -6.73 5.57 5.73
C ILE A 15 -5.59 4.94 6.52
N PHE A 16 -4.40 5.41 6.30
CA PHE A 16 -3.22 4.88 7.04
C PHE A 16 -3.30 5.33 8.49
N ASP A 17 -3.72 6.55 8.70
CA ASP A 17 -3.84 7.08 10.08
C ASP A 17 -5.21 6.74 10.67
N SER A 18 -6.04 6.08 9.91
CA SER A 18 -7.38 5.70 10.43
C SER A 18 -7.28 4.34 11.13
N LEU A 19 -6.16 3.69 10.96
CA LEU A 19 -5.93 2.38 11.61
C LEU A 19 -5.07 2.58 12.86
N SER A 20 -4.53 3.76 12.98
CA SER A 20 -3.62 4.10 14.14
C SER A 20 -2.19 3.72 13.78
N PRO A 21 -1.46 4.71 13.32
CA PRO A 21 -0.05 4.49 12.90
C PRO A 21 0.85 4.33 14.12
N VAL A 22 1.90 3.59 13.96
CA VAL A 22 2.85 3.38 15.08
C VAL A 22 4.22 3.91 14.66
N ASN A 23 4.64 5.02 15.24
CA ASN A 23 5.95 5.61 14.85
C ASN A 23 5.95 5.93 13.35
N GLY A 24 4.78 6.08 12.77
CA GLY A 24 4.70 6.39 11.32
C GLY A 24 4.70 5.09 10.52
N PHE A 25 4.00 4.09 11.01
CA PHE A 25 3.97 2.79 10.27
C PHE A 25 2.66 2.05 10.52
N LEU A 26 2.29 1.20 9.60
CA LEU A 26 1.05 0.38 9.79
C LEU A 26 1.42 -1.08 9.67
N SER A 27 0.91 -1.90 10.52
CA SER A 27 1.26 -3.35 10.43
C SER A 27 0.26 -4.08 9.55
N GLY A 28 0.71 -5.07 8.86
CA GLY A 28 -0.21 -5.85 7.97
C GLY A 28 -1.53 -6.08 8.72
N ASP A 29 -1.47 -6.11 10.03
CA ASP A 29 -2.71 -6.31 10.83
C ASP A 29 -3.70 -5.15 10.58
N LYS A 30 -3.20 -4.00 10.22
CA LYS A 30 -4.11 -2.85 9.95
C LYS A 30 -4.30 -2.70 8.45
N VAL A 31 -3.31 -3.10 7.69
CA VAL A 31 -3.41 -2.97 6.21
C VAL A 31 -4.18 -4.18 5.63
N LYS A 32 -3.81 -5.37 6.01
CA LYS A 32 -4.50 -6.57 5.47
C LYS A 32 -6.01 -6.35 5.38
N PRO A 33 -6.60 -5.92 6.48
CA PRO A 33 -8.07 -5.66 6.48
C PRO A 33 -8.37 -4.46 5.59
N VAL A 34 -7.46 -3.54 5.52
CA VAL A 34 -7.67 -2.33 4.67
C VAL A 34 -7.66 -2.75 3.19
N LEU A 35 -6.83 -3.69 2.84
CA LEU A 35 -6.77 -4.15 1.42
C LEU A 35 -7.89 -5.16 1.15
N LEU A 36 -8.35 -5.82 2.17
CA LEU A 36 -9.44 -6.80 1.97
C LEU A 36 -10.76 -6.05 1.78
N ASN A 37 -10.76 -4.77 2.03
CA ASN A 37 -12.00 -3.99 1.85
C ASN A 37 -12.16 -3.57 0.39
N SER A 38 -11.14 -3.75 -0.40
CA SER A 38 -11.22 -3.37 -1.84
C SER A 38 -11.93 -4.47 -2.62
N LYS A 39 -12.48 -5.44 -1.94
CA LYS A 39 -13.18 -6.55 -2.65
C LYS A 39 -12.17 -7.35 -3.49
N LEU A 40 -10.91 -7.10 -3.31
CA LEU A 40 -9.88 -7.84 -4.10
C LEU A 40 -9.50 -9.12 -3.38
N PRO A 41 -9.05 -10.08 -4.14
CA PRO A 41 -8.63 -11.36 -3.56
C PRO A 41 -7.27 -11.21 -2.87
N VAL A 42 -6.83 -12.22 -2.18
CA VAL A 42 -5.53 -12.13 -1.48
C VAL A 42 -4.39 -12.15 -2.49
N ASP A 43 -4.71 -12.32 -3.75
CA ASP A 43 -3.66 -12.33 -4.78
C ASP A 43 -3.28 -10.90 -5.14
N ILE A 44 -4.22 -10.00 -5.09
CA ILE A 44 -3.91 -8.58 -5.40
C ILE A 44 -3.30 -7.94 -4.15
N LEU A 45 -3.84 -8.27 -3.02
CA LEU A 45 -3.32 -7.70 -1.76
C LEU A 45 -1.94 -8.30 -1.48
N GLY A 46 -1.71 -9.50 -1.94
CA GLY A 46 -0.38 -10.12 -1.73
C GLY A 46 0.62 -9.35 -2.57
N ARG A 47 0.15 -8.71 -3.60
CA ARG A 47 1.04 -7.91 -4.48
C ARG A 47 0.92 -6.43 -4.18
N VAL A 48 -0.25 -5.96 -3.81
CA VAL A 48 -0.39 -4.51 -3.53
C VAL A 48 0.40 -4.16 -2.27
N TRP A 49 0.42 -5.04 -1.31
CA TRP A 49 1.21 -4.76 -0.07
C TRP A 49 2.71 -4.76 -0.41
N GLU A 50 3.18 -5.79 -1.08
CA GLU A 50 4.63 -5.85 -1.41
C GLU A 50 5.06 -4.61 -2.17
N LEU A 51 4.44 -4.32 -3.27
CA LEU A 51 4.82 -3.09 -4.02
C LEU A 51 4.62 -1.88 -3.10
N SER A 52 3.90 -2.06 -2.03
CA SER A 52 3.69 -0.94 -1.06
C SER A 52 4.75 -1.05 0.04
N ASP A 53 5.16 -2.27 0.33
CA ASP A 53 6.18 -2.50 1.40
C ASP A 53 7.58 -2.36 0.80
N ILE A 54 8.19 -1.22 0.97
CA ILE A 54 9.55 -1.03 0.40
C ILE A 54 10.63 -1.29 1.46
N ASP A 55 10.28 -1.22 2.72
CA ASP A 55 11.30 -1.48 3.78
C ASP A 55 11.23 -2.93 4.23
N HIS A 56 10.18 -3.64 3.88
CA HIS A 56 10.06 -5.07 4.27
C HIS A 56 10.03 -5.21 5.79
N ASP A 57 9.29 -4.38 6.46
CA ASP A 57 9.20 -4.48 7.94
C ASP A 57 7.83 -5.05 8.33
N GLY A 58 7.16 -5.69 7.40
CA GLY A 58 5.83 -6.26 7.70
C GLY A 58 4.88 -5.14 8.10
N MET A 59 5.09 -3.96 7.56
CA MET A 59 4.19 -2.80 7.90
C MET A 59 4.11 -1.85 6.70
N LEU A 60 3.11 -1.02 6.64
CA LEU A 60 3.00 -0.07 5.51
C LEU A 60 3.23 1.36 6.01
N ASP A 61 4.35 1.94 5.68
CA ASP A 61 4.62 3.34 6.14
C ASP A 61 3.66 4.29 5.43
N ARG A 62 3.29 5.37 6.07
CA ARG A 62 2.35 6.33 5.42
C ARG A 62 2.70 6.50 3.94
N ASP A 63 3.97 6.49 3.61
CA ASP A 63 4.37 6.63 2.19
C ASP A 63 4.17 5.30 1.47
N GLU A 64 4.43 4.22 2.16
CA GLU A 64 4.23 2.89 1.54
C GLU A 64 2.73 2.62 1.45
N PHE A 65 2.05 2.79 2.54
CA PHE A 65 0.59 2.59 2.54
C PHE A 65 -0.01 3.36 1.38
N ALA A 66 0.63 4.41 0.95
CA ALA A 66 0.08 5.20 -0.19
C ALA A 66 0.18 4.39 -1.48
N VAL A 67 1.35 3.93 -1.80
CA VAL A 67 1.52 3.13 -3.04
C VAL A 67 0.53 1.96 -3.04
N ALA A 68 0.06 1.56 -1.88
CA ALA A 68 -0.89 0.41 -1.81
C ALA A 68 -2.34 0.85 -1.94
N MET A 69 -2.63 2.12 -1.79
CA MET A 69 -4.06 2.54 -1.91
C MET A 69 -4.45 2.70 -3.37
N PHE A 70 -3.60 3.25 -4.18
CA PHE A 70 -3.95 3.39 -5.62
C PHE A 70 -3.78 2.02 -6.30
N LEU A 71 -2.93 1.20 -5.74
CA LEU A 71 -2.72 -0.17 -6.29
C LEU A 71 -3.95 -1.03 -6.00
N VAL A 72 -4.65 -0.72 -4.95
CA VAL A 72 -5.87 -1.50 -4.60
C VAL A 72 -7.10 -0.88 -5.22
N TYR A 73 -7.04 0.39 -5.56
CA TYR A 73 -8.23 1.05 -6.18
C TYR A 73 -8.16 0.90 -7.69
N CYS A 74 -6.98 0.68 -8.21
CA CYS A 74 -6.83 0.51 -9.68
C CYS A 74 -7.15 -0.94 -10.06
N ALA A 75 -7.13 -1.82 -9.10
CA ALA A 75 -7.45 -3.25 -9.40
C ALA A 75 -8.96 -3.44 -9.35
N LEU A 76 -9.66 -2.46 -8.86
CA LEU A 76 -11.15 -2.55 -8.76
C LEU A 76 -11.77 -2.01 -10.03
N GLU A 77 -11.26 -0.92 -10.52
CA GLU A 77 -11.83 -0.32 -11.76
C GLU A 77 -11.51 -1.21 -12.96
N LYS A 78 -10.27 -1.56 -13.13
CA LYS A 78 -9.91 -2.43 -14.28
C LYS A 78 -8.40 -2.68 -14.35
N GLU A 79 -7.61 -1.77 -13.84
CA GLU A 79 -6.13 -1.95 -13.91
C GLU A 79 -5.65 -2.98 -12.87
N PRO A 80 -5.23 -4.11 -13.36
CA PRO A 80 -4.72 -5.19 -12.47
C PRO A 80 -3.42 -4.75 -11.79
N VAL A 81 -2.81 -5.61 -11.03
CA VAL A 81 -1.56 -5.20 -10.33
C VAL A 81 -0.47 -6.27 -10.49
N PRO A 82 0.64 -5.85 -11.05
CA PRO A 82 1.79 -6.76 -11.23
C PRO A 82 2.64 -6.80 -9.96
N MET A 83 3.79 -7.40 -10.01
CA MET A 83 4.66 -7.44 -8.79
C MET A 83 5.83 -6.48 -8.94
N SER A 84 5.77 -5.59 -9.88
CA SER A 84 6.92 -4.67 -10.07
C SER A 84 6.65 -3.32 -9.42
N LEU A 85 7.42 -3.01 -8.42
CA LEU A 85 7.26 -1.71 -7.73
C LEU A 85 8.34 -0.75 -8.27
N PRO A 86 8.01 -0.09 -9.34
CA PRO A 86 8.95 0.87 -9.98
C PRO A 86 9.28 2.05 -9.06
N PRO A 87 10.32 2.75 -9.43
CA PRO A 87 10.78 3.92 -8.63
C PRO A 87 9.80 5.08 -8.75
N ALA A 88 8.86 4.98 -9.64
CA ALA A 88 7.86 6.06 -9.80
C ALA A 88 6.91 6.02 -8.61
N LEU A 89 7.02 5.01 -7.80
CA LEU A 89 6.14 4.89 -6.62
C LEU A 89 6.96 4.99 -5.34
N VAL A 90 8.24 5.20 -5.47
CA VAL A 90 9.11 5.28 -4.27
C VAL A 90 9.40 6.74 -3.91
N PRO A 91 9.06 7.10 -2.70
CA PRO A 91 9.30 8.49 -2.23
C PRO A 91 10.81 8.72 -2.07
N PRO A 92 11.18 9.95 -1.91
CA PRO A 92 12.62 10.30 -1.75
C PRO A 92 13.14 9.84 -0.40
N SER A 93 12.31 9.28 0.42
CA SER A 93 12.79 8.80 1.74
C SER A 93 12.94 7.29 1.69
N LYS A 94 12.30 6.65 0.77
CA LYS A 94 12.42 5.18 0.64
C LYS A 94 13.40 4.86 -0.49
N ARG A 95 14.05 5.85 -1.04
CA ARG A 95 15.00 5.58 -2.15
C ARG A 95 16.43 5.44 -1.62
N SER B 6 7.14 -11.82 0.85
CA SER B 6 7.97 -11.13 1.89
C SER B 6 7.08 -10.62 3.03
N THR B 7 6.99 -11.37 4.10
CA THR B 7 6.14 -10.93 5.25
C THR B 7 4.83 -10.33 4.73
N ASN B 8 4.26 -10.92 3.71
CA ASN B 8 2.98 -10.39 3.15
C ASN B 8 1.79 -11.06 3.85
N PRO B 9 0.85 -10.26 4.25
CA PRO B 9 -0.35 -10.77 4.94
C PRO B 9 -1.39 -11.34 3.95
N PHE B 10 -0.97 -11.81 2.81
CA PHE B 10 -1.94 -12.38 1.83
C PHE B 10 -1.35 -13.61 1.14
N LEU B 11 -0.23 -13.46 0.50
CA LEU B 11 0.40 -14.61 -0.20
C LEU B 11 0.48 -15.82 0.73
CA CA C . 7.30 -1.77 4.39
N PRO A 1 6.27 11.44 -12.78
CA PRO A 1 5.59 11.88 -11.55
C PRO A 1 5.15 10.68 -10.72
N TRP A 2 4.65 10.90 -9.53
CA TRP A 2 4.21 9.76 -8.68
C TRP A 2 2.69 9.54 -8.86
N ALA A 3 2.31 8.40 -9.36
CA ALA A 3 0.85 8.13 -9.56
C ALA A 3 0.06 8.61 -8.35
N VAL A 4 0.67 8.62 -7.20
CA VAL A 4 -0.06 9.06 -5.98
C VAL A 4 0.22 10.54 -5.70
N LYS A 5 -0.78 11.37 -5.84
CA LYS A 5 -0.60 12.83 -5.58
C LYS A 5 -0.85 13.14 -4.10
N PRO A 6 -0.77 14.40 -3.75
CA PRO A 6 -1.01 14.81 -2.35
C PRO A 6 -2.49 14.65 -2.01
N GLU A 7 -3.35 14.94 -2.94
CA GLU A 7 -4.82 14.78 -2.67
C GLU A 7 -5.17 13.30 -2.59
N ASP A 8 -4.46 12.47 -3.30
CA ASP A 8 -4.72 11.01 -3.26
C ASP A 8 -4.13 10.46 -1.97
N LYS A 9 -2.95 10.89 -1.65
CA LYS A 9 -2.31 10.43 -0.40
C LYS A 9 -3.15 10.95 0.77
N ALA A 10 -3.71 12.11 0.61
CA ALA A 10 -4.54 12.69 1.70
C ALA A 10 -5.57 11.66 2.14
N LYS A 11 -6.22 11.02 1.20
CA LYS A 11 -7.22 9.98 1.58
C LYS A 11 -6.44 8.76 2.07
N TYR A 12 -5.23 8.59 1.60
CA TYR A 12 -4.39 7.44 2.05
C TYR A 12 -3.89 7.70 3.46
N ASP A 13 -3.60 8.93 3.75
CA ASP A 13 -3.09 9.30 5.11
C ASP A 13 -4.23 9.28 6.13
N ALA A 14 -5.45 9.15 5.68
CA ALA A 14 -6.58 9.10 6.63
C ALA A 14 -6.88 7.64 6.90
N ILE A 15 -6.66 6.82 5.90
CA ILE A 15 -6.87 5.37 6.06
C ILE A 15 -5.65 4.80 6.78
N PHE A 16 -4.51 5.39 6.55
CA PHE A 16 -3.27 4.93 7.22
C PHE A 16 -3.34 5.34 8.69
N ASP A 17 -3.78 6.53 8.95
CA ASP A 17 -3.89 7.02 10.35
C ASP A 17 -5.23 6.60 10.95
N SER A 18 -6.00 5.85 10.23
CA SER A 18 -7.32 5.39 10.77
C SER A 18 -7.13 4.03 11.44
N LEU A 19 -5.96 3.47 11.31
CA LEU A 19 -5.67 2.15 11.94
C LEU A 19 -4.75 2.36 13.14
N SER A 20 -4.24 3.57 13.29
CA SER A 20 -3.30 3.89 14.41
C SER A 20 -1.89 3.48 14.01
N PRO A 21 -1.18 4.42 13.44
CA PRO A 21 0.21 4.16 12.98
C PRO A 21 1.16 4.06 14.16
N VAL A 22 2.22 3.30 13.99
CA VAL A 22 3.21 3.15 15.07
C VAL A 22 4.58 3.59 14.55
N ASN A 23 5.04 4.74 14.93
CA ASN A 23 6.35 5.23 14.43
C ASN A 23 6.22 5.54 12.93
N GLY A 24 5.01 5.77 12.47
CA GLY A 24 4.80 6.06 11.03
C GLY A 24 4.71 4.74 10.26
N PHE A 25 4.09 3.76 10.84
CA PHE A 25 3.99 2.44 10.14
C PHE A 25 2.70 1.71 10.51
N LEU A 26 2.16 0.97 9.59
CA LEU A 26 0.94 0.18 9.88
C LEU A 26 1.30 -1.28 9.79
N SER A 27 0.91 -2.06 10.74
CA SER A 27 1.24 -3.50 10.68
C SER A 27 0.33 -4.21 9.69
N GLY A 28 0.84 -5.17 8.98
CA GLY A 28 0.00 -5.90 7.99
C GLY A 28 -1.38 -6.15 8.61
N ASP A 29 -1.45 -6.23 9.92
CA ASP A 29 -2.75 -6.46 10.59
C ASP A 29 -3.68 -5.26 10.39
N LYS A 30 -3.13 -4.08 10.22
CA LYS A 30 -3.99 -2.89 10.00
C LYS A 30 -4.20 -2.73 8.51
N VAL A 31 -3.19 -3.03 7.74
CA VAL A 31 -3.32 -2.92 6.26
C VAL A 31 -4.11 -4.11 5.73
N LYS A 32 -3.78 -5.29 6.19
CA LYS A 32 -4.49 -6.51 5.70
C LYS A 32 -5.98 -6.22 5.49
N PRO A 33 -6.63 -5.74 6.52
CA PRO A 33 -8.08 -5.42 6.41
C PRO A 33 -8.29 -4.26 5.44
N VAL A 34 -7.39 -3.33 5.42
CA VAL A 34 -7.52 -2.18 4.50
C VAL A 34 -7.53 -2.66 3.04
N LEU A 35 -6.90 -3.77 2.77
CA LEU A 35 -6.85 -4.28 1.36
C LEU A 35 -7.99 -5.26 1.10
N LEU A 36 -8.44 -5.97 2.10
CA LEU A 36 -9.56 -6.93 1.88
C LEU A 36 -10.85 -6.14 1.74
N ASN A 37 -10.84 -4.90 2.12
CA ASN A 37 -12.07 -4.08 2.02
C ASN A 37 -12.25 -3.60 0.57
N SER A 38 -11.23 -3.73 -0.23
CA SER A 38 -11.35 -3.28 -1.66
C SER A 38 -12.00 -4.38 -2.50
N LYS A 39 -12.57 -5.37 -1.87
CA LYS A 39 -13.23 -6.47 -2.64
C LYS A 39 -12.21 -7.18 -3.53
N LEU A 40 -10.95 -6.93 -3.31
CA LEU A 40 -9.89 -7.61 -4.13
C LEU A 40 -9.53 -8.94 -3.51
N PRO A 41 -9.03 -9.82 -4.34
CA PRO A 41 -8.61 -11.15 -3.86
C PRO A 41 -7.26 -11.04 -3.15
N VAL A 42 -6.86 -12.08 -2.48
CA VAL A 42 -5.56 -12.05 -1.76
C VAL A 42 -4.40 -12.03 -2.77
N ASP A 43 -4.72 -12.15 -4.04
CA ASP A 43 -3.65 -12.14 -5.07
C ASP A 43 -3.23 -10.69 -5.33
N ILE A 44 -4.14 -9.77 -5.18
CA ILE A 44 -3.78 -8.34 -5.39
C ILE A 44 -3.22 -7.78 -4.10
N LEU A 45 -3.76 -8.21 -3.01
CA LEU A 45 -3.26 -7.73 -1.69
C LEU A 45 -1.98 -8.44 -1.36
N GLY A 46 -1.81 -9.62 -1.89
CA GLY A 46 -0.54 -10.37 -1.63
C GLY A 46 0.57 -9.64 -2.36
N ARG A 47 0.20 -8.96 -3.41
CA ARG A 47 1.20 -8.20 -4.20
C ARG A 47 1.12 -6.72 -3.88
N VAL A 48 -0.06 -6.20 -3.65
CA VAL A 48 -0.19 -4.75 -3.35
C VAL A 48 0.62 -4.41 -2.10
N TRP A 49 0.57 -5.23 -1.09
CA TRP A 49 1.35 -4.93 0.14
C TRP A 49 2.85 -5.02 -0.17
N GLU A 50 3.27 -6.11 -0.75
CA GLU A 50 4.72 -6.27 -1.04
C GLU A 50 5.26 -5.07 -1.80
N LEU A 51 4.73 -4.79 -2.95
CA LEU A 51 5.23 -3.61 -3.72
C LEU A 51 5.00 -2.35 -2.87
N SER A 52 3.99 -2.36 -2.05
CA SER A 52 3.72 -1.18 -1.17
C SER A 52 4.73 -1.19 -0.03
N ASP A 53 5.18 -2.35 0.36
CA ASP A 53 6.17 -2.44 1.46
C ASP A 53 7.53 -1.91 0.98
N ILE A 54 7.58 -0.66 0.62
CA ILE A 54 8.87 -0.08 0.14
C ILE A 54 10.03 -0.57 1.01
N ASP A 55 9.78 -0.77 2.28
CA ASP A 55 10.87 -1.24 3.19
C ASP A 55 10.76 -2.74 3.43
N HIS A 56 9.59 -3.29 3.21
CA HIS A 56 9.40 -4.76 3.44
C HIS A 56 9.72 -5.11 4.89
N ASP A 57 9.33 -4.28 5.81
CA ASP A 57 9.61 -4.56 7.25
C ASP A 57 8.38 -5.19 7.92
N GLY A 58 7.31 -5.34 7.19
CA GLY A 58 6.08 -5.95 7.79
C GLY A 58 5.11 -4.84 8.18
N MET A 59 5.25 -3.68 7.60
CA MET A 59 4.32 -2.55 7.94
C MET A 59 4.20 -1.58 6.76
N LEU A 60 3.18 -0.78 6.75
CA LEU A 60 3.02 0.22 5.65
C LEU A 60 3.02 1.64 6.25
N ASP A 61 4.08 2.38 6.06
CA ASP A 61 4.10 3.77 6.61
C ASP A 61 3.22 4.68 5.76
N ARG A 62 2.81 5.79 6.31
CA ARG A 62 1.93 6.74 5.55
C ARG A 62 2.30 6.78 4.06
N ASP A 63 3.57 6.90 3.75
CA ASP A 63 3.97 6.96 2.31
C ASP A 63 3.83 5.58 1.66
N GLU A 64 4.15 4.54 2.37
CA GLU A 64 4.01 3.18 1.80
C GLU A 64 2.53 2.83 1.70
N PHE A 65 1.81 3.09 2.75
CA PHE A 65 0.36 2.82 2.73
C PHE A 65 -0.29 3.61 1.61
N ALA A 66 0.38 4.63 1.13
CA ALA A 66 -0.19 5.44 0.03
C ALA A 66 -0.07 4.69 -1.29
N VAL A 67 1.10 4.20 -1.60
CA VAL A 67 1.29 3.45 -2.86
C VAL A 67 0.38 2.22 -2.88
N ALA A 68 -0.02 1.75 -1.72
CA ALA A 68 -0.91 0.55 -1.66
C ALA A 68 -2.39 0.96 -1.68
N MET A 69 -2.66 2.24 -1.63
CA MET A 69 -4.09 2.68 -1.65
C MET A 69 -4.58 2.76 -3.09
N PHE A 70 -3.80 3.35 -3.95
CA PHE A 70 -4.23 3.41 -5.37
C PHE A 70 -4.01 2.03 -5.98
N LEU A 71 -3.04 1.32 -5.46
CA LEU A 71 -2.78 -0.06 -5.95
C LEU A 71 -4.03 -0.88 -5.68
N VAL A 72 -4.78 -0.49 -4.68
CA VAL A 72 -6.02 -1.21 -4.33
C VAL A 72 -7.22 -0.58 -5.03
N TYR A 73 -7.28 0.72 -5.07
CA TYR A 73 -8.42 1.40 -5.73
C TYR A 73 -8.29 1.33 -7.25
N CYS A 74 -7.10 1.26 -7.75
CA CYS A 74 -6.91 1.19 -9.21
C CYS A 74 -7.11 -0.25 -9.68
N ALA A 75 -7.16 -1.18 -8.76
CA ALA A 75 -7.38 -2.60 -9.16
C ALA A 75 -8.88 -2.85 -9.29
N LEU A 76 -9.66 -1.97 -8.73
CA LEU A 76 -11.13 -2.09 -8.80
C LEU A 76 -11.64 -1.34 -10.03
N GLU A 77 -11.07 -0.19 -10.28
CA GLU A 77 -11.48 0.63 -11.45
C GLU A 77 -11.06 -0.07 -12.74
N LYS A 78 -9.81 -0.38 -12.87
CA LYS A 78 -9.33 -1.06 -14.12
C LYS A 78 -7.82 -1.33 -14.07
N GLU A 79 -7.08 -0.56 -13.32
CA GLU A 79 -5.60 -0.78 -13.26
C GLU A 79 -5.26 -1.98 -12.37
N PRO A 80 -4.79 -3.03 -13.00
CA PRO A 80 -4.42 -4.26 -12.26
C PRO A 80 -3.09 -4.04 -11.54
N VAL A 81 -2.49 -5.09 -11.05
CA VAL A 81 -1.19 -4.93 -10.36
C VAL A 81 -0.07 -5.54 -11.22
N PRO A 82 1.06 -4.91 -11.17
CA PRO A 82 2.22 -5.36 -11.97
C PRO A 82 2.98 -6.46 -11.25
N MET A 83 4.23 -6.63 -11.54
CA MET A 83 5.02 -7.69 -10.86
C MET A 83 6.27 -7.11 -10.18
N SER A 84 6.47 -5.82 -10.22
CA SER A 84 7.66 -5.24 -9.55
C SER A 84 7.50 -3.74 -9.37
N LEU A 85 6.28 -3.31 -9.29
CA LEU A 85 6.01 -1.87 -9.07
C LEU A 85 6.73 -0.99 -10.09
N PRO A 86 5.97 -0.34 -10.94
CA PRO A 86 6.56 0.57 -11.96
C PRO A 86 7.08 1.82 -11.28
N PRO A 87 7.72 2.66 -12.04
CA PRO A 87 8.29 3.91 -11.49
C PRO A 87 7.24 5.01 -11.33
N ALA A 88 6.05 4.78 -11.82
CA ALA A 88 4.99 5.83 -11.67
C ALA A 88 4.33 5.67 -10.32
N LEU A 89 4.91 4.89 -9.45
CA LEU A 89 4.30 4.67 -8.11
C LEU A 89 5.36 4.80 -7.00
N VAL A 90 6.60 4.58 -7.31
CA VAL A 90 7.65 4.67 -6.26
C VAL A 90 8.26 6.07 -6.24
N PRO A 91 8.68 6.47 -5.08
CA PRO A 91 9.29 7.81 -4.91
C PRO A 91 10.67 7.85 -5.57
N PRO A 92 11.23 9.04 -5.62
CA PRO A 92 12.57 9.22 -6.26
C PRO A 92 13.68 8.64 -5.37
N SER A 93 13.38 8.36 -4.13
CA SER A 93 14.44 7.80 -3.24
C SER A 93 14.71 6.34 -3.59
N LYS A 94 13.69 5.54 -3.60
CA LYS A 94 13.88 4.12 -3.97
C LYS A 94 13.72 3.98 -5.48
N ARG A 95 13.83 5.07 -6.19
CA ARG A 95 13.68 5.01 -7.67
C ARG A 95 15.04 5.13 -8.36
N SER B 6 8.56 -12.79 1.84
CA SER B 6 8.14 -11.45 2.32
C SER B 6 7.21 -11.59 3.52
N THR B 7 6.98 -10.51 4.24
CA THR B 7 6.08 -10.58 5.43
C THR B 7 4.66 -10.18 5.03
N ASN B 8 4.30 -10.39 3.80
CA ASN B 8 2.92 -10.02 3.35
C ASN B 8 1.87 -10.80 4.14
N PRO B 9 0.84 -10.10 4.52
CA PRO B 9 -0.26 -10.72 5.31
C PRO B 9 -1.16 -11.59 4.43
N PHE B 10 -1.29 -11.26 3.17
CA PHE B 10 -2.16 -12.08 2.27
C PHE B 10 -1.42 -13.34 1.80
N LEU B 11 -0.15 -13.25 1.56
CA LEU B 11 0.61 -14.44 1.10
C LEU B 11 0.46 -15.59 2.11
CA CA C . 7.70 -1.06 5.13
N PRO A 1 6.62 12.86 -11.27
CA PRO A 1 6.43 13.01 -9.80
C PRO A 1 6.09 11.65 -9.16
N TRP A 2 5.84 11.64 -7.88
CA TRP A 2 5.50 10.37 -7.19
C TRP A 2 4.17 9.83 -7.74
N ALA A 3 4.15 8.59 -8.16
CA ALA A 3 2.90 8.01 -8.72
C ALA A 3 1.70 8.44 -7.87
N VAL A 4 1.93 8.69 -6.61
CA VAL A 4 0.81 9.12 -5.73
C VAL A 4 0.85 10.64 -5.56
N LYS A 5 -0.24 11.31 -5.82
CA LYS A 5 -0.25 12.79 -5.68
C LYS A 5 -0.52 13.17 -4.22
N PRO A 6 -0.46 14.45 -3.97
CA PRO A 6 -0.71 14.96 -2.60
C PRO A 6 -2.17 14.73 -2.24
N GLU A 7 -3.05 14.86 -3.19
CA GLU A 7 -4.49 14.63 -2.91
C GLU A 7 -4.76 13.13 -2.73
N ASP A 8 -3.96 12.30 -3.37
CA ASP A 8 -4.14 10.84 -3.23
C ASP A 8 -3.46 10.38 -1.94
N LYS A 9 -2.33 10.95 -1.63
CA LYS A 9 -1.63 10.57 -0.38
C LYS A 9 -2.43 11.11 0.80
N ALA A 10 -3.27 12.07 0.54
CA ALA A 10 -4.10 12.65 1.64
C ALA A 10 -5.17 11.63 2.03
N LYS A 11 -5.81 11.03 1.06
CA LYS A 11 -6.83 10.00 1.39
C LYS A 11 -6.11 8.73 1.86
N TYR A 12 -4.84 8.64 1.56
CA TYR A 12 -4.04 7.46 2.01
C TYR A 12 -3.56 7.69 3.43
N ASP A 13 -3.37 8.94 3.80
CA ASP A 13 -2.90 9.26 5.18
C ASP A 13 -4.07 9.31 6.15
N ALA A 14 -5.27 9.27 5.66
CA ALA A 14 -6.46 9.29 6.57
C ALA A 14 -6.82 7.85 6.85
N ILE A 15 -6.56 7.01 5.89
CA ILE A 15 -6.83 5.57 6.04
C ILE A 15 -5.65 4.97 6.81
N PHE A 16 -4.48 5.44 6.54
CA PHE A 16 -3.27 4.94 7.25
C PHE A 16 -3.35 5.34 8.73
N ASP A 17 -3.93 6.48 8.99
CA ASP A 17 -4.07 6.95 10.39
C ASP A 17 -5.40 6.45 10.97
N SER A 18 -6.22 5.85 10.16
CA SER A 18 -7.52 5.32 10.67
C SER A 18 -7.28 3.94 11.29
N LEU A 19 -6.11 3.41 11.09
CA LEU A 19 -5.77 2.08 11.65
C LEU A 19 -4.85 2.27 12.85
N SER A 20 -4.36 3.47 13.02
CA SER A 20 -3.44 3.80 14.15
C SER A 20 -2.00 3.45 13.78
N PRO A 21 -1.27 4.45 13.38
CA PRO A 21 0.15 4.26 12.97
C PRO A 21 1.04 4.08 14.20
N VAL A 22 2.13 3.38 14.03
CA VAL A 22 3.06 3.17 15.17
C VAL A 22 4.44 3.72 14.80
N ASN A 23 4.82 4.83 15.37
CA ASN A 23 6.14 5.41 15.02
C ASN A 23 6.17 5.74 13.53
N GLY A 24 5.02 5.80 12.90
CA GLY A 24 4.97 6.11 11.45
C GLY A 24 4.90 4.80 10.66
N PHE A 25 4.22 3.81 11.17
CA PHE A 25 4.13 2.51 10.45
C PHE A 25 2.82 1.80 10.74
N LEU A 26 2.29 1.13 9.75
CA LEU A 26 1.05 0.34 9.95
C LEU A 26 1.42 -1.13 9.90
N SER A 27 0.81 -1.94 10.69
CA SER A 27 1.17 -3.39 10.67
C SER A 27 0.27 -4.14 9.69
N GLY A 28 0.82 -5.12 9.02
CA GLY A 28 0.02 -5.89 8.04
C GLY A 28 -1.36 -6.18 8.64
N ASP A 29 -1.44 -6.24 9.95
CA ASP A 29 -2.74 -6.50 10.62
C ASP A 29 -3.69 -5.31 10.44
N LYS A 30 -3.16 -4.15 10.22
CA LYS A 30 -4.03 -2.96 10.03
C LYS A 30 -4.27 -2.78 8.54
N VAL A 31 -3.28 -3.08 7.75
CA VAL A 31 -3.44 -2.96 6.29
C VAL A 31 -4.28 -4.13 5.76
N LYS A 32 -4.07 -5.31 6.27
CA LYS A 32 -4.84 -6.49 5.78
C LYS A 32 -6.31 -6.11 5.53
N PRO A 33 -6.96 -5.60 6.54
CA PRO A 33 -8.38 -5.20 6.40
C PRO A 33 -8.49 -4.04 5.42
N VAL A 34 -7.49 -3.20 5.39
CA VAL A 34 -7.52 -2.05 4.45
C VAL A 34 -7.47 -2.54 3.01
N LEU A 35 -6.85 -3.67 2.78
CA LEU A 35 -6.76 -4.19 1.38
C LEU A 35 -7.91 -5.17 1.11
N LEU A 36 -8.30 -5.94 2.09
CA LEU A 36 -9.41 -6.89 1.87
C LEU A 36 -10.71 -6.12 1.76
N ASN A 37 -10.69 -4.87 2.12
CA ASN A 37 -11.94 -4.07 2.02
C ASN A 37 -12.14 -3.63 0.57
N SER A 38 -11.12 -3.77 -0.23
CA SER A 38 -11.22 -3.36 -1.67
C SER A 38 -11.94 -4.45 -2.47
N LYS A 39 -12.45 -5.46 -1.80
CA LYS A 39 -13.16 -6.55 -2.53
C LYS A 39 -12.16 -7.33 -3.38
N LEU A 40 -10.89 -7.17 -3.12
CA LEU A 40 -9.86 -7.91 -3.91
C LEU A 40 -9.43 -9.17 -3.17
N PRO A 41 -8.97 -10.11 -3.92
CA PRO A 41 -8.51 -11.40 -3.34
C PRO A 41 -7.12 -11.21 -2.72
N VAL A 42 -6.58 -12.25 -2.14
CA VAL A 42 -5.24 -12.14 -1.51
C VAL A 42 -4.17 -12.12 -2.60
N ASP A 43 -4.56 -12.23 -3.84
CA ASP A 43 -3.57 -12.21 -4.95
C ASP A 43 -3.25 -10.77 -5.31
N ILE A 44 -4.21 -9.90 -5.20
CA ILE A 44 -3.95 -8.46 -5.52
C ILE A 44 -3.37 -7.79 -4.29
N LEU A 45 -3.81 -8.19 -3.15
CA LEU A 45 -3.30 -7.60 -1.89
C LEU A 45 -1.96 -8.23 -1.55
N GLY A 46 -1.73 -9.42 -2.05
CA GLY A 46 -0.43 -10.08 -1.78
C GLY A 46 0.63 -9.38 -2.61
N ARG A 47 0.21 -8.76 -3.67
CA ARG A 47 1.17 -8.02 -4.53
C ARG A 47 1.08 -6.52 -4.25
N VAL A 48 -0.08 -6.04 -3.87
CA VAL A 48 -0.19 -4.59 -3.58
C VAL A 48 0.60 -4.26 -2.31
N TRP A 49 0.56 -5.12 -1.33
CA TRP A 49 1.33 -4.84 -0.10
C TRP A 49 2.83 -4.87 -0.43
N GLU A 50 3.28 -5.91 -1.08
CA GLU A 50 4.74 -5.99 -1.40
C GLU A 50 5.19 -4.78 -2.20
N LEU A 51 4.57 -4.53 -3.32
CA LEU A 51 4.96 -3.34 -4.13
C LEU A 51 4.73 -2.08 -3.28
N SER A 52 3.99 -2.22 -2.21
CA SER A 52 3.73 -1.05 -1.31
C SER A 52 4.74 -1.04 -0.17
N ASP A 53 5.10 -2.20 0.32
CA ASP A 53 6.07 -2.29 1.45
C ASP A 53 7.49 -1.99 0.99
N ILE A 54 7.90 -0.75 1.02
CA ILE A 54 9.28 -0.43 0.58
C ILE A 54 10.29 -1.16 1.48
N ASP A 55 9.93 -1.35 2.73
CA ASP A 55 10.85 -2.06 3.66
C ASP A 55 10.39 -3.51 3.85
N HIS A 56 9.20 -3.81 3.39
CA HIS A 56 8.67 -5.20 3.53
C HIS A 56 9.02 -5.77 4.90
N ASP A 57 8.92 -4.97 5.93
CA ASP A 57 9.22 -5.47 7.29
C ASP A 57 7.93 -6.00 7.91
N GLY A 58 6.84 -5.95 7.19
CA GLY A 58 5.56 -6.44 7.73
C GLY A 58 4.70 -5.26 8.18
N MET A 59 5.01 -4.08 7.72
CA MET A 59 4.20 -2.88 8.12
C MET A 59 4.14 -1.88 6.95
N LEU A 60 3.18 -0.98 6.96
CA LEU A 60 3.08 0.03 5.87
C LEU A 60 3.21 1.45 6.45
N ASP A 61 4.30 2.13 6.19
CA ASP A 61 4.47 3.51 6.73
C ASP A 61 3.49 4.47 6.05
N ARG A 62 3.37 5.66 6.56
CA ARG A 62 2.44 6.64 5.94
C ARG A 62 2.71 6.74 4.43
N ASP A 63 3.96 6.73 4.05
CA ASP A 63 4.30 6.80 2.59
C ASP A 63 4.16 5.41 1.98
N GLU A 64 4.36 4.40 2.77
CA GLU A 64 4.22 3.01 2.25
C GLU A 64 2.75 2.68 2.08
N PHE A 65 1.95 3.02 3.05
CA PHE A 65 0.49 2.75 2.97
C PHE A 65 -0.09 3.53 1.79
N ALA A 66 0.61 4.52 1.33
CA ALA A 66 0.12 5.31 0.17
C ALA A 66 0.29 4.50 -1.11
N VAL A 67 1.45 3.95 -1.30
CA VAL A 67 1.73 3.12 -2.49
C VAL A 67 0.71 1.98 -2.59
N ALA A 68 0.23 1.51 -1.47
CA ALA A 68 -0.74 0.39 -1.49
C ALA A 68 -2.19 0.90 -1.56
N MET A 69 -2.41 2.17 -1.51
CA MET A 69 -3.82 2.69 -1.58
C MET A 69 -4.24 2.83 -3.04
N PHE A 70 -3.40 3.37 -3.87
CA PHE A 70 -3.76 3.50 -5.30
C PHE A 70 -3.56 2.14 -5.97
N LEU A 71 -2.73 1.32 -5.39
CA LEU A 71 -2.50 -0.04 -5.95
C LEU A 71 -3.74 -0.89 -5.66
N VAL A 72 -4.46 -0.54 -4.63
CA VAL A 72 -5.68 -1.30 -4.29
C VAL A 72 -6.86 -0.67 -5.01
N TYR A 73 -6.96 0.63 -4.99
CA TYR A 73 -8.08 1.31 -5.68
C TYR A 73 -7.95 1.18 -7.20
N CYS A 74 -6.75 1.06 -7.70
CA CYS A 74 -6.58 0.92 -9.16
C CYS A 74 -6.89 -0.51 -9.58
N ALA A 75 -6.95 -1.41 -8.64
CA ALA A 75 -7.27 -2.82 -8.99
C ALA A 75 -8.78 -3.03 -8.90
N LEU A 76 -9.48 -2.08 -8.37
CA LEU A 76 -10.96 -2.20 -8.24
C LEU A 76 -11.62 -1.65 -9.50
N GLU A 77 -11.04 -0.64 -10.05
CA GLU A 77 -11.63 -0.04 -11.28
C GLU A 77 -11.47 -1.03 -12.43
N LYS A 78 -10.26 -1.39 -12.76
CA LYS A 78 -10.06 -2.36 -13.88
C LYS A 78 -8.57 -2.58 -14.15
N GLU A 79 -7.86 -3.24 -13.27
CA GLU A 79 -6.40 -3.45 -13.54
C GLU A 79 -5.77 -4.38 -12.50
N PRO A 80 -4.98 -5.30 -12.98
CA PRO A 80 -4.30 -6.25 -12.08
C PRO A 80 -3.09 -5.57 -11.42
N VAL A 81 -2.29 -6.34 -10.73
CA VAL A 81 -1.09 -5.76 -10.05
C VAL A 81 0.15 -6.58 -10.39
N PRO A 82 1.19 -5.91 -10.79
CA PRO A 82 2.45 -6.59 -11.14
C PRO A 82 3.25 -6.88 -9.87
N MET A 83 4.47 -7.28 -10.00
CA MET A 83 5.29 -7.56 -8.80
C MET A 83 6.50 -6.65 -8.78
N SER A 84 6.51 -5.63 -9.59
CA SER A 84 7.70 -4.73 -9.60
C SER A 84 7.33 -3.34 -9.12
N LEU A 85 7.59 -3.08 -7.89
CA LEU A 85 7.28 -1.73 -7.36
C LEU A 85 8.08 -0.69 -8.17
N PRO A 86 7.37 0.06 -8.96
CA PRO A 86 8.01 1.08 -9.85
C PRO A 86 8.67 2.19 -9.04
N PRO A 87 9.70 2.75 -9.62
CA PRO A 87 10.47 3.84 -8.99
C PRO A 87 9.73 5.17 -9.07
N ALA A 88 8.68 5.24 -9.83
CA ALA A 88 7.91 6.51 -9.92
C ALA A 88 6.95 6.59 -8.75
N LEU A 89 6.66 5.46 -8.18
CA LEU A 89 5.75 5.39 -7.01
C LEU A 89 6.59 5.20 -5.73
N VAL A 90 7.88 5.01 -5.88
CA VAL A 90 8.76 4.80 -4.70
C VAL A 90 9.35 6.13 -4.21
N PRO A 91 9.50 6.23 -2.91
CA PRO A 91 10.07 7.44 -2.29
C PRO A 91 11.58 7.47 -2.48
N PRO A 92 12.19 8.55 -2.05
CA PRO A 92 13.65 8.71 -2.17
C PRO A 92 14.37 7.81 -1.15
N SER A 93 13.65 7.24 -0.23
CA SER A 93 14.31 6.36 0.78
C SER A 93 14.60 5.00 0.14
N LYS A 94 13.93 4.69 -0.93
CA LYS A 94 14.18 3.40 -1.61
C LYS A 94 15.29 3.56 -2.64
N ARG A 95 15.86 4.74 -2.73
CA ARG A 95 16.95 4.95 -3.72
C ARG A 95 18.04 5.86 -3.12
N SER B 6 6.64 -12.88 8.86
CA SER B 6 5.77 -12.88 7.65
C SER B 6 5.79 -11.50 6.98
N THR B 7 6.47 -11.38 5.87
CA THR B 7 6.53 -10.07 5.16
C THR B 7 5.12 -9.65 4.73
N ASN B 8 4.57 -10.35 3.78
CA ASN B 8 3.21 -10.00 3.31
C ASN B 8 2.16 -10.84 4.04
N PRO B 9 1.15 -10.18 4.53
CA PRO B 9 0.07 -10.86 5.28
C PRO B 9 -0.83 -11.66 4.34
N PHE B 10 -0.91 -11.27 3.09
CA PHE B 10 -1.79 -12.03 2.13
C PHE B 10 -1.06 -13.26 1.60
N LEU B 11 0.17 -13.11 1.19
CA LEU B 11 0.93 -14.29 0.65
C LEU B 11 0.83 -15.47 1.62
CA CA C . 7.60 -1.86 5.04
N PRO A 1 5.28 12.56 -12.43
CA PRO A 1 5.48 12.69 -10.96
C PRO A 1 5.33 11.34 -10.27
N TRP A 2 5.28 11.34 -8.96
CA TRP A 2 5.11 10.07 -8.21
C TRP A 2 3.92 9.28 -8.78
N ALA A 3 4.10 8.03 -9.08
CA ALA A 3 2.98 7.22 -9.64
C ALA A 3 1.69 7.52 -8.89
N VAL A 4 1.79 7.95 -7.67
CA VAL A 4 0.56 8.28 -6.87
C VAL A 4 0.28 9.78 -6.98
N LYS A 5 -0.96 10.19 -6.80
CA LYS A 5 -1.27 11.63 -6.88
C LYS A 5 -1.15 12.27 -5.50
N PRO A 6 -1.09 13.58 -5.50
CA PRO A 6 -0.97 14.33 -4.22
C PRO A 6 -2.29 14.22 -3.45
N GLU A 7 -3.37 14.10 -4.16
CA GLU A 7 -4.70 13.99 -3.50
C GLU A 7 -4.98 12.52 -3.16
N ASP A 8 -4.27 11.62 -3.80
CA ASP A 8 -4.48 10.18 -3.52
C ASP A 8 -3.74 9.81 -2.24
N LYS A 9 -2.53 10.28 -2.12
CA LYS A 9 -1.75 9.97 -0.89
C LYS A 9 -2.41 10.68 0.29
N ALA A 10 -3.01 11.81 0.05
CA ALA A 10 -3.69 12.55 1.15
C ALA A 10 -4.74 11.64 1.76
N LYS A 11 -5.40 10.88 0.94
CA LYS A 11 -6.42 9.93 1.46
C LYS A 11 -5.68 8.73 2.03
N TYR A 12 -4.71 8.27 1.29
CA TYR A 12 -3.89 7.15 1.79
C TYR A 12 -3.35 7.54 3.15
N ASP A 13 -3.24 8.83 3.39
CA ASP A 13 -2.71 9.30 4.70
C ASP A 13 -3.85 9.43 5.72
N ALA A 14 -5.08 9.40 5.27
CA ALA A 14 -6.21 9.49 6.23
C ALA A 14 -6.62 8.07 6.56
N ILE A 15 -6.44 7.19 5.61
CA ILE A 15 -6.75 5.77 5.82
C ILE A 15 -5.61 5.14 6.62
N PHE A 16 -4.42 5.63 6.37
CA PHE A 16 -3.22 5.11 7.09
C PHE A 16 -3.32 5.49 8.57
N ASP A 17 -3.84 6.65 8.85
CA ASP A 17 -3.98 7.11 10.25
C ASP A 17 -5.34 6.68 10.82
N SER A 18 -6.21 6.17 9.99
CA SER A 18 -7.54 5.73 10.49
C SER A 18 -7.38 4.38 11.20
N LEU A 19 -6.24 3.77 11.00
CA LEU A 19 -5.98 2.45 11.65
C LEU A 19 -5.24 2.68 12.96
N SER A 20 -4.13 3.39 12.88
CA SER A 20 -3.27 3.73 14.06
C SER A 20 -1.81 3.55 13.66
N PRO A 21 -1.20 4.63 13.29
CA PRO A 21 0.22 4.59 12.86
C PRO A 21 1.14 4.34 14.06
N VAL A 22 2.21 3.64 13.84
CA VAL A 22 3.17 3.36 14.94
C VAL A 22 4.51 4.02 14.62
N ASN A 23 4.75 5.18 15.16
CA ASN A 23 6.04 5.88 14.87
C ASN A 23 6.15 6.16 13.37
N GLY A 24 5.08 5.97 12.64
CA GLY A 24 5.12 6.23 11.18
C GLY A 24 5.00 4.90 10.43
N PHE A 25 4.27 3.96 10.96
CA PHE A 25 4.14 2.64 10.27
C PHE A 25 2.80 1.97 10.56
N LEU A 26 2.33 1.20 9.63
CA LEU A 26 1.07 0.45 9.84
C LEU A 26 1.39 -1.03 9.78
N SER A 27 0.87 -1.81 10.66
CA SER A 27 1.18 -3.26 10.62
C SER A 27 0.23 -3.97 9.66
N GLY A 28 0.74 -4.92 8.92
CA GLY A 28 -0.14 -5.67 7.97
C GLY A 28 -1.49 -5.94 8.64
N ASP A 29 -1.49 -6.03 9.95
CA ASP A 29 -2.77 -6.27 10.67
C ASP A 29 -3.74 -5.11 10.44
N LYS A 30 -3.23 -3.94 10.17
CA LYS A 30 -4.13 -2.78 9.92
C LYS A 30 -4.30 -2.62 8.41
N VAL A 31 -3.30 -2.97 7.67
CA VAL A 31 -3.40 -2.87 6.17
C VAL A 31 -4.12 -4.10 5.61
N LYS A 32 -3.74 -5.27 6.03
CA LYS A 32 -4.39 -6.50 5.52
C LYS A 32 -5.92 -6.32 5.43
N PRO A 33 -6.52 -5.94 6.53
CA PRO A 33 -7.98 -5.72 6.52
C PRO A 33 -8.32 -4.55 5.61
N VAL A 34 -7.45 -3.57 5.56
CA VAL A 34 -7.68 -2.40 4.69
C VAL A 34 -7.63 -2.82 3.22
N LEU A 35 -6.86 -3.83 2.92
CA LEU A 35 -6.76 -4.30 1.51
C LEU A 35 -7.86 -5.31 1.21
N LEU A 36 -8.37 -5.97 2.21
CA LEU A 36 -9.45 -6.95 1.97
C LEU A 36 -10.77 -6.22 1.81
N ASN A 37 -10.80 -4.97 2.15
CA ASN A 37 -12.07 -4.20 2.01
C ASN A 37 -12.16 -3.62 0.59
N SER A 38 -11.12 -3.75 -0.18
CA SER A 38 -11.15 -3.22 -1.58
C SER A 38 -11.81 -4.23 -2.51
N LYS A 39 -12.45 -5.23 -1.97
CA LYS A 39 -13.11 -6.26 -2.82
C LYS A 39 -12.05 -7.02 -3.63
N LEU A 40 -10.82 -6.94 -3.23
CA LEU A 40 -9.74 -7.65 -3.97
C LEU A 40 -9.37 -8.96 -3.28
N PRO A 41 -8.95 -9.91 -4.06
CA PRO A 41 -8.56 -11.21 -3.51
C PRO A 41 -7.18 -11.12 -2.85
N VAL A 42 -6.73 -12.17 -2.23
CA VAL A 42 -5.40 -12.14 -1.56
C VAL A 42 -4.29 -12.14 -2.61
N ASP A 43 -4.65 -12.21 -3.86
CA ASP A 43 -3.61 -12.21 -4.92
C ASP A 43 -3.23 -10.77 -5.24
N ILE A 44 -4.16 -9.86 -5.14
CA ILE A 44 -3.84 -8.43 -5.41
C ILE A 44 -3.25 -7.81 -4.15
N LEU A 45 -3.75 -8.22 -3.02
CA LEU A 45 -3.22 -7.68 -1.74
C LEU A 45 -1.87 -8.32 -1.45
N GLY A 46 -1.67 -9.51 -1.93
CA GLY A 46 -0.36 -10.18 -1.70
C GLY A 46 0.66 -9.50 -2.60
N ARG A 47 0.19 -8.89 -3.65
CA ARG A 47 1.10 -8.17 -4.57
C ARG A 47 1.04 -6.67 -4.30
N VAL A 48 -0.11 -6.16 -3.92
CA VAL A 48 -0.19 -4.70 -3.65
C VAL A 48 0.59 -4.37 -2.40
N TRP A 49 0.45 -5.15 -1.37
CA TRP A 49 1.22 -4.87 -0.13
C TRP A 49 2.71 -4.94 -0.44
N GLU A 50 3.16 -5.95 -1.14
CA GLU A 50 4.61 -6.05 -1.43
C GLU A 50 5.09 -4.81 -2.18
N LEU A 51 4.48 -4.49 -3.29
CA LEU A 51 4.91 -3.28 -4.03
C LEU A 51 4.66 -2.05 -3.14
N SER A 52 3.90 -2.22 -2.09
CA SER A 52 3.63 -1.10 -1.15
C SER A 52 4.62 -1.16 0.02
N ASP A 53 5.07 -2.35 0.35
CA ASP A 53 6.02 -2.51 1.49
C ASP A 53 7.43 -2.11 1.03
N ILE A 54 7.73 -0.84 1.04
CA ILE A 54 9.08 -0.40 0.60
C ILE A 54 10.16 -1.05 1.46
N ASP A 55 9.88 -1.25 2.73
CA ASP A 55 10.88 -1.89 3.62
C ASP A 55 10.61 -3.40 3.75
N HIS A 56 9.42 -3.82 3.43
CA HIS A 56 9.09 -5.27 3.54
C HIS A 56 9.33 -5.75 4.98
N ASP A 57 8.82 -5.03 5.95
CA ASP A 57 9.01 -5.45 7.36
C ASP A 57 7.66 -5.81 7.99
N GLY A 58 6.71 -6.16 7.18
CA GLY A 58 5.37 -6.51 7.73
C GLY A 58 4.65 -5.24 8.18
N MET A 59 4.97 -4.13 7.58
CA MET A 59 4.31 -2.85 7.99
C MET A 59 4.25 -1.88 6.80
N LEU A 60 3.39 -0.90 6.86
CA LEU A 60 3.30 0.09 5.75
C LEU A 60 3.46 1.50 6.30
N ASP A 61 4.55 2.15 6.01
CA ASP A 61 4.73 3.55 6.52
C ASP A 61 3.75 4.48 5.79
N ARG A 62 3.61 5.68 6.27
CA ARG A 62 2.67 6.63 5.61
C ARG A 62 2.93 6.69 4.11
N ASP A 63 4.17 6.67 3.71
CA ASP A 63 4.50 6.74 2.26
C ASP A 63 4.32 5.36 1.62
N GLU A 64 4.60 4.32 2.36
CA GLU A 64 4.42 2.94 1.79
C GLU A 64 2.95 2.62 1.69
N PHE A 65 2.20 2.95 2.71
CA PHE A 65 0.74 2.69 2.68
C PHE A 65 0.13 3.40 1.48
N ALA A 66 0.74 4.48 1.05
CA ALA A 66 0.20 5.23 -0.13
C ALA A 66 0.33 4.37 -1.40
N VAL A 67 1.48 3.80 -1.59
CA VAL A 67 1.69 2.95 -2.79
C VAL A 67 0.68 1.80 -2.81
N ALA A 68 0.19 1.42 -1.66
CA ALA A 68 -0.78 0.29 -1.59
C ALA A 68 -2.23 0.78 -1.72
N MET A 69 -2.47 2.06 -1.70
CA MET A 69 -3.88 2.53 -1.81
C MET A 69 -4.28 2.65 -3.28
N PHE A 70 -3.44 3.20 -4.10
CA PHE A 70 -3.80 3.30 -5.54
C PHE A 70 -3.62 1.93 -6.18
N LEU A 71 -2.74 1.13 -5.62
CA LEU A 71 -2.54 -0.24 -6.17
C LEU A 71 -3.79 -1.06 -5.88
N VAL A 72 -4.52 -0.67 -4.86
CA VAL A 72 -5.76 -1.40 -4.50
C VAL A 72 -6.95 -0.77 -5.21
N TYR A 73 -7.04 0.53 -5.19
CA TYR A 73 -8.18 1.22 -5.87
C TYR A 73 -8.12 1.03 -7.38
N CYS A 74 -6.93 0.87 -7.92
CA CYS A 74 -6.81 0.69 -9.39
C CYS A 74 -7.12 -0.75 -9.77
N ALA A 75 -7.14 -1.64 -8.81
CA ALA A 75 -7.45 -3.04 -9.13
C ALA A 75 -8.96 -3.25 -9.00
N LEU A 76 -9.66 -2.27 -8.50
CA LEU A 76 -11.13 -2.39 -8.35
C LEU A 76 -11.83 -1.87 -9.60
N GLU A 77 -11.39 -0.74 -10.09
CA GLU A 77 -12.04 -0.19 -11.30
C GLU A 77 -11.68 -1.01 -12.53
N LYS A 78 -10.41 -1.19 -12.78
CA LYS A 78 -10.01 -2.00 -13.98
C LYS A 78 -8.49 -1.98 -14.18
N GLU A 79 -7.75 -2.76 -13.42
CA GLU A 79 -6.27 -2.74 -13.62
C GLU A 79 -5.58 -3.81 -12.76
N PRO A 80 -4.86 -4.69 -13.42
CA PRO A 80 -4.13 -5.76 -12.72
C PRO A 80 -2.90 -5.19 -12.02
N VAL A 81 -2.27 -5.95 -11.16
CA VAL A 81 -1.06 -5.43 -10.45
C VAL A 81 0.14 -6.36 -10.66
N PRO A 82 1.23 -5.77 -11.09
CA PRO A 82 2.48 -6.53 -11.33
C PRO A 82 3.28 -6.63 -10.02
N MET A 83 4.14 -7.60 -9.91
CA MET A 83 4.94 -7.72 -8.65
C MET A 83 6.17 -6.85 -8.72
N SER A 84 6.23 -5.94 -9.65
CA SER A 84 7.44 -5.09 -9.74
C SER A 84 7.12 -3.66 -9.36
N LEU A 85 7.51 -3.27 -8.19
CA LEU A 85 7.26 -1.87 -7.78
C LEU A 85 8.09 -0.94 -8.68
N PRO A 86 7.40 -0.24 -9.54
CA PRO A 86 8.08 0.68 -10.49
C PRO A 86 8.79 1.83 -9.77
N PRO A 87 9.86 2.28 -10.39
CA PRO A 87 10.67 3.39 -9.81
C PRO A 87 9.94 4.72 -9.92
N ALA A 88 8.85 4.74 -10.64
CA ALA A 88 8.06 6.01 -10.75
C ALA A 88 7.00 6.03 -9.67
N LEU A 89 7.20 5.25 -8.65
CA LEU A 89 6.21 5.16 -7.55
C LEU A 89 6.93 5.13 -6.19
N VAL A 90 8.24 5.25 -6.20
CA VAL A 90 9.00 5.21 -4.92
C VAL A 90 9.23 6.62 -4.37
N PRO A 91 8.65 6.88 -3.23
CA PRO A 91 8.79 8.20 -2.57
C PRO A 91 10.16 8.30 -1.90
N PRO A 92 10.45 9.48 -1.41
CA PRO A 92 11.75 9.73 -0.72
C PRO A 92 11.78 9.04 0.64
N SER A 93 12.28 7.84 0.67
CA SER A 93 12.40 7.09 1.95
C SER A 93 13.52 6.08 1.83
N LYS A 94 13.60 5.43 0.71
CA LYS A 94 14.69 4.47 0.47
C LYS A 94 15.87 5.21 -0.15
N ARG A 95 15.75 6.53 -0.26
CA ARG A 95 16.87 7.31 -0.87
C ARG A 95 18.07 7.34 0.06
N SER B 6 7.87 -14.55 7.16
CA SER B 6 6.79 -13.97 6.30
C SER B 6 6.69 -12.47 6.52
N THR B 7 6.34 -11.72 5.51
CA THR B 7 6.22 -10.25 5.66
C THR B 7 4.97 -9.74 4.90
N ASN B 8 4.18 -10.64 4.39
CA ASN B 8 2.96 -10.22 3.65
C ASN B 8 1.72 -10.86 4.28
N PRO B 9 0.74 -10.04 4.57
CA PRO B 9 -0.51 -10.53 5.20
C PRO B 9 -1.41 -11.26 4.19
N PHE B 10 -0.92 -11.52 2.99
CA PHE B 10 -1.77 -12.24 1.99
C PHE B 10 -0.98 -13.38 1.35
N LEU B 11 -0.23 -14.11 2.13
CA LEU B 11 0.55 -15.24 1.55
C LEU B 11 0.60 -16.40 2.55
CA CA C . 7.58 -0.99 5.35
N PRO A 1 7.87 12.42 -11.46
CA PRO A 1 7.12 12.65 -10.19
C PRO A 1 6.63 11.32 -9.61
N TRP A 2 6.24 11.32 -8.36
CA TRP A 2 5.75 10.07 -7.74
C TRP A 2 4.35 9.72 -8.27
N ALA A 3 4.19 8.54 -8.81
CA ALA A 3 2.86 8.13 -9.36
C ALA A 3 1.73 8.65 -8.46
N VAL A 4 1.99 8.78 -7.19
CA VAL A 4 0.93 9.25 -6.26
C VAL A 4 1.14 10.73 -5.93
N LYS A 5 0.10 11.52 -5.97
CA LYS A 5 0.24 12.97 -5.68
C LYS A 5 0.01 13.24 -4.19
N PRO A 6 0.10 14.49 -3.82
CA PRO A 6 -0.11 14.88 -2.40
C PRO A 6 -1.58 14.70 -2.01
N GLU A 7 -2.48 14.96 -2.93
CA GLU A 7 -3.93 14.79 -2.63
C GLU A 7 -4.29 13.31 -2.59
N ASP A 8 -3.55 12.50 -3.31
CA ASP A 8 -3.84 11.04 -3.31
C ASP A 8 -3.23 10.41 -2.07
N LYS A 9 -2.07 10.87 -1.69
CA LYS A 9 -1.42 10.31 -0.47
C LYS A 9 -2.10 10.91 0.76
N ALA A 10 -2.74 12.04 0.58
CA ALA A 10 -3.44 12.68 1.74
C ALA A 10 -4.61 11.79 2.15
N LYS A 11 -5.29 11.22 1.20
CA LYS A 11 -6.43 10.32 1.55
C LYS A 11 -5.85 9.00 2.06
N TYR A 12 -4.65 8.69 1.67
CA TYR A 12 -4.00 7.43 2.15
C TYR A 12 -3.52 7.64 3.58
N ASP A 13 -3.13 8.83 3.91
CA ASP A 13 -2.65 9.12 5.30
C ASP A 13 -3.83 9.14 6.27
N ALA A 14 -5.03 9.15 5.77
CA ALA A 14 -6.21 9.14 6.66
C ALA A 14 -6.57 7.69 6.92
N ILE A 15 -6.32 6.87 5.94
CA ILE A 15 -6.59 5.43 6.08
C ILE A 15 -5.41 4.80 6.83
N PHE A 16 -4.24 5.29 6.56
CA PHE A 16 -3.02 4.77 7.25
C PHE A 16 -3.08 5.17 8.73
N ASP A 17 -3.62 6.32 9.00
CA ASP A 17 -3.72 6.80 10.41
C ASP A 17 -5.05 6.35 11.04
N SER A 18 -5.90 5.74 10.25
CA SER A 18 -7.21 5.27 10.81
C SER A 18 -7.02 3.89 11.42
N LEU A 19 -5.85 3.33 11.27
CA LEU A 19 -5.56 1.99 11.82
C LEU A 19 -4.61 2.13 13.00
N SER A 20 -4.00 3.29 13.11
CA SER A 20 -3.02 3.60 14.20
C SER A 20 -1.59 3.25 13.75
N PRO A 21 -0.88 4.28 13.38
CA PRO A 21 0.52 4.12 12.91
C PRO A 21 1.45 3.89 14.09
N VAL A 22 2.56 3.23 13.84
CA VAL A 22 3.53 2.98 14.94
C VAL A 22 4.89 3.58 14.57
N ASN A 23 5.22 4.70 15.13
CA ASN A 23 6.52 5.35 14.79
C ASN A 23 6.59 5.62 13.29
N GLY A 24 5.47 5.61 12.63
CA GLY A 24 5.45 5.87 11.16
C GLY A 24 5.34 4.54 10.41
N PHE A 25 4.58 3.61 10.92
CA PHE A 25 4.43 2.31 10.21
C PHE A 25 3.11 1.63 10.52
N LEU A 26 2.56 0.95 9.57
CA LEU A 26 1.30 0.21 9.83
C LEU A 26 1.61 -1.28 9.71
N SER A 27 1.09 -2.09 10.56
CA SER A 27 1.39 -3.52 10.47
C SER A 27 0.39 -4.21 9.55
N GLY A 28 0.83 -5.22 8.85
CA GLY A 28 -0.11 -5.95 7.93
C GLY A 28 -1.44 -6.14 8.64
N ASP A 29 -1.43 -6.17 9.94
CA ASP A 29 -2.70 -6.35 10.71
C ASP A 29 -3.63 -5.16 10.46
N LYS A 30 -3.08 -4.01 10.14
CA LYS A 30 -3.93 -2.82 9.87
C LYS A 30 -4.14 -2.72 8.36
N VAL A 31 -3.14 -3.07 7.60
CA VAL A 31 -3.26 -3.00 6.12
C VAL A 31 -4.03 -4.23 5.61
N LYS A 32 -3.77 -5.38 6.15
CA LYS A 32 -4.47 -6.61 5.69
C LYS A 32 -5.96 -6.32 5.45
N PRO A 33 -6.62 -5.81 6.47
CA PRO A 33 -8.06 -5.49 6.36
C PRO A 33 -8.26 -4.33 5.39
N VAL A 34 -7.34 -3.40 5.38
CA VAL A 34 -7.45 -2.23 4.47
C VAL A 34 -7.49 -2.72 3.01
N LEU A 35 -6.80 -3.78 2.71
CA LEU A 35 -6.80 -4.29 1.31
C LEU A 35 -7.95 -5.28 1.12
N LEU A 36 -8.36 -5.93 2.19
CA LEU A 36 -9.49 -6.90 2.07
C LEU A 36 -10.78 -6.13 1.86
N ASN A 37 -10.74 -4.84 2.06
CA ASN A 37 -11.99 -4.04 1.88
C ASN A 37 -12.11 -3.61 0.41
N SER A 38 -11.11 -3.89 -0.38
CA SER A 38 -11.16 -3.50 -1.82
C SER A 38 -11.89 -4.56 -2.64
N LYS A 39 -12.50 -5.51 -1.99
CA LYS A 39 -13.22 -6.57 -2.75
C LYS A 39 -12.23 -7.34 -3.64
N LEU A 40 -10.96 -7.15 -3.42
CA LEU A 40 -9.94 -7.86 -4.24
C LEU A 40 -9.48 -9.12 -3.52
N PRO A 41 -8.99 -10.04 -4.31
CA PRO A 41 -8.51 -11.32 -3.74
C PRO A 41 -7.18 -11.11 -3.01
N VAL A 42 -6.74 -12.06 -2.25
CA VAL A 42 -5.47 -11.92 -1.51
C VAL A 42 -4.31 -11.82 -2.51
N ASP A 43 -4.57 -12.06 -3.76
CA ASP A 43 -3.49 -11.99 -4.76
C ASP A 43 -3.19 -10.53 -5.06
N ILE A 44 -4.18 -9.68 -4.96
CA ILE A 44 -3.94 -8.24 -5.22
C ILE A 44 -3.43 -7.60 -3.94
N LEU A 45 -3.96 -8.01 -2.84
CA LEU A 45 -3.53 -7.46 -1.53
C LEU A 45 -2.21 -8.11 -1.12
N GLY A 46 -1.98 -9.30 -1.58
CA GLY A 46 -0.71 -9.99 -1.24
C GLY A 46 0.37 -9.46 -2.17
N ARG A 47 -0.05 -8.97 -3.30
CA ARG A 47 0.89 -8.41 -4.29
C ARG A 47 0.90 -6.88 -4.22
N VAL A 48 -0.18 -6.28 -3.78
CA VAL A 48 -0.18 -4.80 -3.67
C VAL A 48 0.64 -4.41 -2.45
N TRP A 49 0.45 -5.11 -1.37
CA TRP A 49 1.26 -4.81 -0.16
C TRP A 49 2.74 -4.89 -0.53
N GLU A 50 3.13 -5.95 -1.19
CA GLU A 50 4.55 -6.09 -1.58
C GLU A 50 5.01 -4.86 -2.35
N LEU A 51 4.32 -4.52 -3.40
CA LEU A 51 4.73 -3.30 -4.16
C LEU A 51 4.61 -2.08 -3.24
N SER A 52 3.92 -2.24 -2.14
CA SER A 52 3.75 -1.12 -1.17
C SER A 52 4.83 -1.18 -0.09
N ASP A 53 5.15 -2.37 0.37
CA ASP A 53 6.19 -2.51 1.42
C ASP A 53 7.52 -1.97 0.92
N ILE A 54 7.87 -0.77 1.31
CA ILE A 54 9.16 -0.19 0.84
C ILE A 54 10.32 -0.68 1.73
N ASP A 55 10.02 -1.13 2.92
CA ASP A 55 11.10 -1.61 3.83
C ASP A 55 11.10 -3.14 3.91
N HIS A 56 10.04 -3.76 3.48
CA HIS A 56 9.98 -5.25 3.53
C HIS A 56 10.12 -5.73 4.99
N ASP A 57 9.44 -5.09 5.90
CA ASP A 57 9.54 -5.51 7.33
C ASP A 57 8.21 -6.08 7.82
N GLY A 58 7.18 -6.01 7.01
CA GLY A 58 5.86 -6.56 7.43
C GLY A 58 4.95 -5.42 7.89
N MET A 59 5.21 -4.21 7.44
CA MET A 59 4.35 -3.05 7.84
C MET A 59 4.29 -2.04 6.68
N LEU A 60 3.32 -1.16 6.69
CA LEU A 60 3.22 -0.16 5.59
C LEU A 60 3.27 1.27 6.17
N ASP A 61 4.36 1.97 5.97
CA ASP A 61 4.46 3.35 6.51
C ASP A 61 3.51 4.28 5.74
N ARG A 62 3.31 5.47 6.24
CA ARG A 62 2.41 6.43 5.54
C ARG A 62 2.79 6.52 4.06
N ASP A 63 4.06 6.48 3.76
CA ASP A 63 4.50 6.56 2.34
C ASP A 63 4.31 5.20 1.68
N GLU A 64 4.47 4.14 2.42
CA GLU A 64 4.29 2.79 1.83
C GLU A 64 2.79 2.50 1.70
N PHE A 65 2.04 2.87 2.69
CA PHE A 65 0.57 2.65 2.62
C PHE A 65 0.00 3.43 1.43
N ALA A 66 0.67 4.48 1.02
CA ALA A 66 0.17 5.27 -0.13
C ALA A 66 0.32 4.48 -1.41
N VAL A 67 1.46 3.88 -1.61
CA VAL A 67 1.69 3.07 -2.84
C VAL A 67 0.71 1.91 -2.89
N ALA A 68 0.21 1.51 -1.76
CA ALA A 68 -0.76 0.37 -1.71
C ALA A 68 -2.19 0.88 -1.83
N MET A 69 -2.39 2.16 -1.89
CA MET A 69 -3.78 2.69 -2.01
C MET A 69 -4.15 2.80 -3.48
N PHE A 70 -3.29 3.35 -4.28
CA PHE A 70 -3.61 3.46 -5.72
C PHE A 70 -3.40 2.09 -6.36
N LEU A 71 -2.67 1.24 -5.69
CA LEU A 71 -2.46 -0.14 -6.22
C LEU A 71 -3.73 -0.95 -5.95
N VAL A 72 -4.46 -0.56 -4.94
CA VAL A 72 -5.72 -1.27 -4.60
C VAL A 72 -6.90 -0.60 -5.31
N TYR A 73 -7.00 0.71 -5.19
CA TYR A 73 -8.12 1.44 -5.84
C TYR A 73 -8.14 1.24 -7.35
N CYS A 74 -6.99 1.10 -7.96
CA CYS A 74 -6.96 0.89 -9.43
C CYS A 74 -7.32 -0.54 -9.76
N ALA A 75 -7.31 -1.40 -8.78
CA ALA A 75 -7.68 -2.82 -9.04
C ALA A 75 -9.19 -2.99 -8.87
N LEU A 76 -9.85 -2.00 -8.35
CA LEU A 76 -11.33 -2.09 -8.16
C LEU A 76 -12.05 -1.57 -9.39
N GLU A 77 -11.59 -0.49 -9.94
CA GLU A 77 -12.25 0.07 -11.13
C GLU A 77 -12.03 -0.86 -12.33
N LYS A 78 -10.80 -1.18 -12.60
CA LYS A 78 -10.52 -2.09 -13.76
C LYS A 78 -9.01 -2.27 -13.96
N GLU A 79 -8.22 -1.34 -13.51
CA GLU A 79 -6.75 -1.46 -13.71
C GLU A 79 -6.19 -2.73 -13.08
N PRO A 80 -5.41 -3.44 -13.85
CA PRO A 80 -4.79 -4.69 -13.36
C PRO A 80 -3.60 -4.36 -12.44
N VAL A 81 -3.35 -5.19 -11.48
CA VAL A 81 -2.22 -4.92 -10.54
C VAL A 81 -1.00 -5.76 -10.97
N PRO A 82 0.02 -5.10 -11.44
CA PRO A 82 1.24 -5.80 -11.90
C PRO A 82 2.16 -6.06 -10.70
N MET A 83 2.71 -7.23 -10.59
CA MET A 83 3.60 -7.53 -9.43
C MET A 83 4.83 -6.63 -9.44
N SER A 84 4.97 -5.79 -10.41
CA SER A 84 6.18 -4.96 -10.46
C SER A 84 6.01 -3.64 -9.74
N LEU A 85 6.89 -3.37 -8.82
CA LEU A 85 6.84 -2.09 -8.08
C LEU A 85 7.93 -1.16 -8.64
N PRO A 86 7.58 -0.48 -9.70
CA PRO A 86 8.53 0.44 -10.37
C PRO A 86 8.84 1.64 -9.47
N PRO A 87 9.88 2.34 -9.83
CA PRO A 87 10.32 3.53 -9.06
C PRO A 87 9.33 4.69 -9.24
N ALA A 88 8.38 4.54 -10.10
CA ALA A 88 7.39 5.62 -10.31
C ALA A 88 6.39 5.64 -9.15
N LEU A 89 6.54 4.72 -8.23
CA LEU A 89 5.62 4.66 -7.07
C LEU A 89 6.43 4.65 -5.77
N VAL A 90 7.73 4.67 -5.88
CA VAL A 90 8.57 4.64 -4.66
C VAL A 90 9.19 6.02 -4.41
N PRO A 91 9.30 6.38 -3.16
CA PRO A 91 9.89 7.67 -2.78
C PRO A 91 11.38 7.69 -3.14
N PRO A 92 12.00 8.82 -2.95
CA PRO A 92 13.44 8.95 -3.26
C PRO A 92 14.28 8.12 -2.29
N SER A 93 15.56 8.01 -2.56
CA SER A 93 16.47 7.20 -1.69
C SER A 93 16.28 5.71 -1.95
N LYS A 94 15.06 5.27 -2.02
CA LYS A 94 14.82 3.82 -2.29
C LYS A 94 14.77 3.62 -3.81
N ARG A 95 15.11 4.62 -4.56
CA ARG A 95 15.09 4.48 -6.04
C ARG A 95 15.67 3.11 -6.45
N SER B 6 4.88 -14.07 7.24
CA SER B 6 5.88 -13.61 6.23
C SER B 6 5.71 -12.11 5.96
N THR B 7 6.58 -11.54 5.17
CA THR B 7 6.48 -10.08 4.87
C THR B 7 5.06 -9.73 4.41
N ASN B 8 4.41 -10.64 3.73
CA ASN B 8 3.03 -10.35 3.25
C ASN B 8 2.00 -11.10 4.11
N PRO B 9 1.04 -10.36 4.59
CA PRO B 9 -0.03 -10.96 5.43
C PRO B 9 -1.01 -11.76 4.58
N PHE B 10 -1.07 -11.49 3.30
CA PHE B 10 -2.02 -12.25 2.43
C PHE B 10 -1.38 -13.56 1.98
N LEU B 11 -0.10 -13.72 2.23
CA LEU B 11 0.58 -14.98 1.82
C LEU B 11 1.32 -15.59 3.02
CA CA C . 7.66 -1.24 5.42
#